data_2D2L
# 
_entry.id   2D2L 
# 
_audit_conform.dict_name       mmcif_pdbx.dic 
_audit_conform.dict_version    5.380 
_audit_conform.dict_location   http://mmcif.pdb.org/dictionaries/ascii/mmcif_pdbx.dic 
# 
loop_
_database_2.database_id 
_database_2.database_code 
_database_2.pdbx_database_accession 
_database_2.pdbx_DOI 
PDB   2D2L         pdb_00002d2l 10.2210/pdb2d2l/pdb 
NDB   UR0069       ?            ?                   
RCSB  RCSB024909   ?            ?                   
WWPDB D_1000024909 ?            ?                   
# 
loop_
_pdbx_database_related.db_name 
_pdbx_database_related.db_id 
_pdbx_database_related.details 
_pdbx_database_related.content_type 
PDB 1X9C 'Minimal hairpin ribozyme with mutation U39C'    unspecified 
PDB 1X9K 'High-salt minimal hairpin ribozyme'             unspecified 
PDB 2D2K 'minimal, native (U39) all-RNA hairpin ribozyme' unspecified 
# 
_pdbx_database_status.status_code                     REL 
_pdbx_database_status.entry_id                        2D2L 
_pdbx_database_status.recvd_initial_deposition_date   2005-09-11 
_pdbx_database_status.deposit_site                    PDBJ 
_pdbx_database_status.process_site                    PDBJ 
_pdbx_database_status.status_code_sf                  REL 
_pdbx_database_status.status_code_mr                  ? 
_pdbx_database_status.SG_entry                        ? 
_pdbx_database_status.pdb_format_compatible           Y 
_pdbx_database_status.status_code_cs                  ? 
_pdbx_database_status.status_code_nmr_data            ? 
_pdbx_database_status.methods_development_category    ? 
# 
loop_
_audit_author.name 
_audit_author.pdbx_ordinal 
'Alam, S.'        1 
'Grum-Tokars, V.' 2 
'Krucinska, J.'   3 
'Kundracik, M.L.' 4 
'Wedekind, J.E.'  5 
# 
loop_
_citation.id 
_citation.title 
_citation.journal_abbrev 
_citation.journal_volume 
_citation.page_first 
_citation.page_last 
_citation.year 
_citation.journal_id_ASTM 
_citation.country 
_citation.journal_id_ISSN 
_citation.journal_id_CSD 
_citation.book_publisher 
_citation.pdbx_database_id_PubMed 
_citation.pdbx_database_id_DOI 
primary 
;Conformational heterogeneity at position U37 of an all-RNA hairpin ribozyme with implications for metal binding and the catalytic structure of the S-turn
;
Biochemistry               44 14396 14408 2005 BICHAW US 0006-2960 0033 ? 16262240 10.1021/bi051550i 
1       'Crystallization and X-ray diffraction analysis of an all-RNA U39C mutant of the minimal hairpin ribozyme' 
'ACTA CRYSTALLOGR.,SECT.D' 59 142   145   2003 ABCRE6 DK 0907-4449 0766 ? 12499551 ?                 
# 
loop_
_citation_author.citation_id 
_citation_author.name 
_citation_author.ordinal 
_citation_author.identifier_ORCID 
primary 'Alam, S.'        1 ? 
primary 'Grum-Tokars, V.' 2 ? 
primary 'Krucinska, J.'   3 ? 
primary 'Kundracik, M.L.' 4 ? 
primary 'Wedekind, J.E.'  5 ? 
1       'Grum-Tokars, V.' 6 ? 
1       'Milovanovic, M.' 7 ? 
1       'Wedekind, J.E.'  8 ? 
# 
_cell.entry_id           2D2L 
_cell.length_a           93.200 
_cell.length_b           93.200 
_cell.length_c           122.190 
_cell.angle_alpha        90.00 
_cell.angle_beta         90.00 
_cell.angle_gamma        120.00 
_cell.Z_PDB              12 
_cell.pdbx_unique_axis   ? 
# 
_symmetry.entry_id                         2D2L 
_symmetry.space_group_name_H-M             'P 61 2 2' 
_symmetry.pdbx_full_space_group_name_H-M   ? 
_symmetry.cell_setting                     ? 
_symmetry.Int_Tables_number                178 
_symmetry.space_group_name_Hall            ? 
# 
loop_
_entity.id 
_entity.type 
_entity.src_method 
_entity.pdbx_description 
_entity.formula_weight 
_entity.pdbx_number_of_molecules 
_entity.pdbx_ec 
_entity.pdbx_mutation 
_entity.pdbx_fragment 
_entity.details 
1 polymer     syn "5'-R(*UP*CP*CP*CP*(A2M)P*GP*UP*CP*CP*AP*CP*CP*G)-3'"                   4066.497 1 ? ? ? ? 
2 polymer     syn "5'-R(*CP*GP*GP*UP*GP*AP*GP*AP*AP*GP*GP*G)-3'"                          3970.448 1 ? ? ? ? 
3 polymer     syn "5'-R(*GP*GP*CP*AP*GP*AP*GP*AP*AP*AP*CP*AP*CP*AP*CP*GP*A)-3'"           5535.445 1 ? ? ? ? 
4 polymer     syn "5'-R(*UP*CP*GP*UP*GP*GP*UP*AP*(P1P)P*AP*UP*UP*AP*CP*CP*UP*GP*CP*C)-3'" 5824.445 1 ? ? ? ? 
5 non-polymer syn 'SULFATE ION'                                                           96.063   1 ? ? ? ? 
6 non-polymer syn 'COBALT HEXAMMINE(III)'                                                 161.116  3 ? ? ? ? 
7 water       nat water                                                                   18.015   8 ? ? ? ? 
# 
loop_
_entity_name_com.entity_id 
_entity_name_com.name 
1 ribozyme 
2 ribozyme 
3 ribozyme 
4 ribozyme 
# 
loop_
_entity_poly.entity_id 
_entity_poly.type 
_entity_poly.nstd_linkage 
_entity_poly.nstd_monomer 
_entity_poly.pdbx_seq_one_letter_code 
_entity_poly.pdbx_seq_one_letter_code_can 
_entity_poly.pdbx_strand_id 
_entity_poly.pdbx_target_identifier 
1 polyribonucleotide no yes 'UCCC(A2M)GUCCACCG'       UCCCAGUCCACCG       A ? 
2 polyribonucleotide no no  CGGUGAGAAGGG              CGGUGAGAAGGG        B ? 
3 polyribonucleotide no no  GGCAGAGAAACACACGA         GGCAGAGAAACACACGA   C ? 
4 polyribonucleotide no yes 'UCGUGGUA(PDI)AUUACCUGCC' UCGUGGUAXAUUACCUGCC D ? 
# 
loop_
_entity_poly_seq.entity_id 
_entity_poly_seq.num 
_entity_poly_seq.mon_id 
_entity_poly_seq.hetero 
1 1  U   n 
1 2  C   n 
1 3  C   n 
1 4  C   n 
1 5  A2M n 
1 6  G   n 
1 7  U   n 
1 8  C   n 
1 9  C   n 
1 10 A   n 
1 11 C   n 
1 12 C   n 
1 13 G   n 
2 1  C   n 
2 2  G   n 
2 3  G   n 
2 4  U   n 
2 5  G   n 
2 6  A   n 
2 7  G   n 
2 8  A   n 
2 9  A   n 
2 10 G   n 
2 11 G   n 
2 12 G   n 
3 1  G   n 
3 2  G   n 
3 3  C   n 
3 4  A   n 
3 5  G   n 
3 6  A   n 
3 7  G   n 
3 8  A   n 
3 9  A   n 
3 10 A   n 
3 11 C   n 
3 12 A   n 
3 13 C   n 
3 14 A   n 
3 15 C   n 
3 16 G   n 
3 17 A   n 
4 1  U   n 
4 2  C   n 
4 3  G   n 
4 4  U   n 
4 5  G   n 
4 6  G   n 
4 7  U   n 
4 8  A   n 
4 9  PDI n 
4 10 A   n 
4 11 U   n 
4 12 U   n 
4 13 A   n 
4 14 C   n 
4 15 C   n 
4 16 U   n 
4 17 G   n 
4 18 C   n 
4 19 C   n 
# 
loop_
_struct_ref.id 
_struct_ref.entity_id 
_struct_ref.db_name 
_struct_ref.db_code 
_struct_ref.pdbx_db_accession 
_struct_ref.pdbx_db_isoform 
_struct_ref.pdbx_seq_one_letter_code 
_struct_ref.pdbx_align_begin 
1 1 PDB 2D2L 2D2L ? ? ? 
2 2 PDB 2D2L 2D2L ? ? ? 
3 3 PDB 2D2L 2D2L ? ? ? 
4 4 PDB 2D2L 2D2L ? ? ? 
# 
loop_
_struct_ref_seq.align_id 
_struct_ref_seq.ref_id 
_struct_ref_seq.pdbx_PDB_id_code 
_struct_ref_seq.pdbx_strand_id 
_struct_ref_seq.seq_align_beg 
_struct_ref_seq.pdbx_seq_align_beg_ins_code 
_struct_ref_seq.seq_align_end 
_struct_ref_seq.pdbx_seq_align_end_ins_code 
_struct_ref_seq.pdbx_db_accession 
_struct_ref_seq.db_align_beg 
_struct_ref_seq.pdbx_db_align_beg_ins_code 
_struct_ref_seq.db_align_end 
_struct_ref_seq.pdbx_db_align_end_ins_code 
_struct_ref_seq.pdbx_auth_seq_align_beg 
_struct_ref_seq.pdbx_auth_seq_align_end 
1 1 2D2L A 1 ? 13 ? 2D2L 1  ? 13 ? 1  13 
2 2 2D2L B 1 ? 12 ? 2D2L 2  ? 13 ? 2  13 
3 3 2D2L C 1 ? 17 ? 2D2L 15 ? 31 ? 15 31 
4 4 2D2L D 1 ? 19 ? 2D2L 31 ? 49 ? 31 49 
# 
loop_
_chem_comp.id 
_chem_comp.type 
_chem_comp.mon_nstd_flag 
_chem_comp.name 
_chem_comp.pdbx_synonyms 
_chem_comp.formula 
_chem_comp.formula_weight 
A   'RNA linking' y "ADENOSINE-5'-MONOPHOSPHATE"                     ? 'C10 H14 N5 O7 P' 347.221 
A2M 'RNA linking' n 
;2'-O-methyladenosine 5'-(dihydrogen phosphate)
;
? 'C11 H16 N5 O7 P' 361.248 
C   'RNA linking' y "CYTIDINE-5'-MONOPHOSPHATE"                      ? 'C9 H14 N3 O8 P'  323.197 
G   'RNA linking' y "GUANOSINE-5'-MONOPHOSPHATE"                     ? 'C10 H14 N5 O8 P' 363.221 
HOH non-polymer   . WATER                                            ? 'H2 O'            18.015  
NCO non-polymer   . 'COBALT HEXAMMINE(III)'                          ? 'Co H18 N6 3'     161.116 
PDI non-polymer   . 'PHOSPHORIC ACID MONO-(3-HYDROXY-PROPYL) ESTER'  ? 'C3 H9 O5 P'      156.074 
SO4 non-polymer   . 'SULFATE ION'                                    ? 'O4 S -2'         96.063  
U   'RNA linking' y "URIDINE-5'-MONOPHOSPHATE"                       ? 'C9 H13 N2 O9 P'  324.181 
# 
_exptl.entry_id          2D2L 
_exptl.method            'X-RAY DIFFRACTION' 
_exptl.crystals_number   1 
# 
_exptl_crystal.id                    1 
_exptl_crystal.density_meas          ? 
_exptl_crystal.density_Matthews      4.1 
_exptl_crystal.density_percent_sol   70 
_exptl_crystal.description           ? 
_exptl_crystal.F_000                 ? 
_exptl_crystal.preparation           ? 
# 
_exptl_crystal_grow.crystal_id      1 
_exptl_crystal_grow.method          'VAPOR DIFFUSION, HANGING DROP' 
_exptl_crystal_grow.temp            293 
_exptl_crystal_grow.temp_details    ? 
_exptl_crystal_grow.pH              6.0 
_exptl_crystal_grow.pdbx_details    
'PEG 2000 MME, LITHIUM SULFATE, SPERMIDINE, COBALT HEXAAMINE, pH 6.0, VAPOR DIFFUSION, HANGING DROP, temperature 293K' 
_exptl_crystal_grow.pdbx_pH_range   . 
# 
loop_
_exptl_crystal_grow_comp.crystal_id 
_exptl_crystal_grow_comp.id 
_exptl_crystal_grow_comp.sol_id 
_exptl_crystal_grow_comp.name 
_exptl_crystal_grow_comp.volume 
_exptl_crystal_grow_comp.conc 
_exptl_crystal_grow_comp.details 
1 1  1 PEG                ? ? ? 
1 2  1 'LITHIUM SULFATE'  ? ? ? 
1 3  1 SPERMIDINE         ? ? ? 
1 4  1 'COBALT HEXAAMINE' ? ? ? 
1 5  1 water              ? ? ? 
1 6  2 PEG                ? ? ? 
1 7  2 'LITHIUM SULFATE'  ? ? ? 
1 8  2 SPERMIDINE         ? ? ? 
1 9  2 'COBALT HEXAAMINE' ? ? ? 
1 10 2 water              ? ? ? 
# 
_diffrn.id                     1 
_diffrn.ambient_temp           100 
_diffrn.ambient_temp_details   ? 
_diffrn.crystal_id             1 
# 
_diffrn_detector.diffrn_id              1 
_diffrn_detector.detector               'IMAGE PLATE' 
_diffrn_detector.type                   'RIGAKU RAXIS IV' 
_diffrn_detector.pdbx_collection_date   2005-05-10 
_diffrn_detector.details                'Confocal Osmic' 
# 
_diffrn_radiation.diffrn_id                        1 
_diffrn_radiation.wavelength_id                    1 
_diffrn_radiation.pdbx_monochromatic_or_laue_m_l   M 
_diffrn_radiation.monochromator                    'Confocal Osmic' 
_diffrn_radiation.pdbx_diffrn_protocol             'SINGLE WAVELENGTH' 
_diffrn_radiation.pdbx_scattering_type             x-ray 
# 
_diffrn_radiation_wavelength.id           1 
_diffrn_radiation_wavelength.wavelength   1.5418 
_diffrn_radiation_wavelength.wt           1.0 
# 
_diffrn_source.diffrn_id                   1 
_diffrn_source.source                      'ROTATING ANODE' 
_diffrn_source.type                        'RIGAKU RUH2R' 
_diffrn_source.pdbx_synchrotron_site       ? 
_diffrn_source.pdbx_synchrotron_beamline   ? 
_diffrn_source.pdbx_wavelength             ? 
_diffrn_source.pdbx_wavelength_list        1.5418 
# 
_reflns.entry_id                     2D2L 
_reflns.observed_criterion_sigma_I   -3 
_reflns.observed_criterion_sigma_F   0 
_reflns.d_resolution_low             30.7 
_reflns.d_resolution_high            2.50 
_reflns.number_obs                   11302 
_reflns.number_all                   11412 
_reflns.percent_possible_obs         99.0 
_reflns.pdbx_Rmerge_I_obs            0.051 
_reflns.pdbx_Rsym_value              ? 
_reflns.pdbx_netI_over_sigmaI        29.6 
_reflns.B_iso_Wilson_estimate        55.1 
_reflns.pdbx_redundancy              12.9 
_reflns.R_free_details               ? 
_reflns.pdbx_chi_squared             ? 
_reflns.pdbx_scaling_rejects         ? 
_reflns.pdbx_ordinal                 1 
_reflns.pdbx_diffrn_id               1 
# 
_reflns_shell.d_res_high             2.50 
_reflns_shell.d_res_low              2.59 
_reflns_shell.percent_possible_all   99.3 
_reflns_shell.Rmerge_I_obs           0.42 
_reflns_shell.pdbx_Rsym_value        0.42 
_reflns_shell.meanI_over_sigI_obs    7.0 
_reflns_shell.pdbx_redundancy        13.1 
_reflns_shell.percent_possible_obs   ? 
_reflns_shell.number_unique_all      ? 
_reflns_shell.number_measured_all    ? 
_reflns_shell.number_measured_obs    ? 
_reflns_shell.number_unique_obs      ? 
_reflns_shell.pdbx_chi_squared       ? 
_reflns_shell.pdbx_ordinal           1 
_reflns_shell.pdbx_diffrn_id         1 
# 
_refine.entry_id                                 2D2L 
_refine.ls_number_reflns_obs                     11302 
_refine.ls_number_reflns_all                     11412 
_refine.pdbx_ls_sigma_I                          -3 
_refine.pdbx_ls_sigma_F                          0.0 
_refine.pdbx_data_cutoff_high_absF               1344888.17 
_refine.pdbx_data_cutoff_low_absF                0.000000 
_refine.pdbx_data_cutoff_high_rms_absF           ? 
_refine.ls_d_res_low                             30.67 
_refine.ls_d_res_high                            2.50 
_refine.ls_percent_reflns_obs                    ? 
_refine.ls_R_factor_obs                          0.226 
_refine.ls_R_factor_all                          ? 
_refine.ls_R_factor_R_work                       0.226 
_refine.ls_R_factor_R_free                       0.249 
_refine.ls_R_factor_R_free_error                 0.008 
_refine.ls_R_factor_R_free_error_details         ? 
_refine.ls_percent_reflns_R_free                 8.0 
_refine.ls_number_reflns_R_free                  906 
_refine.ls_number_parameters                     ? 
_refine.ls_number_restraints                     ? 
_refine.occupancy_min                            ? 
_refine.occupancy_max                            ? 
_refine.correlation_coeff_Fo_to_Fc               ? 
_refine.correlation_coeff_Fo_to_Fc_free          ? 
_refine.B_iso_mean                               60.2 
_refine.aniso_B[1][1]                            -7.05 
_refine.aniso_B[2][2]                            -9.68 
_refine.aniso_B[3][3]                            16.73 
_refine.aniso_B[1][2]                            -2.78 
_refine.aniso_B[1][3]                            0.00 
_refine.aniso_B[2][3]                            0.00 
_refine.solvent_model_details                    'FLAT MODEL' 
_refine.solvent_model_param_ksol                 0.408215 
_refine.solvent_model_param_bsol                 88.2321 
_refine.pdbx_solvent_vdw_probe_radii             ? 
_refine.pdbx_solvent_ion_probe_radii             ? 
_refine.pdbx_solvent_shrinkage_radii             ? 
_refine.pdbx_ls_cross_valid_method               THROUGHOUT 
_refine.details                                  ? 
_refine.pdbx_starting_model                      1X9C 
_refine.pdbx_method_to_determine_struct          'FOURIER SYNTHESIS' 
_refine.pdbx_isotropic_thermal_model             RESTRAINED 
_refine.pdbx_stereochemistry_target_values       'CNS v1.1' 
_refine.pdbx_stereochem_target_val_spec_case     ? 
_refine.pdbx_R_Free_selection_details            RANDOM 
_refine.pdbx_overall_ESU_R                       ? 
_refine.pdbx_overall_ESU_R_Free                  ? 
_refine.overall_SU_ML                            ? 
_refine.overall_SU_B                             ? 
_refine.ls_redundancy_reflns_obs                 ? 
_refine.overall_SU_R_Cruickshank_DPI             ? 
_refine.overall_SU_R_free                        ? 
_refine.ls_wR_factor_R_free                      ? 
_refine.ls_wR_factor_R_work                      ? 
_refine.overall_FOM_free_R_set                   ? 
_refine.overall_FOM_work_R_set                   ? 
_refine.pdbx_refine_id                           'X-RAY DIFFRACTION' 
_refine.pdbx_diffrn_id                           1 
_refine.pdbx_TLS_residual_ADP_flag               ? 
_refine.pdbx_overall_phase_error                 ? 
_refine.pdbx_overall_SU_R_free_Cruickshank_DPI   ? 
_refine.pdbx_overall_SU_R_Blow_DPI               ? 
_refine.pdbx_overall_SU_R_free_Blow_DPI          ? 
# 
_refine_analyze.entry_id                        2D2L 
_refine_analyze.Luzzati_coordinate_error_obs    0.37 
_refine_analyze.Luzzati_sigma_a_obs             0.64 
_refine_analyze.Luzzati_d_res_low_obs           60.00 
_refine_analyze.Luzzati_coordinate_error_free   0.41 
_refine_analyze.Luzzati_sigma_a_free            0.71 
_refine_analyze.Luzzati_d_res_low_free          ? 
_refine_analyze.number_disordered_residues      ? 
_refine_analyze.occupancy_sum_hydrogen          ? 
_refine_analyze.occupancy_sum_non_hydrogen      ? 
_refine_analyze.pdbx_refine_id                  'X-RAY DIFFRACTION' 
# 
_refine_hist.pdbx_refine_id                   'X-RAY DIFFRACTION' 
_refine_hist.cycle_id                         LAST 
_refine_hist.pdbx_number_atoms_protein        0 
_refine_hist.pdbx_number_atoms_nucleic_acid   1283 
_refine_hist.pdbx_number_atoms_ligand         26 
_refine_hist.number_atoms_solvent             8 
_refine_hist.number_atoms_total               1317 
_refine_hist.d_res_high                       2.50 
_refine_hist.d_res_low                        30.67 
# 
loop_
_refine_ls_restr.type 
_refine_ls_restr.dev_ideal 
_refine_ls_restr.dev_ideal_target 
_refine_ls_restr.weight 
_refine_ls_restr.number 
_refine_ls_restr.pdbx_refine_id 
_refine_ls_restr.pdbx_restraint_function 
c_bond_d           0.007 ? ? ? 'X-RAY DIFFRACTION' ? 
c_angle_deg        1.4   ? ? ? 'X-RAY DIFFRACTION' ? 
c_dihedral_angle_d 17.6  ? ? ? 'X-RAY DIFFRACTION' ? 
c_improper_angle_d 1.87  ? ? ? 'X-RAY DIFFRACTION' ? 
# 
_refine_ls_shell.pdbx_total_number_of_bins_used   4 
_refine_ls_shell.d_res_high                       2.50 
_refine_ls_shell.d_res_low                        2.75 
_refine_ls_shell.number_reflns_R_work             2513 
_refine_ls_shell.R_factor_R_work                  0.384 
_refine_ls_shell.percent_reflns_obs               99.2 
_refine_ls_shell.R_factor_R_free                  0.396 
_refine_ls_shell.R_factor_R_free_error            0.026 
_refine_ls_shell.percent_reflns_R_free            8.6 
_refine_ls_shell.number_reflns_R_free             235 
_refine_ls_shell.redundancy_reflns_obs            ? 
_refine_ls_shell.pdbx_refine_id                   'X-RAY DIFFRACTION' 
_refine_ls_shell.number_reflns_all                ? 
_refine_ls_shell.R_factor_all                     ? 
# 
loop_
_pdbx_xplor_file.serial_no 
_pdbx_xplor_file.param_file 
_pdbx_xplor_file.topol_file 
_pdbx_xplor_file.pdbx_refine_id 
1 cobalt.param      dna-rna.top 'X-RAY DIFFRACTION' 
2 dna-rna_rep.param cobalt.top  'X-RAY DIFFRACTION' 
3 water_rep.param   ion.top     'X-RAY DIFFRACTION' 
4 ion.param         water.top   'X-RAY DIFFRACTION' 
# 
_struct.entry_id                  2D2L 
_struct.title                     
'Crystal Structure of a minimal, all-RNA hairpin ribozyme with a propyl linker (C3) at position U39' 
_struct.pdbx_model_details        ? 
_struct.pdbx_CASP_flag            ? 
_struct.pdbx_model_type_details   ? 
# 
_struct_keywords.entry_id        2D2L 
_struct_keywords.pdbx_keywords   RNA 
_struct_keywords.text            'ribozyme, propyl linker, RNA' 
# 
loop_
_struct_asym.id 
_struct_asym.pdbx_blank_PDB_chainid_flag 
_struct_asym.pdbx_modified 
_struct_asym.entity_id 
_struct_asym.details 
A N N 1 ? 
B N N 2 ? 
C N N 3 ? 
D N N 4 ? 
E N N 5 ? 
F N N 6 ? 
G N N 6 ? 
H N N 6 ? 
I N N 7 ? 
J N N 7 ? 
K N N 7 ? 
# 
_struct_biol.id   1 
# 
loop_
_struct_conn.id 
_struct_conn.conn_type_id 
_struct_conn.pdbx_leaving_atom_flag 
_struct_conn.pdbx_PDB_id 
_struct_conn.ptnr1_label_asym_id 
_struct_conn.ptnr1_label_comp_id 
_struct_conn.ptnr1_label_seq_id 
_struct_conn.ptnr1_label_atom_id 
_struct_conn.pdbx_ptnr1_label_alt_id 
_struct_conn.pdbx_ptnr1_PDB_ins_code 
_struct_conn.pdbx_ptnr1_standard_comp_id 
_struct_conn.ptnr1_symmetry 
_struct_conn.ptnr2_label_asym_id 
_struct_conn.ptnr2_label_comp_id 
_struct_conn.ptnr2_label_seq_id 
_struct_conn.ptnr2_label_atom_id 
_struct_conn.pdbx_ptnr2_label_alt_id 
_struct_conn.pdbx_ptnr2_PDB_ins_code 
_struct_conn.ptnr1_auth_asym_id 
_struct_conn.ptnr1_auth_comp_id 
_struct_conn.ptnr1_auth_seq_id 
_struct_conn.ptnr2_auth_asym_id 
_struct_conn.ptnr2_auth_comp_id 
_struct_conn.ptnr2_auth_seq_id 
_struct_conn.ptnr2_symmetry 
_struct_conn.pdbx_ptnr3_label_atom_id 
_struct_conn.pdbx_ptnr3_label_seq_id 
_struct_conn.pdbx_ptnr3_label_comp_id 
_struct_conn.pdbx_ptnr3_label_asym_id 
_struct_conn.pdbx_ptnr3_label_alt_id 
_struct_conn.pdbx_ptnr3_PDB_ins_code 
_struct_conn.details 
_struct_conn.pdbx_dist_value 
_struct_conn.pdbx_value_order 
_struct_conn.pdbx_role 
covale1  covale both ? A C   4  "O3'" ? ? ? 1_555 A A2M 5  P  ? ? A C   4  A A2M 5  1_555 ? ? ? ? ? ? ?                    1.608 ? 
? 
covale2  covale one  ? A A2M 5  "O3'" ? ? ? 1_555 A G   6  P  ? ? A A2M 5  A G   6  1_555 ? ? ? ? ? ? ?                    1.612 ? 
? 
covale3  covale one  ? D A   8  "O3'" ? ? ? 1_555 D PDI 9  P  ? ? D A   38 D PDI 39 1_555 ? ? ? ? ? ? ?                    1.594 ? 
? 
covale4  covale one  ? D PDI 9  OG    ? ? ? 1_555 D A   10 P  ? ? D PDI 39 D A   40 1_555 ? ? ? ? ? ? ?                    1.601 ? 
? 
hydrog1  hydrog ?    ? A C   2  N3    ? ? ? 1_555 B G   12 N1 ? ? A C   2  B G   13 1_555 ? ? ? ? ? ? WATSON-CRICK         ?     ? 
? 
hydrog2  hydrog ?    ? A C   2  N4    ? ? ? 1_555 B G   12 O6 ? ? A C   2  B G   13 1_555 ? ? ? ? ? ? WATSON-CRICK         ?     ? 
? 
hydrog3  hydrog ?    ? A C   2  O2    ? ? ? 1_555 B G   12 N2 ? ? A C   2  B G   13 1_555 ? ? ? ? ? ? WATSON-CRICK         ?     ? 
? 
hydrog4  hydrog ?    ? A C   3  N3    ? ? ? 1_555 B G   11 N1 ? ? A C   3  B G   12 1_555 ? ? ? ? ? ? WATSON-CRICK         ?     ? 
? 
hydrog5  hydrog ?    ? A C   3  N4    ? ? ? 1_555 B G   11 O6 ? ? A C   3  B G   12 1_555 ? ? ? ? ? ? WATSON-CRICK         ?     ? 
? 
hydrog6  hydrog ?    ? A C   3  O2    ? ? ? 1_555 B G   11 N2 ? ? A C   3  B G   12 1_555 ? ? ? ? ? ? WATSON-CRICK         ?     ? 
? 
hydrog7  hydrog ?    ? A C   4  N3    ? ? ? 1_555 B G   10 N1 ? ? A C   4  B G   11 1_555 ? ? ? ? ? ? WATSON-CRICK         ?     ? 
? 
hydrog8  hydrog ?    ? A C   4  N4    ? ? ? 1_555 B G   10 O6 ? ? A C   4  B G   11 1_555 ? ? ? ? ? ? WATSON-CRICK         ?     ? 
? 
hydrog9  hydrog ?    ? A C   4  O2    ? ? ? 1_555 B G   10 N2 ? ? A C   4  B G   11 1_555 ? ? ? ? ? ? WATSON-CRICK         ?     ? 
? 
hydrog10 hydrog ?    ? A A2M 5  N3    ? ? ? 1_555 B A   8  N6 ? ? A A2M 5  B A   9  1_555 ? ? ? ? ? ? 'A2M-A MISPAIR'      ?     ? 
? 
hydrog11 hydrog ?    ? A G   6  N1    ? ? ? 1_555 C C   11 N3 ? ? A G   6  C C   25 1_555 ? ? ? ? ? ? WATSON-CRICK         ?     ? 
? 
hydrog12 hydrog ?    ? A G   6  N2    ? ? ? 1_555 C C   11 O2 ? ? A G   6  C C   25 1_555 ? ? ? ? ? ? WATSON-CRICK         ?     ? 
? 
hydrog13 hydrog ?    ? A G   6  O6    ? ? ? 1_555 C C   11 N4 ? ? A G   6  C C   25 1_555 ? ? ? ? ? ? WATSON-CRICK         ?     ? 
? 
hydrog14 hydrog ?    ? A U   7  O4    ? ? ? 1_555 B G   7  N2 ? ? A U   7  B G   8  1_555 ? ? ? ? ? ? 'U-G MISPAIR'        ?     ? 
? 
hydrog15 hydrog ?    ? A C   8  N4    ? ? ? 1_555 B A   6  N1 ? ? A C   8  B A   7  1_555 ? ? ? ? ? ? 'C-A MISPAIR'        ?     ? 
? 
hydrog16 hydrog ?    ? A C   9  N3    ? ? ? 1_555 B G   5  N1 ? ? A C   9  B G   6  1_555 ? ? ? ? ? ? WATSON-CRICK         ?     ? 
? 
hydrog17 hydrog ?    ? A C   9  N4    ? ? ? 1_555 B G   5  O6 ? ? A C   9  B G   6  1_555 ? ? ? ? ? ? WATSON-CRICK         ?     ? 
? 
hydrog18 hydrog ?    ? A C   9  O2    ? ? ? 1_555 B G   5  N2 ? ? A C   9  B G   6  1_555 ? ? ? ? ? ? WATSON-CRICK         ?     ? 
? 
hydrog19 hydrog ?    ? A A   10 N1    ? ? ? 1_555 B U   4  N3 ? ? A A   10 B U   5  1_555 ? ? ? ? ? ? WATSON-CRICK         ?     ? 
? 
hydrog20 hydrog ?    ? A A   10 N6    ? ? ? 1_555 B U   4  O4 ? ? A A   10 B U   5  1_555 ? ? ? ? ? ? WATSON-CRICK         ?     ? 
? 
hydrog21 hydrog ?    ? A C   11 N3    ? ? ? 1_555 B G   3  N1 ? ? A C   11 B G   4  1_555 ? ? ? ? ? ? WATSON-CRICK         ?     ? 
? 
hydrog22 hydrog ?    ? A C   11 N4    ? ? ? 1_555 B G   3  O6 ? ? A C   11 B G   4  1_555 ? ? ? ? ? ? WATSON-CRICK         ?     ? 
? 
hydrog23 hydrog ?    ? A C   11 O2    ? ? ? 1_555 B G   3  N2 ? ? A C   11 B G   4  1_555 ? ? ? ? ? ? WATSON-CRICK         ?     ? 
? 
hydrog24 hydrog ?    ? A C   12 N3    ? ? ? 1_555 B G   2  N1 ? ? A C   12 B G   3  1_555 ? ? ? ? ? ? WATSON-CRICK         ?     ? 
? 
hydrog25 hydrog ?    ? A C   12 N4    ? ? ? 1_555 B G   2  O6 ? ? A C   12 B G   3  1_555 ? ? ? ? ? ? WATSON-CRICK         ?     ? 
? 
hydrog26 hydrog ?    ? A C   12 O2    ? ? ? 1_555 B G   2  N2 ? ? A C   12 B G   3  1_555 ? ? ? ? ? ? WATSON-CRICK         ?     ? 
? 
hydrog27 hydrog ?    ? A G   13 N1    ? ? ? 1_555 B C   1  N3 ? ? A G   13 B C   2  1_555 ? ? ? ? ? ? WATSON-CRICK         ?     ? 
? 
hydrog28 hydrog ?    ? A G   13 N2    ? ? ? 1_555 B C   1  O2 ? ? A G   13 B C   2  1_555 ? ? ? ? ? ? WATSON-CRICK         ?     ? 
? 
hydrog29 hydrog ?    ? A G   13 O6    ? ? ? 1_555 B C   1  N4 ? ? A G   13 B C   2  1_555 ? ? ? ? ? ? WATSON-CRICK         ?     ? 
? 
hydrog30 hydrog ?    ? C G   1  N1    ? ? ? 1_555 D C   19 N3 ? ? C G   15 D C   49 1_555 ? ? ? ? ? ? WATSON-CRICK         ?     ? 
? 
hydrog31 hydrog ?    ? C G   1  N2    ? ? ? 1_555 D C   19 O2 ? ? C G   15 D C   49 1_555 ? ? ? ? ? ? WATSON-CRICK         ?     ? 
? 
hydrog32 hydrog ?    ? C G   1  O6    ? ? ? 1_555 D C   19 N4 ? ? C G   15 D C   49 1_555 ? ? ? ? ? ? WATSON-CRICK         ?     ? 
? 
hydrog33 hydrog ?    ? C G   2  N1    ? ? ? 1_555 D C   18 N3 ? ? C G   16 D C   48 1_555 ? ? ? ? ? ? WATSON-CRICK         ?     ? 
? 
hydrog34 hydrog ?    ? C G   2  N2    ? ? ? 1_555 D C   18 O2 ? ? C G   16 D C   48 1_555 ? ? ? ? ? ? WATSON-CRICK         ?     ? 
? 
hydrog35 hydrog ?    ? C G   2  O6    ? ? ? 1_555 D C   18 N4 ? ? C G   16 D C   48 1_555 ? ? ? ? ? ? WATSON-CRICK         ?     ? 
? 
hydrog36 hydrog ?    ? C C   3  N3    ? ? ? 1_555 D G   17 N1 ? ? C C   17 D G   47 1_555 ? ? ? ? ? ? WATSON-CRICK         ?     ? 
? 
hydrog37 hydrog ?    ? C C   3  N4    ? ? ? 1_555 D G   17 O6 ? ? C C   17 D G   47 1_555 ? ? ? ? ? ? WATSON-CRICK         ?     ? 
? 
hydrog38 hydrog ?    ? C C   3  O2    ? ? ? 1_555 D G   17 N2 ? ? C C   17 D G   47 1_555 ? ? ? ? ? ? WATSON-CRICK         ?     ? 
? 
hydrog39 hydrog ?    ? C A   4  N1    ? ? ? 1_555 D U   16 N3 ? ? C A   18 D U   46 1_555 ? ? ? ? ? ? WATSON-CRICK         ?     ? 
? 
hydrog40 hydrog ?    ? C A   4  N6    ? ? ? 1_555 D U   16 O4 ? ? C A   18 D U   46 1_555 ? ? ? ? ? ? WATSON-CRICK         ?     ? 
? 
hydrog41 hydrog ?    ? C G   5  N1    ? ? ? 1_555 D C   15 N3 ? ? C G   19 D C   45 1_555 ? ? ? ? ? ? WATSON-CRICK         ?     ? 
? 
hydrog42 hydrog ?    ? C G   5  N2    ? ? ? 1_555 D C   15 O2 ? ? C G   19 D C   45 1_555 ? ? ? ? ? ? WATSON-CRICK         ?     ? 
? 
hydrog43 hydrog ?    ? C G   5  O6    ? ? ? 1_555 D C   15 N4 ? ? C G   19 D C   45 1_555 ? ? ? ? ? ? WATSON-CRICK         ?     ? 
? 
hydrog44 hydrog ?    ? C A   6  N1    ? ? ? 1_555 D C   14 N4 ? ? C A   20 D C   44 1_555 ? ? ? ? ? ? 'A-C MISPAIR'        ?     ? 
? 
hydrog45 hydrog ?    ? C G   7  N2    ? ? ? 1_555 D A   13 N7 ? ? C G   21 D A   43 1_555 ? ? ? ? ? ? TYPE_11_PAIR         ?     ? 
? 
hydrog46 hydrog ?    ? C G   7  N3    ? ? ? 1_555 D A   13 N6 ? ? C G   21 D A   43 1_555 ? ? ? ? ? ? TYPE_11_PAIR         ?     ? 
? 
hydrog47 hydrog ?    ? C A   8  N6    ? ? ? 1_555 D U   11 O2 ? ? C A   22 D U   41 1_555 ? ? ? ? ? ? 'REVERSED HOOGSTEEN' ?     ? 
? 
hydrog48 hydrog ?    ? C A   8  N7    ? ? ? 1_555 D U   11 N3 ? ? C A   22 D U   41 1_555 ? ? ? ? ? ? 'REVERSED HOOGSTEEN' ?     ? 
? 
hydrog49 hydrog ?    ? C A   9  N6    ? ? ? 1_555 D A   10 N1 ? ? C A   23 D A   40 1_555 ? ? ? ? ? ? 'A-A MISPAIR'        ?     ? 
? 
hydrog50 hydrog ?    ? C A   10 N6    ? ? ? 1_555 D A   8  N7 ? ? C A   24 D A   38 1_555 ? ? ? ? ? ? 'A-A MISPAIR'        ?     ? 
? 
hydrog51 hydrog ?    ? C A   12 N1    ? ? ? 1_555 D G   6  N1 ? ? C A   26 D G   36 1_555 ? ? ? ? ? ? TYPE_8_PAIR          ?     ? 
? 
hydrog52 hydrog ?    ? C A   12 N6    ? ? ? 1_555 D G   6  O6 ? ? C A   26 D G   36 1_555 ? ? ? ? ? ? TYPE_8_PAIR          ?     ? 
? 
hydrog53 hydrog ?    ? C C   13 N3    ? ? ? 1_555 D G   5  N1 ? ? C C   27 D G   35 1_555 ? ? ? ? ? ? WATSON-CRICK         ?     ? 
? 
hydrog54 hydrog ?    ? C C   13 N4    ? ? ? 1_555 D G   5  O6 ? ? C C   27 D G   35 1_555 ? ? ? ? ? ? WATSON-CRICK         ?     ? 
? 
hydrog55 hydrog ?    ? C C   13 O2    ? ? ? 1_555 D G   5  N2 ? ? C C   27 D G   35 1_555 ? ? ? ? ? ? WATSON-CRICK         ?     ? 
? 
hydrog56 hydrog ?    ? C A   14 N1    ? ? ? 1_555 D U   4  N3 ? ? C A   28 D U   34 1_555 ? ? ? ? ? ? WATSON-CRICK         ?     ? 
? 
hydrog57 hydrog ?    ? C A   14 N6    ? ? ? 1_555 D U   4  O4 ? ? C A   28 D U   34 1_555 ? ? ? ? ? ? WATSON-CRICK         ?     ? 
? 
hydrog58 hydrog ?    ? C C   15 N3    ? ? ? 1_555 D G   3  N1 ? ? C C   29 D G   33 1_555 ? ? ? ? ? ? WATSON-CRICK         ?     ? 
? 
hydrog59 hydrog ?    ? C C   15 N4    ? ? ? 1_555 D G   3  O6 ? ? C C   29 D G   33 1_555 ? ? ? ? ? ? WATSON-CRICK         ?     ? 
? 
hydrog60 hydrog ?    ? C C   15 O2    ? ? ? 1_555 D G   3  N2 ? ? C C   29 D G   33 1_555 ? ? ? ? ? ? WATSON-CRICK         ?     ? 
? 
hydrog61 hydrog ?    ? C G   16 N1    ? ? ? 1_555 D C   2  N3 ? ? C G   30 D C   32 1_555 ? ? ? ? ? ? WATSON-CRICK         ?     ? 
? 
hydrog62 hydrog ?    ? C G   16 N2    ? ? ? 1_555 D C   2  O2 ? ? C G   30 D C   32 1_555 ? ? ? ? ? ? WATSON-CRICK         ?     ? 
? 
hydrog63 hydrog ?    ? C G   16 O6    ? ? ? 1_555 D C   2  N4 ? ? C G   30 D C   32 1_555 ? ? ? ? ? ? WATSON-CRICK         ?     ? 
? 
hydrog64 hydrog ?    ? C A   17 N1    ? ? ? 1_555 D U   1  N3 ? ? C A   31 D U   31 1_555 ? ? ? ? ? ? WATSON-CRICK         ?     ? 
? 
hydrog65 hydrog ?    ? C A   17 N6    ? ? ? 1_555 D U   1  O4 ? ? C A   31 D U   31 1_555 ? ? ? ? ? ? WATSON-CRICK         ?     ? 
? 
# 
loop_
_struct_conn_type.id 
_struct_conn_type.criteria 
_struct_conn_type.reference 
covale ? ? 
hydrog ? ? 
# 
loop_
_struct_site.id 
_struct_site.pdbx_evidence_code 
_struct_site.pdbx_auth_asym_id 
_struct_site.pdbx_auth_comp_id 
_struct_site.pdbx_auth_seq_id 
_struct_site.pdbx_auth_ins_code 
_struct_site.pdbx_num_residues 
_struct_site.details 
AC1 Software A SO4 201 ? 3 'BINDING SITE FOR RESIDUE SO4 A 201' 
AC2 Software D NCO 101 ? 4 'BINDING SITE FOR RESIDUE NCO D 101' 
AC3 Software B NCO 102 ? 4 'BINDING SITE FOR RESIDUE NCO B 102' 
AC4 Software D NCO 103 ? 4 'BINDING SITE FOR RESIDUE NCO D 103' 
# 
loop_
_struct_site_gen.id 
_struct_site_gen.site_id 
_struct_site_gen.pdbx_num_res 
_struct_site_gen.label_comp_id 
_struct_site_gen.label_asym_id 
_struct_site_gen.label_seq_id 
_struct_site_gen.pdbx_auth_ins_code 
_struct_site_gen.auth_comp_id 
_struct_site_gen.auth_asym_id 
_struct_site_gen.auth_seq_id 
_struct_site_gen.label_atom_id 
_struct_site_gen.label_alt_id 
_struct_site_gen.symmetry 
_struct_site_gen.details 
1  AC1 3 U   A 1  ? U   A 1   . ? 1_555 ? 
2  AC1 3 C   A 2  ? C   A 2   . ? 1_555 ? 
3  AC1 3 NCO F .  ? NCO B 102 . ? 1_555 ? 
4  AC2 4 A   C 6  ? A   C 20  . ? 1_555 ? 
5  AC2 4 G   C 7  ? G   C 21  . ? 1_555 ? 
6  AC2 4 A   D 10 ? A   D 40  . ? 1_555 ? 
7  AC2 4 U   D 11 ? U   D 41  . ? 1_555 ? 
8  AC3 4 SO4 E .  ? SO4 A 201 . ? 1_555 ? 
9  AC3 4 G   B 10 ? G   B 11  . ? 1_555 ? 
10 AC3 4 G   B 11 ? G   B 12  . ? 1_555 ? 
11 AC3 4 G   B 12 ? G   B 13  . ? 1_555 ? 
12 AC4 4 HOH K .  ? HOH D 7   . ? 1_555 ? 
13 AC4 4 G   D 5  ? G   D 35  . ? 1_555 ? 
14 AC4 4 G   D 6  ? G   D 36  . ? 1_555 ? 
15 AC4 4 A   D 8  ? A   D 38  . ? 1_555 ? 
# 
_atom_sites.entry_id                    2D2L 
_atom_sites.fract_transf_matrix[1][1]   0.00610383 
_atom_sites.fract_transf_matrix[1][2]   0.00942018 
_atom_sites.fract_transf_matrix[1][3]   0.00524541 
_atom_sites.fract_transf_matrix[2][1]   0.01233324 
_atom_sites.fract_transf_matrix[2][2]   -0.00044822 
_atom_sites.fract_transf_matrix[2][3]   0.00108516 
_atom_sites.fract_transf_matrix[3][1]   0.00077408 
_atom_sites.fract_transf_matrix[3][2]   0.00357500 
_atom_sites.fract_transf_matrix[3][3]   -0.00732107 
_atom_sites.fract_transf_vector[1]      0.312486 
_atom_sites.fract_transf_vector[2]      0.130481 
_atom_sites.fract_transf_vector[3]      0.334668 
# 
loop_
_atom_type.symbol 
C  
CO 
N  
O  
P  
S  
# 
loop_
_atom_site.group_PDB 
_atom_site.id 
_atom_site.type_symbol 
_atom_site.label_atom_id 
_atom_site.label_alt_id 
_atom_site.label_comp_id 
_atom_site.label_asym_id 
_atom_site.label_entity_id 
_atom_site.label_seq_id 
_atom_site.pdbx_PDB_ins_code 
_atom_site.Cartn_x 
_atom_site.Cartn_y 
_atom_site.Cartn_z 
_atom_site.occupancy 
_atom_site.B_iso_or_equiv 
_atom_site.pdbx_formal_charge 
_atom_site.auth_seq_id 
_atom_site.auth_comp_id 
_atom_site.auth_asym_id 
_atom_site.auth_atom_id 
_atom_site.pdbx_PDB_model_num 
ATOM   1    O  "O5'" A U   A 1 1  ? 21.885  21.963  -7.861  0.50 51.90  ? 1   U   A "O5'" 1 
ATOM   2    O  "O5'" B U   A 1 1  ? 21.921  20.826  -5.189  0.50 51.37  ? 1   U   A "O5'" 1 
ATOM   3    C  "C5'" A U   A 1 1  ? 22.836  21.570  -6.872  0.50 53.14  ? 1   U   A "C5'" 1 
ATOM   4    C  "C5'" B U   A 1 1  ? 22.751  21.218  -6.284  0.50 56.19  ? 1   U   A "C5'" 1 
ATOM   5    C  "C4'" A U   A 1 1  ? 23.476  20.247  -7.214  0.50 52.81  ? 1   U   A "C4'" 1 
ATOM   6    C  "C4'" B U   A 1 1  ? 23.466  20.091  -7.004  0.50 56.91  ? 1   U   A "C4'" 1 
ATOM   7    O  "O4'" A U   A 1 1  ? 24.473  19.917  -6.209  0.50 55.86  ? 1   U   A "O4'" 1 
ATOM   8    O  "O4'" B U   A 1 1  ? 24.568  19.572  -6.201  0.50 60.73  ? 1   U   A "O4'" 1 
ATOM   9    C  "C3'" A U   A 1 1  ? 22.531  19.058  -7.227  0.50 53.12  ? 1   U   A "C3'" 1 
ATOM   10   C  "C3'" B U   A 1 1  ? 22.636  18.854  -7.312  0.50 58.36  ? 1   U   A "C3'" 1 
ATOM   11   O  "O3'" A U   A 1 1  ? 21.888  18.939  -8.491  0.50 54.68  ? 1   U   A "O3'" 1 
ATOM   12   O  "O3'" B U   A 1 1  ? 21.854  18.999  -8.481  0.50 56.89  ? 1   U   A "O3'" 1 
ATOM   13   C  "C2'" A U   A 1 1  ? 23.478  17.903  -6.918  0.50 51.56  ? 1   U   A "C2'" 1 
ATOM   14   C  "C2'" B U   A 1 1  ? 23.715  17.808  -7.542  0.50 58.56  ? 1   U   A "C2'" 1 
ATOM   15   O  "O2'" A U   A 1 1  ? 24.282  17.510  -8.011  0.50 50.57  ? 1   U   A "O2'" 1 
ATOM   16   O  "O2'" B U   A 1 1  ? 24.334  17.929  -8.810  0.50 61.25  ? 1   U   A "O2'" 1 
ATOM   17   C  "C1'" A U   A 1 1  ? 24.369  18.547  -5.860  0.50 51.96  ? 1   U   A "C1'" 1 
ATOM   18   C  "C1'" B U   A 1 1  ? 24.713  18.182  -6.457  0.50 59.18  ? 1   U   A "C1'" 1 
ATOM   19   N  N1    A U   A 1 1  ? 23.747  18.491  -4.536  0.50 53.12  ? 1   U   A N1    1 
ATOM   20   N  N1    B U   A 1 1  ? 24.486  17.445  -5.210  0.50 60.61  ? 1   U   A N1    1 
ATOM   21   C  C2    A U   A 1 1  ? 23.836  17.314  -3.817  0.50 53.53  ? 1   U   A C2    1 
ATOM   22   C  C2    B U   A 1 1  ? 23.614  17.987  -4.284  0.50 61.64  ? 1   U   A C2    1 
ATOM   23   O  O2    A U   A 1 1  ? 24.442  16.329  -4.223  0.50 54.91  ? 1   U   A O2    1 
ATOM   24   O  O2    B U   A 1 1  ? 23.078  19.068  -4.429  0.50 62.14  ? 1   U   A O2    1 
ATOM   25   N  N3    A U   A 1 1  ? 23.195  17.338  -2.599  0.50 53.60  ? 1   U   A N3    1 
ATOM   26   N  N3    B U   A 1 1  ? 23.405  17.217  -3.171  0.50 62.31  ? 1   U   A N3    1 
ATOM   27   C  C4    A U   A 1 1  ? 22.495  18.403  -2.046  0.50 52.57  ? 1   U   A C4    1 
ATOM   28   C  C4    B U   A 1 1  ? 23.970  15.994  -2.893  0.50 62.44  ? 1   U   A C4    1 
ATOM   29   O  O4    A U   A 1 1  ? 21.955  18.272  -0.946  0.50 52.62  ? 1   U   A O4    1 
ATOM   30   O  O4    B U   A 1 1  ? 23.706  15.440  -1.830  0.50 61.12  ? 1   U   A O4    1 
ATOM   31   C  C5    A U   A 1 1  ? 22.467  19.584  -2.854  0.50 52.97  ? 1   U   A C5    1 
ATOM   32   C  C5    B U   A 1 1  ? 24.865  15.503  -3.895  0.50 61.68  ? 1   U   A C5    1 
ATOM   33   C  C6    A U   A 1 1  ? 23.077  19.586  -4.038  0.50 52.78  ? 1   U   A C6    1 
ATOM   34   C  C6    B U   A 1 1  ? 25.090  16.232  -4.991  0.50 61.56  ? 1   U   A C6    1 
ATOM   35   P  P     . C   A 1 2  ? 20.450  18.230  -8.592  1.00 55.59  ? 2   C   A P     1 
ATOM   36   O  OP1   . C   A 1 2  ? 20.141  18.105  -10.041 1.00 53.91  ? 2   C   A OP1   1 
ATOM   37   O  OP2   . C   A 1 2  ? 19.515  18.954  -7.695  1.00 53.39  ? 2   C   A OP2   1 
ATOM   38   O  "O5'" . C   A 1 2  ? 20.726  16.763  -8.019  1.00 48.88  ? 2   C   A "O5'" 1 
ATOM   39   C  "C5'" . C   A 1 2  ? 21.554  15.903  -8.767  1.00 42.12  ? 2   C   A "C5'" 1 
ATOM   40   C  "C4'" . C   A 1 2  ? 21.719  14.535  -8.145  1.00 45.48  ? 2   C   A "C4'" 1 
ATOM   41   O  "O4'" . C   A 1 2  ? 22.345  14.707  -6.837  1.00 48.93  ? 2   C   A "O4'" 1 
ATOM   42   C  "C3'" . C   A 1 2  ? 20.435  13.761  -7.880  1.00 43.78  ? 2   C   A "C3'" 1 
ATOM   43   O  "O3'" . C   A 1 2  ? 19.747  12.996  -8.843  1.00 45.87  ? 2   C   A "O3'" 1 
ATOM   44   C  "C2'" . C   A 1 2  ? 20.442  13.288  -6.445  1.00 45.46  ? 2   C   A "C2'" 1 
ATOM   45   O  "O2'" . C   A 1 2  ? 20.829  11.928  -6.423  1.00 48.28  ? 2   C   A "O2'" 1 
ATOM   46   C  "C1'" . C   A 1 2  ? 21.622  14.011  -5.834  1.00 40.31  ? 2   C   A "C1'" 1 
ATOM   47   N  N1    . C   A 1 2  ? 21.058  14.915  -4.817  1.00 39.73  ? 2   C   A N1    1 
ATOM   48   C  C2    . C   A 1 2  ? 20.688  14.348  -3.568  1.00 37.50  ? 2   C   A C2    1 
ATOM   49   O  O2    . C   A 1 2  ? 20.936  13.153  -3.351  1.00 38.33  ? 2   C   A O2    1 
ATOM   50   N  N3    . C   A 1 2  ? 20.073  15.110  -2.646  1.00 33.21  ? 2   C   A N3    1 
ATOM   51   C  C4    . C   A 1 2  ? 19.832  16.396  -2.900  1.00 36.73  ? 2   C   A C4    1 
ATOM   52   N  N4    . C   A 1 2  ? 19.200  17.111  -1.950  1.00 35.71  ? 2   C   A N4    1 
ATOM   53   C  C5    . C   A 1 2  ? 20.228  17.011  -4.144  1.00 37.79  ? 2   C   A C5    1 
ATOM   54   C  C6    . C   A 1 2  ? 20.838  16.239  -5.060  1.00 36.78  ? 2   C   A C6    1 
ATOM   55   P  P     . C   A 1 3  ? 18.134  12.948  -8.779  1.00 45.01  ? 3   C   A P     1 
ATOM   56   O  OP1   . C   A 1 3  ? 17.610  12.377  -10.048 1.00 46.50  ? 3   C   A OP1   1 
ATOM   57   O  OP2   . C   A 1 3  ? 17.675  14.280  -8.325  1.00 42.42  ? 3   C   A OP2   1 
ATOM   58   O  "O5'" . C   A 1 3  ? 17.835  11.902  -7.616  1.00 43.70  ? 3   C   A "O5'" 1 
ATOM   59   C  "C5'" . C   A 1 3  ? 18.664  10.770  -7.511  1.00 37.34  ? 3   C   A "C5'" 1 
ATOM   60   C  "C4'" . C   A 1 3  ? 18.095  9.738   -6.578  1.00 45.64  ? 3   C   A "C4'" 1 
ATOM   61   O  "O4'" . C   A 1 3  ? 18.483  10.082  -5.221  1.00 46.16  ? 3   C   A "O4'" 1 
ATOM   62   C  "C3'" . C   A 1 3  ? 16.588  9.623   -6.580  1.00 47.19  ? 3   C   A "C3'" 1 
ATOM   63   O  "O3'" . C   A 1 3  ? 15.927  8.787   -7.502  1.00 51.95  ? 3   C   A "O3'" 1 
ATOM   64   C  "C2'" . C   A 1 3  ? 16.110  9.726   -5.141  1.00 48.61  ? 3   C   A "C2'" 1 
ATOM   65   O  "O2'" . C   A 1 3  ? 15.787  8.437   -4.663  1.00 51.51  ? 3   C   A "O2'" 1 
ATOM   66   C  "C1'" . C   A 1 3  ? 17.360  10.134  -4.377  1.00 42.72  ? 3   C   A "C1'" 1 
ATOM   67   N  N1    . C   A 1 3  ? 17.169  11.507  -3.880  1.00 42.00  ? 3   C   A N1    1 
ATOM   68   C  C2    . C   A 1 3  ? 16.620  11.671  -2.612  1.00 39.96  ? 3   C   A C2    1 
ATOM   69   O  O2    . C   A 1 3  ? 16.372  10.667  -1.944  1.00 38.66  ? 3   C   A O2    1 
ATOM   70   N  N3    . C   A 1 3  ? 16.374  12.914  -2.143  1.00 36.95  ? 3   C   A N3    1 
ATOM   71   C  C4    . C   A 1 3  ? 16.667  13.975  -2.886  1.00 40.68  ? 3   C   A C4    1 
ATOM   72   N  N4    . C   A 1 3  ? 16.404  15.189  -2.375  1.00 38.74  ? 3   C   A N4    1 
ATOM   73   C  C5    . C   A 1 3  ? 17.246  13.845  -4.187  1.00 42.19  ? 3   C   A C5    1 
ATOM   74   C  C6    . C   A 1 3  ? 17.483  12.598  -4.641  1.00 42.12  ? 3   C   A C6    1 
ATOM   75   P  P     . C   A 1 4  ? 14.396  9.103   -7.866  1.00 52.20  ? 4   C   A P     1 
ATOM   76   O  OP1   . C   A 1 4  ? 13.934  8.265   -9.003  1.00 49.99  ? 4   C   A OP1   1 
ATOM   77   O  OP2   . C   A 1 4  ? 14.214  10.584  -7.923  1.00 45.71  ? 4   C   A OP2   1 
ATOM   78   O  "O5'" . C   A 1 4  ? 13.677  8.581   -6.563  1.00 44.85  ? 4   C   A "O5'" 1 
ATOM   79   C  "C5'" . C   A 1 4  ? 12.517  9.195   -6.114  1.00 44.70  ? 4   C   A "C5'" 1 
ATOM   80   C  "C4'" . C   A 1 4  ? 12.177  8.664   -4.776  1.00 45.15  ? 4   C   A "C4'" 1 
ATOM   81   O  "O4'" . C   A 1 4  ? 13.073  9.296   -3.838  1.00 47.43  ? 4   C   A "O4'" 1 
ATOM   82   C  "C3'" . C   A 1 4  ? 10.769  9.035   -4.386  1.00 43.72  ? 4   C   A "C3'" 1 
ATOM   83   O  "O3'" . C   A 1 4  ? 9.778   8.065   -4.658  1.00 44.04  ? 4   C   A "O3'" 1 
ATOM   84   C  "C2'" . C   A 1 4  ? 10.843  9.734   -3.039  1.00 44.53  ? 4   C   A "C2'" 1 
ATOM   85   O  "O2'" . C   A 1 4  ? 10.346  8.887   -2.021  1.00 50.55  ? 4   C   A "O2'" 1 
ATOM   86   C  "C1'" . C   A 1 4  ? 12.343  9.932   -2.815  1.00 42.12  ? 4   C   A "C1'" 1 
ATOM   87   N  N1    . C   A 1 4  ? 12.634  11.373  -2.860  1.00 40.89  ? 4   C   A N1    1 
ATOM   88   C  C2    . C   A 1 4  ? 12.233  12.165  -1.780  1.00 44.25  ? 4   C   A C2    1 
ATOM   89   O  O2    . C   A 1 4  ? 11.717  11.623  -0.805  1.00 48.65  ? 4   C   A O2    1 
ATOM   90   N  N3    . C   A 1 4  ? 12.416  13.499  -1.821  1.00 43.27  ? 4   C   A N3    1 
ATOM   91   C  C4    . C   A 1 4  ? 12.993  14.049  -2.880  1.00 44.27  ? 4   C   A C4    1 
ATOM   92   N  N4    . C   A 1 4  ? 13.139  15.375  -2.875  1.00 39.91  ? 4   C   A N4    1 
ATOM   93   C  C5    . C   A 1 4  ? 13.444  13.267  -3.990  1.00 43.13  ? 4   C   A C5    1 
ATOM   94   C  C6    . C   A 1 4  ? 13.246  11.942  -3.934  1.00 41.37  ? 4   C   A C6    1 
HETATM 95   P  P     . A2M A 1 5  ? 8.855   8.237   -5.964  1.00 48.80  ? 5   A2M A P     1 
HETATM 96   O  OP1   . A2M A 1 5  ? 8.016   7.014   -6.048  1.00 49.28  ? 5   A2M A OP1   1 
HETATM 97   O  "O5'" . A2M A 1 5  ? 7.955   9.515   -5.659  1.00 48.29  ? 5   A2M A "O5'" 1 
HETATM 98   C  "C5'" . A2M A 1 5  ? 7.241   9.626   -4.437  1.00 44.89  ? 5   A2M A "C5'" 1 
HETATM 99   C  "C4'" . A2M A 1 5  ? 6.687   11.019  -4.280  1.00 47.69  ? 5   A2M A "C4'" 1 
HETATM 100  O  "O4'" . A2M A 1 5  ? 7.766   11.981  -4.310  1.00 48.95  ? 5   A2M A "O4'" 1 
HETATM 101  C  "C3'" . A2M A 1 5  ? 5.769   11.378  -5.439  1.00 48.62  ? 5   A2M A "C3'" 1 
HETATM 102  O  "O3'" . A2M A 1 5  ? 4.595   12.029  -4.914  1.00 57.17  ? 5   A2M A "O3'" 1 
HETATM 103  C  "C2'" . A2M A 1 5  ? 6.652   12.150  -6.414  1.00 46.96  ? 5   A2M A "C2'" 1 
HETATM 104  O  "O2'" . A2M A 1 5  ? 6.028   13.183  -7.119  1.00 51.32  ? 5   A2M A "O2'" 1 
HETATM 105  C  "C1'" . A2M A 1 5  ? 7.668   12.763  -5.463  1.00 46.09  ? 5   A2M A "C1'" 1 
HETATM 106  C  "CM'" . A2M A 1 5  ? 5.665   12.764  -8.479  1.00 50.46  ? 5   A2M A "CM'" 1 
HETATM 107  N  N9    . A2M A 1 5  ? 8.996   13.110  -5.938  1.00 46.90  ? 5   A2M A N9    1 
HETATM 108  C  C8    . A2M A 1 5  ? 9.940   12.368  -6.599  1.00 50.42  ? 5   A2M A C8    1 
HETATM 109  N  N7    . A2M A 1 5  ? 11.041  13.036  -6.859  1.00 50.79  ? 5   A2M A N7    1 
HETATM 110  C  C5    . A2M A 1 5  ? 10.795  14.299  -6.330  1.00 47.36  ? 5   A2M A C5    1 
HETATM 111  C  C6    . A2M A 1 5  ? 11.572  15.470  -6.270  1.00 50.15  ? 5   A2M A C6    1 
HETATM 112  N  N6    . A2M A 1 5  ? 12.814  15.554  -6.753  1.00 52.84  ? 5   A2M A N6    1 
HETATM 113  N  N1    . A2M A 1 5  ? 11.024  16.561  -5.680  1.00 50.43  ? 5   A2M A N1    1 
HETATM 114  C  C2    . A2M A 1 5  ? 9.787   16.462  -5.175  1.00 47.96  ? 5   A2M A C2    1 
HETATM 115  N  N3    . A2M A 1 5  ? 8.966   15.412  -5.162  1.00 46.55  ? 5   A2M A N3    1 
HETATM 116  C  C4    . A2M A 1 5  ? 9.540   14.355  -5.766  1.00 45.25  ? 5   A2M A C4    1 
HETATM 117  O  OP2   . A2M A 1 5  ? 9.713   8.621   -7.112  1.00 46.90  ? 5   A2M A OP2   1 
ATOM   118  P  P     . G   A 1 6  ? 3.399   12.500  -5.886  1.00 55.18  ? 6   G   A P     1 
ATOM   119  O  OP1   . G   A 1 6  ? 3.173   11.391  -6.860  1.00 58.08  ? 6   G   A OP1   1 
ATOM   120  O  OP2   . G   A 1 6  ? 3.638   13.891  -6.371  1.00 52.98  ? 6   G   A OP2   1 
ATOM   121  O  "O5'" . G   A 1 6  ? 2.132   12.578  -4.923  1.00 56.58  ? 6   G   A "O5'" 1 
ATOM   122  C  "C5'" . G   A 1 6  ? 1.811   11.496  -4.055  1.00 54.48  ? 6   G   A "C5'" 1 
ATOM   123  C  "C4'" . G   A 1 6  ? 0.322   11.238  -4.057  1.00 53.10  ? 6   G   A "C4'" 1 
ATOM   124  O  "O4'" . G   A 1 6  ? 0.038   10.208  -3.090  1.00 52.42  ? 6   G   A "O4'" 1 
ATOM   125  C  "C3'" . G   A 1 6  ? -0.462  12.470  -3.619  1.00 52.50  ? 6   G   A "C3'" 1 
ATOM   126  O  "O3'" . G   A 1 6  ? -1.687  12.558  -4.344  1.00 57.02  ? 6   G   A "O3'" 1 
ATOM   127  C  "C2'" . G   A 1 6  ? -0.700  12.285  -2.127  1.00 52.89  ? 6   G   A "C2'" 1 
ATOM   128  O  "O2'" . G   A 1 6  ? -1.987  12.719  -1.744  1.00 62.29  ? 6   G   A "O2'" 1 
ATOM   129  C  "C1'" . G   A 1 6  ? -0.661  10.762  -2.010  1.00 51.09  ? 6   G   A "C1'" 1 
ATOM   130  N  N9    . G   A 1 6  ? -0.206  10.152  -0.770  1.00 49.93  ? 6   G   A N9    1 
ATOM   131  C  C8    . G   A 1 6  ? -0.642  8.957   -0.253  1.00 48.66  ? 6   G   A C8    1 
ATOM   132  N  N7    . G   A 1 6  ? -0.134  8.698   0.919   1.00 47.60  ? 6   G   A N7    1 
ATOM   133  C  C5    . G   A 1 6  ? 0.698   9.775   1.183   1.00 46.45  ? 6   G   A C5    1 
ATOM   134  C  C6    . G   A 1 6  ? 1.495   10.061  2.315   1.00 47.14  ? 6   G   A C6    1 
ATOM   135  O  O6    . G   A 1 6  ? 1.595   9.416   3.370   1.00 44.27  ? 6   G   A O6    1 
ATOM   136  N  N1    . G   A 1 6  ? 2.211   11.242  2.154   1.00 47.70  ? 6   G   A N1    1 
ATOM   137  C  C2    . G   A 1 6  ? 2.145   12.059  1.056   1.00 49.99  ? 6   G   A C2    1 
ATOM   138  N  N2    . G   A 1 6  ? 2.925   13.149  1.088   1.00 48.08  ? 6   G   A N2    1 
ATOM   139  N  N3    . G   A 1 6  ? 1.377   11.820  0.002   1.00 46.99  ? 6   G   A N3    1 
ATOM   140  C  C4    . G   A 1 6  ? 0.688   10.668  0.133   1.00 48.22  ? 6   G   A C4    1 
ATOM   141  P  P     . U   A 1 7  ? -1.857  13.593  -5.548  1.00 61.53  ? 7   U   A P     1 
ATOM   142  O  OP1   . U   A 1 7  ? -3.188  13.276  -6.114  1.00 59.77  ? 7   U   A OP1   1 
ATOM   143  O  OP2   . U   A 1 7  ? -0.653  13.506  -6.409  1.00 58.22  ? 7   U   A OP2   1 
ATOM   144  O  "O5'" . U   A 1 7  ? -1.918  15.013  -4.826  1.00 56.98  ? 7   U   A "O5'" 1 
ATOM   145  C  "C5'" . U   A 1 7  ? -2.956  15.289  -3.900  1.00 56.59  ? 7   U   A "C5'" 1 
ATOM   146  C  "C4'" . U   A 1 7  ? -2.881  16.718  -3.425  1.00 59.94  ? 7   U   A "C4'" 1 
ATOM   147  O  "O4'" . U   A 1 7  ? -1.668  16.907  -2.656  1.00 61.23  ? 7   U   A "O4'" 1 
ATOM   148  C  "C3'" . U   A 1 7  ? -2.770  17.748  -4.529  1.00 59.55  ? 7   U   A "C3'" 1 
ATOM   149  O  "O3'" . U   A 1 7  ? -4.044  18.084  -5.033  1.00 62.23  ? 7   U   A "O3'" 1 
ATOM   150  C  "C2'" . U   A 1 7  ? -2.138  18.927  -3.809  1.00 60.67  ? 7   U   A "C2'" 1 
ATOM   151  O  "O2'" . U   A 1 7  ? -3.070  19.686  -3.064  1.00 60.62  ? 7   U   A "O2'" 1 
ATOM   152  C  "C1'" . U   A 1 7  ? -1.169  18.217  -2.866  1.00 59.55  ? 7   U   A "C1'" 1 
ATOM   153  N  N1    . U   A 1 7  ? 0.178   18.124  -3.432  1.00 58.29  ? 7   U   A N1    1 
ATOM   154  C  C2    . U   A 1 7  ? 0.964   19.272  -3.421  1.00 60.10  ? 7   U   A C2    1 
ATOM   155  O  O2    . U   A 1 7  ? 0.593   20.332  -2.933  1.00 63.17  ? 7   U   A O2    1 
ATOM   156  N  N3    . U   A 1 7  ? 2.200   19.135  -3.998  1.00 59.63  ? 7   U   A N3    1 
ATOM   157  C  C4    . U   A 1 7  ? 2.724   17.994  -4.566  1.00 59.40  ? 7   U   A C4    1 
ATOM   158  O  O4    . U   A 1 7  ? 3.839   18.039  -5.088  1.00 59.37  ? 7   U   A O4    1 
ATOM   159  C  C5    . U   A 1 7  ? 1.859   16.848  -4.520  1.00 60.64  ? 7   U   A C5    1 
ATOM   160  C  C6    . U   A 1 7  ? 0.646   16.952  -3.966  1.00 60.19  ? 7   U   A C6    1 
ATOM   161  P  P     . C   A 1 8  ? -4.202  18.450  -6.582  1.00 65.14  ? 8   C   A P     1 
ATOM   162  O  OP1   . C   A 1 8  ? -5.633  18.739  -6.835  1.00 68.69  ? 8   C   A OP1   1 
ATOM   163  O  OP2   . C   A 1 8  ? -3.521  17.379  -7.343  1.00 65.67  ? 8   C   A OP2   1 
ATOM   164  O  "O5'" . C   A 1 8  ? -3.370  19.796  -6.753  1.00 65.87  ? 8   C   A "O5'" 1 
ATOM   165  C  "C5'" . C   A 1 8  ? -3.686  20.946  -5.976  1.00 69.38  ? 8   C   A "C5'" 1 
ATOM   166  C  "C4'" . C   A 1 8  ? -2.615  21.989  -6.138  1.00 72.00  ? 8   C   A "C4'" 1 
ATOM   167  O  "O4'" . C   A 1 8  ? -1.380  21.515  -5.543  1.00 73.80  ? 8   C   A "O4'" 1 
ATOM   168  C  "C3'" . C   A 1 8  ? -2.237  22.267  -7.578  1.00 72.86  ? 8   C   A "C3'" 1 
ATOM   169  O  "O3'" . C   A 1 8  ? -3.139  23.179  -8.160  1.00 76.94  ? 8   C   A "O3'" 1 
ATOM   170  C  "C2'" . C   A 1 8  ? -0.829  22.825  -7.448  1.00 72.84  ? 8   C   A "C2'" 1 
ATOM   171  O  "O2'" . C   A 1 8  ? -0.773  24.184  -7.074  1.00 69.75  ? 8   C   A "O2'" 1 
ATOM   172  C  "C1'" . C   A 1 8  ? -0.277  21.960  -6.320  1.00 72.66  ? 8   C   A "C1'" 1 
ATOM   173  N  N1    . C   A 1 8  ? 0.404   20.785  -6.869  1.00 73.64  ? 8   C   A N1    1 
ATOM   174  C  C2    . C   A 1 8  ? 1.658   20.961  -7.454  1.00 73.62  ? 8   C   A C2    1 
ATOM   175  O  O2    . C   A 1 8  ? 2.149   22.100  -7.476  1.00 74.73  ? 8   C   A O2    1 
ATOM   176  N  N3    . C   A 1 8  ? 2.301   19.896  -7.976  1.00 73.58  ? 8   C   A N3    1 
ATOM   177  C  C4    . C   A 1 8  ? 1.739   18.687  -7.922  1.00 73.51  ? 8   C   A C4    1 
ATOM   178  N  N4    . C   A 1 8  ? 2.413   17.659  -8.444  1.00 74.42  ? 8   C   A N4    1 
ATOM   179  C  C5    . C   A 1 8  ? 0.458   18.479  -7.326  1.00 72.84  ? 8   C   A C5    1 
ATOM   180  C  C6    . C   A 1 8  ? -0.167  19.546  -6.818  1.00 72.40  ? 8   C   A C6    1 
ATOM   181  P  P     . C   A 1 9  ? -3.464  23.065  -9.720  1.00 80.06  ? 9   C   A P     1 
ATOM   182  O  OP1   . C   A 1 9  ? -4.461  24.115  -10.025 1.00 82.24  ? 9   C   A OP1   1 
ATOM   183  O  OP2   . C   A 1 9  ? -3.776  21.645  -10.010 1.00 75.85  ? 9   C   A OP2   1 
ATOM   184  O  "O5'" . C   A 1 9  ? -2.087  23.463  -10.410 1.00 79.85  ? 9   C   A "O5'" 1 
ATOM   185  C  "C5'" . C   A 1 9  ? -1.606  24.799  -10.320 1.00 82.00  ? 9   C   A "C5'" 1 
ATOM   186  C  "C4'" . C   A 1 9  ? -0.434  24.997  -11.242 1.00 83.44  ? 9   C   A "C4'" 1 
ATOM   187  O  "O4'" . C   A 1 9  ? 0.706   24.274  -10.717 1.00 83.36  ? 9   C   A "O4'" 1 
ATOM   188  C  "C3'" . C   A 1 9  ? -0.608  24.463  -12.656 1.00 86.80  ? 9   C   A "C3'" 1 
ATOM   189  O  "O3'" . C   A 1 9  ? -1.279  25.392  -13.504 1.00 90.37  ? 9   C   A "O3'" 1 
ATOM   190  C  "C2'" . C   A 1 9  ? 0.835   24.245  -13.088 1.00 84.91  ? 9   C   A "C2'" 1 
ATOM   191  O  "O2'" . C   A 1 9  ? 1.466   25.445  -13.500 1.00 88.43  ? 9   C   A "O2'" 1 
ATOM   192  C  "C1'" . C   A 1 9  ? 1.464   23.741  -11.788 1.00 81.48  ? 9   C   A "C1'" 1 
ATOM   193  N  N1    . C   A 1 9  ? 1.426   22.282  -11.684 1.00 77.55  ? 9   C   A N1    1 
ATOM   194  C  C2    . C   A 1 9  ? 2.411   21.541  -12.323 1.00 75.82  ? 9   C   A C2    1 
ATOM   195  O  O2    . C   A 1 9  ? 3.285   22.138  -12.959 1.00 76.27  ? 9   C   A O2    1 
ATOM   196  N  N3    . C   A 1 9  ? 2.389   20.194  -12.236 1.00 75.16  ? 9   C   A N3    1 
ATOM   197  C  C4    . C   A 1 9  ? 1.424   19.591  -11.544 1.00 76.03  ? 9   C   A C4    1 
ATOM   198  N  N4    . C   A 1 9  ? 1.433   18.258  -11.489 1.00 75.56  ? 9   C   A N4    1 
ATOM   199  C  C5    . C   A 1 9  ? 0.403   20.325  -10.878 1.00 78.47  ? 9   C   A C5    1 
ATOM   200  C  C6    . C   A 1 9  ? 0.442   21.656  -10.975 1.00 78.46  ? 9   C   A C6    1 
ATOM   201  P  P     . A   A 1 10 ? -1.988  24.873  -14.853 1.00 93.57  ? 10  A   A P     1 
ATOM   202  O  OP1   . A   A 1 10 ? -2.710  26.018  -15.458 1.00 96.37  ? 10  A   A OP1   1 
ATOM   203  O  OP2   . A   A 1 10 ? -2.729  23.624  -14.541 1.00 92.20  ? 10  A   A OP2   1 
ATOM   204  O  "O5'" . A   A 1 10 ? -0.774  24.486  -15.805 1.00 91.09  ? 10  A   A "O5'" 1 
ATOM   205  C  "C5'" . A   A 1 10 ? 0.097   25.486  -16.312 1.00 91.94  ? 10  A   A "C5'" 1 
ATOM   206  C  "C4'" . A   A 1 10 ? 1.129   24.859  -17.209 1.00 93.34  ? 10  A   A "C4'" 1 
ATOM   207  O  "O4'" . A   A 1 10 ? 1.997   24.013  -16.411 1.00 91.78  ? 10  A   A "O4'" 1 
ATOM   208  C  "C3'" . A   A 1 10 ? 0.572   23.919  -18.262 1.00 94.51  ? 10  A   A "C3'" 1 
ATOM   209  O  "O3'" . A   A 1 10 ? 0.118   24.604  -19.414 1.00 98.49  ? 10  A   A "O3'" 1 
ATOM   210  C  "C2'" . A   A 1 10 ? 1.767   23.028  -18.557 1.00 92.00  ? 10  A   A "C2'" 1 
ATOM   211  O  "O2'" . A   A 1 10 ? 2.699   23.644  -19.422 1.00 92.45  ? 10  A   A "O2'" 1 
ATOM   212  C  "C1'" . A   A 1 10 ? 2.362   22.864  -17.159 1.00 88.89  ? 10  A   A "C1'" 1 
ATOM   213  N  N9    . A   A 1 10 ? 1.788   21.696  -16.499 1.00 82.37  ? 10  A   A N9    1 
ATOM   214  C  C8    . A   A 1 10 ? 0.724   21.648  -15.636 1.00 81.08  ? 10  A   A C8    1 
ATOM   215  N  N7    . A   A 1 10 ? 0.423   20.436  -15.239 1.00 78.48  ? 10  A   A N7    1 
ATOM   216  C  C5    . A   A 1 10 ? 1.358   19.636  -15.877 1.00 77.55  ? 10  A   A C5    1 
ATOM   217  C  C6    . A   A 1 10 ? 1.576   18.244  -15.878 1.00 77.15  ? 10  A   A C6    1 
ATOM   218  N  N6    . A   A 1 10 ? 0.838   17.376  -15.179 1.00 77.98  ? 10  A   A N6    1 
ATOM   219  N  N1    . A   A 1 10 ? 2.594   17.768  -16.630 1.00 77.26  ? 10  A   A N1    1 
ATOM   220  C  C2    . A   A 1 10 ? 3.337   18.636  -17.324 1.00 78.11  ? 10  A   A C2    1 
ATOM   221  N  N3    . A   A 1 10 ? 3.232   19.962  -17.402 1.00 78.84  ? 10  A   A N3    1 
ATOM   222  C  C4    . A   A 1 10 ? 2.209   20.401  -16.650 1.00 79.46  ? 10  A   A C4    1 
ATOM   223  P  P     . C   A 1 11 ? -1.131  24.018  -20.230 1.00 99.40  ? 11  C   A P     1 
ATOM   224  O  OP1   . C   A 1 11 ? -1.650  25.100  -21.104 1.00 100.92 ? 11  C   A OP1   1 
ATOM   225  O  OP2   . C   A 1 11 ? -2.035  23.371  -19.247 1.00 98.97  ? 11  C   A OP2   1 
ATOM   226  O  "O5'" . C   A 1 11 ? -0.498  22.873  -21.133 1.00 95.24  ? 11  C   A "O5'" 1 
ATOM   227  C  "C5'" . C   A 1 11 ? 0.496   23.178  -22.094 1.00 93.78  ? 11  C   A "C5'" 1 
ATOM   228  C  "C4'" . C   A 1 11 ? 1.163   21.915  -22.548 1.00 93.49  ? 11  C   A "C4'" 1 
ATOM   229  O  "O4'" . C   A 1 11 ? 1.765   21.282  -21.390 1.00 93.06  ? 11  C   A "O4'" 1 
ATOM   230  C  "C3'" . C   A 1 11 ? 0.205   20.855  -23.062 1.00 95.72  ? 11  C   A "C3'" 1 
ATOM   231  O  "O3'" . C   A 1 11 ? -0.139  21.036  -24.426 1.00 98.43  ? 11  C   A "O3'" 1 
ATOM   232  C  "C2'" . C   A 1 11 ? 0.996   19.574  -22.853 1.00 94.77  ? 11  C   A "C2'" 1 
ATOM   233  O  "O2'" . C   A 1 11 ? 1.946   19.338  -23.874 1.00 93.45  ? 11  C   A "O2'" 1 
ATOM   234  C  "C1'" . C   A 1 11 ? 1.692   19.870  -21.525 1.00 92.92  ? 11  C   A "C1'" 1 
ATOM   235  N  N1    . C   A 1 11 ? 0.938   19.316  -20.389 1.00 91.16  ? 11  C   A N1    1 
ATOM   236  C  C2    . C   A 1 11 ? 1.039   17.935  -20.124 1.00 90.98  ? 11  C   A C2    1 
ATOM   237  O  O2    . C   A 1 11 ? 1.806   17.243  -20.819 1.00 90.63  ? 11  C   A O2    1 
ATOM   238  N  N3    . C   A 1 11 ? 0.304   17.394  -19.123 1.00 89.95  ? 11  C   A N3    1 
ATOM   239  C  C4    . C   A 1 11 ? -0.501  18.172  -18.394 1.00 89.37  ? 11  C   A C4    1 
ATOM   240  N  N4    . C   A 1 11 ? -1.230  17.587  -17.441 1.00 88.44  ? 11  C   A N4    1 
ATOM   241  C  C5    . C   A 1 11 ? -0.598  19.584  -18.618 1.00 89.46  ? 11  C   A C5    1 
ATOM   242  C  C6    . C   A 1 11 ? 0.133   20.109  -19.617 1.00 90.23  ? 11  C   A C6    1 
ATOM   243  P  P     . C   A 1 12 ? -1.468  20.339  -25.002 1.00 99.98  ? 12  C   A P     1 
ATOM   244  O  OP1   . C   A 1 12 ? -1.628  20.764  -26.416 1.00 100.82 ? 12  C   A OP1   1 
ATOM   245  O  OP2   . C   A 1 12 ? -2.561  20.583  -24.024 1.00 98.20  ? 12  C   A OP2   1 
ATOM   246  O  "O5'" . C   A 1 12 ? -1.127  18.786  -24.994 1.00 95.30  ? 12  C   A "O5'" 1 
ATOM   247  C  "C5'" . C   A 1 12 ? -0.144  18.275  -25.875 1.00 95.63  ? 12  C   A "C5'" 1 
ATOM   248  C  "C4'" . C   A 1 12 ? -0.081  16.779  -25.770 1.00 96.11  ? 12  C   A "C4'" 1 
ATOM   249  O  "O4'" . C   A 1 12 ? 0.379   16.414  -24.445 1.00 95.23  ? 12  C   A "O4'" 1 
ATOM   250  C  "C3'" . C   A 1 12 ? -1.427  16.088  -25.877 1.00 97.97  ? 12  C   A "C3'" 1 
ATOM   251  O  "O3'" . C   A 1 12 ? -1.834  15.913  -27.223 1.00 102.87 ? 12  C   A "O3'" 1 
ATOM   252  C  "C2'" . C   A 1 12 ? -1.168  14.762  -25.173 1.00 95.28  ? 12  C   A "C2'" 1 
ATOM   253  O  "O2'" . C   A 1 12 ? -0.504  13.809  -25.981 1.00 94.36  ? 12  C   A "O2'" 1 
ATOM   254  C  "C1'" . C   A 1 12 ? -0.252  15.207  -24.036 1.00 92.05  ? 12  C   A "C1'" 1 
ATOM   255  N  N1    . C   A 1 12 ? -1.005  15.457  -22.801 1.00 87.61  ? 12  C   A N1    1 
ATOM   256  C  C2    . C   A 1 12 ? -1.363  14.357  -22.001 1.00 85.98  ? 12  C   A C2    1 
ATOM   257  O  O2    . C   A 1 12 ? -1.019  13.217  -22.356 1.00 84.05  ? 12  C   A O2    1 
ATOM   258  N  N3    . C   A 1 12 ? -2.071  14.567  -20.868 1.00 84.45  ? 12  C   A N3    1 
ATOM   259  C  C4    . C   A 1 12 ? -2.425  15.807  -20.525 1.00 84.41  ? 12  C   A C4    1 
ATOM   260  N  N4    . C   A 1 12 ? -3.134  15.964  -19.408 1.00 84.61  ? 12  C   A N4    1 
ATOM   261  C  C5    . C   A 1 12 ? -2.070  16.943  -21.317 1.00 84.74  ? 12  C   A C5    1 
ATOM   262  C  C6    . C   A 1 12 ? -1.365  16.724  -22.436 1.00 86.31  ? 12  C   A C6    1 
ATOM   263  P  P     . G   A 1 13 ? -3.389  15.704  -27.551 1.00 105.60 ? 13  G   A P     1 
ATOM   264  O  OP1   . G   A 1 13 ? -3.523  15.644  -29.028 1.00 105.42 ? 13  G   A OP1   1 
ATOM   265  O  OP2   . G   A 1 13 ? -4.144  16.730  -26.777 1.00 104.35 ? 13  G   A OP2   1 
ATOM   266  O  "O5'" . G   A 1 13 ? -3.707  14.258  -26.962 1.00 100.19 ? 13  G   A "O5'" 1 
ATOM   267  C  "C5'" . G   A 1 13 ? -3.114  13.106  -27.548 1.00 96.12  ? 13  G   A "C5'" 1 
ATOM   268  C  "C4'" . G   A 1 13 ? -3.596  11.851  -26.865 1.00 95.84  ? 13  G   A "C4'" 1 
ATOM   269  O  "O4'" . G   A 1 13 ? -3.155  11.865  -25.483 1.00 93.11  ? 13  G   A "O4'" 1 
ATOM   270  C  "C3'" . G   A 1 13 ? -5.108  11.719  -26.752 1.00 95.10  ? 13  G   A "C3'" 1 
ATOM   271  O  "O3'" . G   A 1 13 ? -5.760  11.264  -27.934 1.00 97.03  ? 13  G   A "O3'" 1 
ATOM   272  C  "C2'" . G   A 1 13 ? -5.266  10.766  -25.577 1.00 92.62  ? 13  G   A "C2'" 1 
ATOM   273  O  "O2'" . G   A 1 13 ? -5.071  9.414   -25.924 1.00 92.97  ? 13  G   A "O2'" 1 
ATOM   274  C  "C1'" . G   A 1 13 ? -4.122  11.219  -24.674 1.00 88.87  ? 13  G   A "C1'" 1 
ATOM   275  N  N9    . G   A 1 13 ? -4.564  12.127  -23.629 1.00 83.27  ? 13  G   A N9    1 
ATOM   276  C  C8    . G   A 1 13 ? -4.607  13.503  -23.652 1.00 82.22  ? 13  G   A C8    1 
ATOM   277  N  N7    . G   A 1 13 ? -5.064  14.015  -22.543 1.00 79.93  ? 13  G   A N7    1 
ATOM   278  C  C5    . G   A 1 13 ? -5.335  12.913  -21.743 1.00 79.28  ? 13  G   A C5    1 
ATOM   279  C  C6    . G   A 1 13 ? -5.855  12.835  -20.427 1.00 77.30  ? 13  G   A C6    1 
ATOM   280  O  O6    . G   A 1 13 ? -6.179  13.759  -19.675 1.00 75.39  ? 13  G   A O6    1 
ATOM   281  N  N1    . G   A 1 13 ? -5.987  11.514  -20.003 1.00 76.93  ? 13  G   A N1    1 
ATOM   282  C  C2    . G   A 1 13 ? -5.658  10.405  -20.751 1.00 79.28  ? 13  G   A C2    1 
ATOM   283  N  N2    . G   A 1 13 ? -5.863  9.209   -20.176 1.00 78.43  ? 13  G   A N2    1 
ATOM   284  N  N3    . G   A 1 13 ? -5.165  10.466  -21.975 1.00 79.81  ? 13  G   A N3    1 
ATOM   285  C  C4    . G   A 1 13 ? -5.035  11.743  -22.403 1.00 80.96  ? 13  G   A C4    1 
ATOM   286  O  "O5'" . C   B 2 1  ? -8.347  9.334   -11.901 1.00 82.54  ? 2   C   B "O5'" 1 
ATOM   287  C  "C5'" . C   B 2 1  ? -8.847  8.004   -12.031 1.00 83.58  ? 2   C   B "C5'" 1 
ATOM   288  C  "C4'" . C   B 2 1  ? -8.464  7.339   -13.338 1.00 85.04  ? 2   C   B "C4'" 1 
ATOM   289  O  "O4'" . C   B 2 1  ? -9.089  8.046   -14.445 1.00 81.48  ? 2   C   B "O4'" 1 
ATOM   290  C  "C3'" . C   B 2 1  ? -6.982  7.372   -13.683 1.00 86.13  ? 2   C   B "C3'" 1 
ATOM   291  O  "O3'" . C   B 2 1  ? -6.257  6.339   -13.030 1.00 90.81  ? 2   C   B "O3'" 1 
ATOM   292  C  "C2'" . C   B 2 1  ? -6.990  7.218   -15.203 1.00 82.32  ? 2   C   B "C2'" 1 
ATOM   293  O  "O2'" . C   B 2 1  ? -7.133  5.892   -15.674 1.00 81.87  ? 2   C   B "O2'" 1 
ATOM   294  C  "C1'" . C   B 2 1  ? -8.224  8.035   -15.574 1.00 75.28  ? 2   C   B "C1'" 1 
ATOM   295  N  N1    . C   B 2 1  ? -7.851  9.414   -15.889 1.00 69.11  ? 2   C   B N1    1 
ATOM   296  C  C2    . C   B 2 1  ? -7.395  9.694   -17.180 1.00 66.98  ? 2   C   B C2    1 
ATOM   297  O  O2    . C   B 2 1  ? -7.340  8.762   -18.009 1.00 65.26  ? 2   C   B O2    1 
ATOM   298  N  N3    . C   B 2 1  ? -7.024  10.962  -17.493 1.00 63.37  ? 2   C   B N3    1 
ATOM   299  C  C4    . C   B 2 1  ? -7.095  11.924  -16.565 1.00 63.68  ? 2   C   B C4    1 
ATOM   300  N  N4    . C   B 2 1  ? -6.712  13.160  -16.910 1.00 62.73  ? 2   C   B N4    1 
ATOM   301  C  C5    . C   B 2 1  ? -7.563  11.661  -15.237 1.00 64.25  ? 2   C   B C5    1 
ATOM   302  C  C6    . C   B 2 1  ? -7.928  10.405  -14.948 1.00 65.72  ? 2   C   B C6    1 
ATOM   303  P  P     . G   B 2 2  ? -4.689  6.537   -12.744 1.00 92.58  ? 3   G   B P     1 
ATOM   304  O  OP1   . G   B 2 2  ? -4.227  5.321   -12.029 1.00 93.46  ? 3   G   B OP1   1 
ATOM   305  O  OP2   . G   B 2 2  ? -4.489  7.875   -12.130 1.00 91.08  ? 3   G   B OP2   1 
ATOM   306  O  "O5'" . G   B 2 2  ? -4.050  6.545   -14.198 1.00 89.56  ? 3   G   B "O5'" 1 
ATOM   307  C  "C5'" . G   B 2 2  ? -4.058  5.360   -14.972 1.00 87.68  ? 3   G   B "C5'" 1 
ATOM   308  C  "C4'" . G   B 2 2  ? -3.358  5.582   -16.281 1.00 87.92  ? 3   G   B "C4'" 1 
ATOM   309  O  "O4'" . G   B 2 2  ? -4.153  6.485   -17.094 1.00 86.11  ? 3   G   B "O4'" 1 
ATOM   310  C  "C3'" . G   B 2 2  ? -2.019  6.290   -16.177 1.00 89.44  ? 3   G   B "C3'" 1 
ATOM   311  O  "O3'" . G   B 2 2  ? -0.945  5.422   -15.843 1.00 92.96  ? 3   G   B "O3'" 1 
ATOM   312  C  "C2'" . G   B 2 2  ? -1.860  6.872   -17.573 1.00 86.63  ? 3   G   B "C2'" 1 
ATOM   313  O  "O2'" . G   B 2 2  ? -1.420  5.925   -18.524 1.00 90.27  ? 3   G   B "O2'" 1 
ATOM   314  C  "C1'" . G   B 2 2  ? -3.292  7.285   -17.885 1.00 81.65  ? 3   G   B "C1'" 1 
ATOM   315  N  N9    . G   B 2 2  ? -3.486  8.682   -17.536 1.00 75.57  ? 3   G   B N9    1 
ATOM   316  C  C8    . G   B 2 2  ? -4.042  9.197   -16.392 1.00 74.21  ? 3   G   B C8    1 
ATOM   317  N  N7    . G   B 2 2  ? -4.047  10.504  -16.374 1.00 71.81  ? 3   G   B N7    1 
ATOM   318  C  C5    . G   B 2 2  ? -3.464  10.865  -17.583 1.00 70.61  ? 3   G   B C5    1 
ATOM   319  C  C6    . G   B 2 2  ? -3.199  12.155  -18.139 1.00 69.60  ? 3   G   B C6    1 
ATOM   320  O  O6    . G   B 2 2  ? -3.441  13.271  -17.658 1.00 67.75  ? 3   G   B O6    1 
ATOM   321  N  N1    . G   B 2 2  ? -2.586  12.058  -19.389 1.00 70.84  ? 3   G   B N1    1 
ATOM   322  C  C2    . G   B 2 2  ? -2.272  10.879  -20.024 1.00 73.05  ? 3   G   B C2    1 
ATOM   323  N  N2    . G   B 2 2  ? -1.675  10.988  -21.224 1.00 73.62  ? 3   G   B N2    1 
ATOM   324  N  N3    . G   B 2 2  ? -2.519  9.677   -19.520 1.00 72.64  ? 3   G   B N3    1 
ATOM   325  C  C4    . G   B 2 2  ? -3.113  9.749   -18.307 1.00 72.37  ? 3   G   B C4    1 
ATOM   326  P  P     . G   B 2 3  ? 0.462   6.051   -15.394 1.00 96.12  ? 4   G   B P     1 
ATOM   327  O  OP1   . G   B 2 3  ? 1.443   4.947   -15.250 1.00 95.38  ? 4   G   B OP1   1 
ATOM   328  O  OP2   . G   B 2 3  ? 0.223   6.980   -14.261 1.00 94.11  ? 4   G   B OP2   1 
ATOM   329  O  "O5'" . G   B 2 3  ? 0.895   6.925   -16.645 1.00 91.74  ? 4   G   B "O5'" 1 
ATOM   330  C  "C5'" . G   B 2 3  ? 1.242   6.293   -17.863 1.00 92.79  ? 4   G   B "C5'" 1 
ATOM   331  C  "C4'" . G   B 2 3  ? 1.994   7.252   -18.733 1.00 94.91  ? 4   G   B "C4'" 1 
ATOM   332  O  "O4'" . G   B 2 3  ? 1.083   8.240   -19.278 1.00 94.78  ? 4   G   B "O4'" 1 
ATOM   333  C  "C3'" . G   B 2 3  ? 3.014   8.075   -17.973 1.00 95.43  ? 4   G   B "C3'" 1 
ATOM   334  O  "O3'" . G   B 2 3  ? 4.203   7.322   -17.759 1.00 98.81  ? 4   G   B "O3'" 1 
ATOM   335  C  "C2'" . G   B 2 3  ? 3.175   9.293   -18.876 1.00 93.76  ? 4   G   B "C2'" 1 
ATOM   336  O  "O2'" . G   B 2 3  ? 4.028   9.076   -19.981 1.00 92.46  ? 4   G   B "O2'" 1 
ATOM   337  C  "C1'" . G   B 2 3  ? 1.740   9.492   -19.367 1.00 91.61  ? 4   G   B "C1'" 1 
ATOM   338  N  N9    . G   B 2 3  ? 1.020   10.445  -18.535 1.00 89.49  ? 4   G   B N9    1 
ATOM   339  C  C8    . G   B 2 3  ? 0.316   10.186  -17.383 1.00 89.38  ? 4   G   B C8    1 
ATOM   340  N  N7    . G   B 2 3  ? -0.189  11.262  -16.842 1.00 88.77  ? 4   G   B N7    1 
ATOM   341  C  C5    . G   B 2 3  ? 0.199   12.287  -17.696 1.00 88.05  ? 4   G   B C5    1 
ATOM   342  C  C6    . G   B 2 3  ? -0.043  13.685  -17.630 1.00 88.11  ? 4   G   B C6    1 
ATOM   343  O  O6    . G   B 2 3  ? -0.672  14.317  -16.779 1.00 90.07  ? 4   G   B O6    1 
ATOM   344  N  N1    . G   B 2 3  ? 0.538   14.356  -18.696 1.00 87.28  ? 4   G   B N1    1 
ATOM   345  C  C2    . G   B 2 3  ? 1.260   13.765  -19.698 1.00 87.61  ? 4   G   B C2    1 
ATOM   346  N  N2    . G   B 2 3  ? 1.743   14.587  -20.635 1.00 87.63  ? 4   G   B N2    1 
ATOM   347  N  N3    . G   B 2 3  ? 1.494   12.467  -19.775 1.00 87.01  ? 4   G   B N3    1 
ATOM   348  C  C4    . G   B 2 3  ? 0.938   11.795  -18.748 1.00 88.00  ? 4   G   B C4    1 
ATOM   349  P  P     . U   B 2 4  ? 5.454   8.003   -17.020 1.00 99.90  ? 5   U   B P     1 
ATOM   350  O  OP1   . U   B 2 4  ? 6.535   6.992   -16.874 1.00 100.14 ? 5   U   B OP1   1 
ATOM   351  O  OP2   . U   B 2 4  ? 4.957   8.728   -15.823 1.00 97.01  ? 5   U   B OP2   1 
ATOM   352  O  "O5'" . U   B 2 4  ? 5.927   9.067   -18.093 1.00 94.61  ? 5   U   B "O5'" 1 
ATOM   353  C  "C5'" . U   B 2 4  ? 6.751   10.136  -17.721 1.00 92.68  ? 5   U   B "C5'" 1 
ATOM   354  C  "C4'" . U   B 2 4  ? 6.719   11.194  -18.782 1.00 91.74  ? 5   U   B "C4'" 1 
ATOM   355  O  "O4'" . U   B 2 4  ? 5.347   11.517  -19.107 1.00 89.64  ? 5   U   B "O4'" 1 
ATOM   356  C  "C3'" . U   B 2 4  ? 7.337   12.507  -18.367 1.00 91.96  ? 5   U   B "C3'" 1 
ATOM   357  O  "O3'" . U   B 2 4  ? 8.733   12.445  -18.527 1.00 91.13  ? 5   U   B "O3'" 1 
ATOM   358  C  "C2'" . U   B 2 4  ? 6.651   13.490  -19.295 1.00 88.90  ? 5   U   B "C2'" 1 
ATOM   359  O  "O2'" . U   B 2 4  ? 7.216   13.457  -20.587 1.00 90.26  ? 5   U   B "O2'" 1 
ATOM   360  C  "C1'" . U   B 2 4  ? 5.233   12.916  -19.316 1.00 87.75  ? 5   U   B "C1'" 1 
ATOM   361  N  N1    . U   B 2 4  ? 4.424   13.437  -18.206 1.00 84.15  ? 5   U   B N1    1 
ATOM   362  C  C2    . U   B 2 4  ? 4.287   14.804  -18.075 1.00 82.86  ? 5   U   B C2    1 
ATOM   363  O  O2    . U   B 2 4  ? 4.810   15.601  -18.836 1.00 82.28  ? 5   U   B O2    1 
ATOM   364  N  N3    . U   B 2 4  ? 3.519   15.204  -17.010 1.00 81.81  ? 5   U   B N3    1 
ATOM   365  C  C4    . U   B 2 4  ? 2.898   14.392  -16.082 1.00 82.06  ? 5   U   B C4    1 
ATOM   366  O  O4    . U   B 2 4  ? 2.269   14.900  -15.155 1.00 82.45  ? 5   U   B O4    1 
ATOM   367  C  C5    . U   B 2 4  ? 3.090   12.995  -16.291 1.00 82.54  ? 5   U   B C5    1 
ATOM   368  C  C6    . U   B 2 4  ? 3.826   12.576  -17.319 1.00 83.42  ? 5   U   B C6    1 
ATOM   369  P  P     . G   B 2 5  ? 9.662   12.570  -17.236 1.00 89.77  ? 6   G   B P     1 
ATOM   370  O  OP1   . G   B 2 5  ? 10.979  11.988  -17.586 1.00 92.92  ? 6   G   B OP1   1 
ATOM   371  O  OP2   . G   B 2 5  ? 8.905   12.041  -16.066 1.00 89.91  ? 6   G   B OP2   1 
ATOM   372  O  "O5'" . G   B 2 5  ? 9.806   14.140  -17.068 1.00 83.14  ? 6   G   B "O5'" 1 
ATOM   373  C  "C5'" . G   B 2 5  ? 10.263  14.913  -18.154 1.00 77.17  ? 6   G   B "C5'" 1 
ATOM   374  C  "C4'" . G   B 2 5  ? 9.852   16.343  -17.986 1.00 74.64  ? 6   G   B "C4'" 1 
ATOM   375  O  "O4'" . G   B 2 5  ? 8.408   16.436  -18.079 1.00 73.92  ? 6   G   B "O4'" 1 
ATOM   376  C  "C3'" . G   B 2 5  ? 10.154  16.910  -16.613 1.00 75.99  ? 6   G   B "C3'" 1 
ATOM   377  O  "O3'" . G   B 2 5  ? 11.503  17.322  -16.480 1.00 75.34  ? 6   G   B "O3'" 1 
ATOM   378  C  "C2'" . G   B 2 5  ? 9.170   18.066  -16.519 1.00 76.63  ? 6   G   B "C2'" 1 
ATOM   379  O  "O2'" . G   B 2 5  ? 9.597   19.245  -17.173 1.00 76.31  ? 6   G   B "O2'" 1 
ATOM   380  C  "C1'" . G   B 2 5  ? 7.952   17.473  -17.226 1.00 74.34  ? 6   G   B "C1'" 1 
ATOM   381  N  N9    . G   B 2 5  ? 7.019   16.921  -16.254 1.00 73.16  ? 6   G   B N9    1 
ATOM   382  C  C8    . G   B 2 5  ? 6.822   15.605  -15.913 1.00 74.20  ? 6   G   B C8    1 
ATOM   383  N  N7    . G   B 2 5  ? 5.925   15.451  -14.974 1.00 73.54  ? 6   G   B N7    1 
ATOM   384  C  C5    . G   B 2 5  ? 5.504   16.746  -14.688 1.00 72.22  ? 6   G   B C5    1 
ATOM   385  C  C6    . G   B 2 5  ? 4.540   17.229  -13.749 1.00 71.36  ? 6   G   B C6    1 
ATOM   386  O  O6    . G   B 2 5  ? 3.837   16.581  -12.957 1.00 69.86  ? 6   G   B O6    1 
ATOM   387  N  N1    . G   B 2 5  ? 4.434   18.620  -13.791 1.00 68.75  ? 6   G   B N1    1 
ATOM   388  C  C2    . G   B 2 5  ? 5.153   19.442  -14.625 1.00 68.45  ? 6   G   B C2    1 
ATOM   389  N  N2    . G   B 2 5  ? 4.904   20.754  -14.525 1.00 66.94  ? 6   G   B N2    1 
ATOM   390  N  N3    . G   B 2 5  ? 6.046   19.009  -15.496 1.00 69.80  ? 6   G   B N3    1 
ATOM   391  C  C4    . G   B 2 5  ? 6.169   17.661  -15.473 1.00 71.94  ? 6   G   B C4    1 
ATOM   392  P  P     . A   B 2 6  ? 12.156  17.419  -15.017 1.00 73.95  ? 7   A   B P     1 
ATOM   393  O  OP1   . A   B 2 6  ? 13.577  17.832  -15.179 1.00 72.79  ? 7   A   B OP1   1 
ATOM   394  O  OP2   . A   B 2 6  ? 11.832  16.151  -14.295 1.00 66.73  ? 7   A   B OP2   1 
ATOM   395  O  "O5'" . A   B 2 6  ? 11.378  18.634  -14.344 1.00 64.67  ? 7   A   B "O5'" 1 
ATOM   396  C  "C5'" . A   B 2 6  ? 11.568  19.961  -14.820 1.00 65.26  ? 7   A   B "C5'" 1 
ATOM   397  C  "C4'" . A   B 2 6  ? 10.653  20.909  -14.089 1.00 65.51  ? 7   A   B "C4'" 1 
ATOM   398  O  "O4'" . A   B 2 6  ? 9.280   20.516  -14.339 1.00 65.49  ? 7   A   B "O4'" 1 
ATOM   399  C  "C3'" . A   B 2 6  ? 10.777  20.893  -12.576 1.00 63.08  ? 7   A   B "C3'" 1 
ATOM   400  O  "O3'" . A   B 2 6  ? 11.803  21.763  -12.137 1.00 62.48  ? 7   A   B "O3'" 1 
ATOM   401  C  "C2'" . A   B 2 6  ? 9.413   21.401  -12.140 1.00 63.21  ? 7   A   B "C2'" 1 
ATOM   402  O  "O2'" . A   B 2 6  ? 9.315   22.807  -12.222 1.00 60.78  ? 7   A   B "O2'" 1 
ATOM   403  C  "C1'" . A   B 2 6  ? 8.505   20.729  -13.171 1.00 63.57  ? 7   A   B "C1'" 1 
ATOM   404  N  N9    . A   B 2 6  ? 8.041   19.427  -12.698 1.00 63.65  ? 7   A   B N9    1 
ATOM   405  C  C8    . A   B 2 6  ? 8.564   18.186  -12.982 1.00 62.33  ? 7   A   B C8    1 
ATOM   406  N  N7    . A   B 2 6  ? 7.936   17.200  -12.387 1.00 62.19  ? 7   A   B N7    1 
ATOM   407  C  C5    . A   B 2 6  ? 6.930   17.833  -11.667 1.00 62.62  ? 7   A   B C5    1 
ATOM   408  C  C6    . A   B 2 6  ? 5.918   17.342  -10.823 1.00 62.48  ? 7   A   B C6    1 
ATOM   409  N  N6    . A   B 2 6  ? 5.745   16.049  -10.554 1.00 62.44  ? 7   A   B N6    1 
ATOM   410  N  N1    . A   B 2 6  ? 5.078   18.239  -10.262 1.00 63.02  ? 7   A   B N1    1 
ATOM   411  C  C2    . A   B 2 6  ? 5.251   19.542  -10.537 1.00 62.07  ? 7   A   B C2    1 
ATOM   412  N  N3    . A   B 2 6  ? 6.163   20.125  -11.313 1.00 61.93  ? 7   A   B N3    1 
ATOM   413  C  C4    . A   B 2 6  ? 6.981   19.205  -11.853 1.00 63.16  ? 7   A   B C4    1 
ATOM   414  P  P     . G   B 2 7  ? 12.604  21.420  -10.793 1.00 62.06  ? 8   G   B P     1 
ATOM   415  O  OP1   . G   B 2 7  ? 13.542  22.534  -10.493 1.00 61.64  ? 8   G   B OP1   1 
ATOM   416  O  OP2   . G   B 2 7  ? 13.122  20.033  -10.936 1.00 62.60  ? 8   G   B OP2   1 
ATOM   417  O  "O5'" . G   B 2 7  ? 11.478  21.419  -9.674  1.00 62.16  ? 8   G   B "O5'" 1 
ATOM   418  C  "C5'" . G   B 2 7  ? 10.727  22.589  -9.400  1.00 59.36  ? 8   G   B "C5'" 1 
ATOM   419  C  "C4'" . G   B 2 7  ? 9.595   22.250  -8.474  1.00 62.44  ? 8   G   B "C4'" 1 
ATOM   420  O  "O4'" . G   B 2 7  ? 8.763   21.248  -9.108  1.00 64.80  ? 8   G   B "O4'" 1 
ATOM   421  C  "C3'" . G   B 2 7  ? 10.017  21.609  -7.165  1.00 62.52  ? 8   G   B "C3'" 1 
ATOM   422  O  "O3'" . G   B 2 7  ? 10.309  22.628  -6.218  1.00 60.43  ? 8   G   B "O3'" 1 
ATOM   423  C  "C2'" . G   B 2 7  ? 8.770   20.834  -6.770  1.00 61.68  ? 8   G   B "C2'" 1 
ATOM   424  O  "O2'" . G   B 2 7  ? 7.792   21.674  -6.185  1.00 61.64  ? 8   G   B "O2'" 1 
ATOM   425  C  "C1'" . G   B 2 7  ? 8.271   20.350  -8.134  1.00 63.60  ? 8   G   B "C1'" 1 
ATOM   426  N  N9    . G   B 2 7  ? 8.685   19.004  -8.515  1.00 61.78  ? 8   G   B N9    1 
ATOM   427  C  C8    . G   B 2 7  ? 9.757   18.656  -9.302  1.00 61.35  ? 8   G   B C8    1 
ATOM   428  N  N7    . G   B 2 7  ? 9.844   17.369  -9.507  1.00 62.02  ? 8   G   B N7    1 
ATOM   429  C  C5    . G   B 2 7  ? 8.775   16.836  -8.803  1.00 60.63  ? 8   G   B C5    1 
ATOM   430  C  C6    . G   B 2 7  ? 8.355   15.493  -8.654  1.00 60.84  ? 8   G   B C6    1 
ATOM   431  O  O6    . G   B 2 7  ? 8.856   14.473  -9.142  1.00 60.40  ? 8   G   B O6    1 
ATOM   432  N  N1    . G   B 2 7  ? 7.224   15.395  -7.844  1.00 59.48  ? 8   G   B N1    1 
ATOM   433  C  C2    . G   B 2 7  ? 6.575   16.455  -7.259  1.00 61.31  ? 8   G   B C2    1 
ATOM   434  N  N2    . G   B 2 7  ? 5.502   16.158  -6.510  1.00 62.33  ? 8   G   B N2    1 
ATOM   435  N  N3    . G   B 2 7  ? 6.952   17.715  -7.398  1.00 61.49  ? 8   G   B N3    1 
ATOM   436  C  C4    . G   B 2 7  ? 8.054   17.830  -8.177  1.00 61.18  ? 8   G   B C4    1 
ATOM   437  P  P     . A   B 2 8  ? 10.696  22.224  -4.715  1.00 61.13  ? 9   A   B P     1 
ATOM   438  O  OP1   . A   B 2 8  ? 11.702  23.184  -4.184  1.00 62.53  ? 9   A   B OP1   1 
ATOM   439  O  OP2   . A   B 2 8  ? 11.009  20.767  -4.751  1.00 57.96  ? 9   A   B OP2   1 
ATOM   440  O  "O5'" . A   B 2 8  ? 9.348   22.438  -3.899  1.00 56.55  ? 9   A   B "O5'" 1 
ATOM   441  C  "C5'" . A   B 2 8  ? 8.804   23.735  -3.708  1.00 56.71  ? 9   A   B "C5'" 1 
ATOM   442  C  "C4'" . A   B 2 8  ? 7.637   23.648  -2.766  1.00 57.25  ? 9   A   B "C4'" 1 
ATOM   443  O  "O4'" . A   B 2 8  ? 6.635   22.790  -3.354  1.00 54.07  ? 9   A   B "O4'" 1 
ATOM   444  C  "C3'" . A   B 2 8  ? 7.952   23.012  -1.429  1.00 59.17  ? 9   A   B "C3'" 1 
ATOM   445  O  "O3'" . A   B 2 8  ? 8.402   24.023  -0.548  1.00 57.42  ? 9   A   B "O3'" 1 
ATOM   446  C  "C2'" . A   B 2 8  ? 6.596   22.470  -1.002  1.00 57.44  ? 9   A   B "C2'" 1 
ATOM   447  O  "O2'" . A   B 2 8  ? 5.772   23.476  -0.453  1.00 60.67  ? 9   A   B "O2'" 1 
ATOM   448  C  "C1'" . A   B 2 8  ? 6.022   22.012  -2.346  1.00 57.10  ? 9   A   B "C1'" 1 
ATOM   449  N  N9    . A   B 2 8  ? 6.294   20.620  -2.682  1.00 57.76  ? 9   A   B N9    1 
ATOM   450  C  C8    . A   B 2 8  ? 7.223   20.172  -3.586  1.00 57.18  ? 9   A   B C8    1 
ATOM   451  N  N7    . A   B 2 8  ? 7.235   18.873  -3.735  1.00 58.18  ? 9   A   B N7    1 
ATOM   452  C  C5    . A   B 2 8  ? 6.255   18.433  -2.860  1.00 58.15  ? 9   A   B C5    1 
ATOM   453  C  C6    . A   B 2 8  ? 5.776   17.158  -2.560  1.00 58.16  ? 9   A   B C6    1 
ATOM   454  N  N6    . A   B 2 8  ? 6.247   16.046  -3.128  1.00 57.18  ? 9   A   B N6    1 
ATOM   455  N  N1    . A   B 2 8  ? 4.784   17.060  -1.650  1.00 58.22  ? 9   A   B N1    1 
ATOM   456  C  C2    . A   B 2 8  ? 4.317   18.178  -1.085  1.00 58.93  ? 9   A   B C2    1 
ATOM   457  N  N3    . A   B 2 8  ? 4.688   19.438  -1.285  1.00 60.15  ? 9   A   B N3    1 
ATOM   458  C  C4    . A   B 2 8  ? 5.671   19.497  -2.197  1.00 58.17  ? 9   A   B C4    1 
ATOM   459  P  P     . A   B 2 9  ? 9.507   23.672  0.553   1.00 62.32  ? 10  A   B P     1 
ATOM   460  O  OP1   . A   B 2 9  ? 9.822   24.912  1.304   1.00 58.22  ? 10  A   B OP1   1 
ATOM   461  O  OP2   . A   B 2 9  ? 10.597  22.914  -0.120  1.00 53.02  ? 10  A   B OP2   1 
ATOM   462  O  "O5'" . A   B 2 9  ? 8.742   22.680  1.527   1.00 55.83  ? 10  A   B "O5'" 1 
ATOM   463  C  "C5'" . A   B 2 9  ? 7.681   23.147  2.334   1.00 45.59  ? 10  A   B "C5'" 1 
ATOM   464  C  "C4'" . A   B 2 9  ? 7.041   21.989  3.032   1.00 49.22  ? 10  A   B "C4'" 1 
ATOM   465  O  "O4'" . A   B 2 9  ? 6.380   21.166  2.049   1.00 51.32  ? 10  A   B "O4'" 1 
ATOM   466  C  "C3'" . A   B 2 9  ? 8.020   21.053  3.715   1.00 48.76  ? 10  A   B "C3'" 1 
ATOM   467  O  "O3'" . A   B 2 9  ? 8.302   21.539  5.015   1.00 48.34  ? 10  A   B "O3'" 1 
ATOM   468  C  "C2'" . A   B 2 9  ? 7.244   19.746  3.748   1.00 50.03  ? 10  A   B "C2'" 1 
ATOM   469  O  "O2'" . A   B 2 9  ? 6.309   19.654  4.800   1.00 50.73  ? 10  A   B "O2'" 1 
ATOM   470  C  "C1'" . A   B 2 9  ? 6.511   19.810  2.412   1.00 51.81  ? 10  A   B "C1'" 1 
ATOM   471  N  N9    . A   B 2 9  ? 7.263   19.157  1.358   1.00 56.79  ? 10  A   B N9    1 
ATOM   472  C  C8    . A   B 2 9  ? 8.079   19.704  0.403   1.00 56.52  ? 10  A   B C8    1 
ATOM   473  N  N7    . A   B 2 9  ? 8.587   18.820  -0.419  1.00 58.17  ? 10  A   B N7    1 
ATOM   474  C  C5    . A   B 2 9  ? 8.074   17.613  0.035   1.00 57.91  ? 10  A   B C5    1 
ATOM   475  C  C6    . A   B 2 9  ? 8.227   16.289  -0.405  1.00 57.41  ? 10  A   B C6    1 
ATOM   476  N  N6    . A   B 2 9  ? 8.977   15.936  -1.450  1.00 60.96  ? 10  A   B N6    1 
ATOM   477  N  N1    . A   B 2 9  ? 7.570   15.326  0.275   1.00 57.05  ? 10  A   B N1    1 
ATOM   478  C  C2    . A   B 2 9  ? 6.821   15.678  1.329   1.00 57.14  ? 10  A   B C2    1 
ATOM   479  N  N3    . A   B 2 9  ? 6.603   16.881  1.839   1.00 56.39  ? 10  A   B N3    1 
ATOM   480  C  C4    . A   B 2 9  ? 7.265   17.812  1.134   1.00 57.74  ? 10  A   B C4    1 
ATOM   481  P  P     . G   B 2 10 ? 9.790   21.434  5.595   1.00 53.19  ? 11  G   B P     1 
ATOM   482  O  OP1   . G   B 2 10 ? 9.844   22.195  6.873   1.00 51.56  ? 11  G   B OP1   1 
ATOM   483  O  OP2   . G   B 2 10 ? 10.722  21.781  4.489   1.00 52.07  ? 11  G   B OP2   1 
ATOM   484  O  "O5'" . G   B 2 10 ? 9.935   19.883  5.922   1.00 50.94  ? 11  G   B "O5'" 1 
ATOM   485  C  "C5'" . G   B 2 10 ? 9.157   19.282  6.948   1.00 43.67  ? 11  G   B "C5'" 1 
ATOM   486  C  "C4'" . G   B 2 10 ? 9.192   17.788  6.804   1.00 45.95  ? 11  G   B "C4'" 1 
ATOM   487  O  "O4'" . G   B 2 10 ? 8.549   17.426  5.557   1.00 46.86  ? 11  G   B "O4'" 1 
ATOM   488  C  "C3'" . G   B 2 10 ? 10.573  17.171  6.697   1.00 45.48  ? 11  G   B "C3'" 1 
ATOM   489  O  "O3'" . G   B 2 10 ? 11.157  16.939  7.959   1.00 47.35  ? 11  G   B "O3'" 1 
ATOM   490  C  "C2'" . G   B 2 10 ? 10.281  15.866  5.978   1.00 49.32  ? 11  G   B "C2'" 1 
ATOM   491  O  "O2'" . G   B 2 10 ? 9.709   14.883  6.824   1.00 49.42  ? 11  G   B "O2'" 1 
ATOM   492  C  "C1'" . G   B 2 10 ? 9.232   16.329  4.976   1.00 48.02  ? 11  G   B "C1'" 1 
ATOM   493  N  N9    . G   B 2 10 ? 9.897   16.808  3.773   1.00 48.07  ? 11  G   B N9    1 
ATOM   494  C  C8    . G   B 2 10 ? 10.151  18.112  3.419   1.00 45.88  ? 11  G   B C8    1 
ATOM   495  N  N7    . G   B 2 10 ? 10.739  18.222  2.259   1.00 47.19  ? 11  G   B N7    1 
ATOM   496  C  C5    . G   B 2 10 ? 10.886  16.913  1.826   1.00 47.03  ? 11  G   B C5    1 
ATOM   497  C  C6    . G   B 2 10 ? 11.444  16.394  0.626   1.00 46.93  ? 11  G   B C6    1 
ATOM   498  O  O6    . G   B 2 10 ? 11.940  17.016  -0.323  1.00 52.22  ? 11  G   B O6    1 
ATOM   499  N  N1    . G   B 2 10 ? 11.390  15.001  0.595   1.00 45.49  ? 11  G   B N1    1 
ATOM   500  C  C2    . G   B 2 10 ? 10.873  14.207  1.597   1.00 44.23  ? 11  G   B C2    1 
ATOM   501  N  N2    . G   B 2 10 ? 10.924  12.887  1.397   1.00 42.74  ? 11  G   B N2    1 
ATOM   502  N  N3    . G   B 2 10 ? 10.347  14.677  2.717   1.00 44.52  ? 11  G   B N3    1 
ATOM   503  C  C4    . G   B 2 10 ? 10.385  16.028  2.761   1.00 47.57  ? 11  G   B C4    1 
ATOM   504  P  P     . G   B 2 11 ? 12.743  16.769  8.063   1.00 50.49  ? 12  G   B P     1 
ATOM   505  O  OP1   . G   B 2 11 ? 13.092  16.716  9.495   1.00 47.04  ? 12  G   B OP1   1 
ATOM   506  O  OP2   . G   B 2 11 ? 13.358  17.799  7.176   1.00 48.25  ? 12  G   B OP2   1 
ATOM   507  O  "O5'" . G   B 2 11 ? 13.031  15.339  7.434   1.00 49.03  ? 12  G   B "O5'" 1 
ATOM   508  C  "C5'" . G   B 2 11 ? 12.679  14.171  8.142   1.00 44.23  ? 12  G   B "C5'" 1 
ATOM   509  C  "C4'" . G   B 2 11 ? 13.026  12.941  7.341   1.00 47.29  ? 12  G   B "C4'" 1 
ATOM   510  O  "O4'" . G   B 2 11 ? 12.386  13.038  6.041   1.00 45.68  ? 12  G   B "O4'" 1 
ATOM   511  C  "C3'" . G   B 2 11 ? 14.493  12.779  6.988   1.00 45.90  ? 12  G   B "C3'" 1 
ATOM   512  O  "O3'" . G   B 2 11 ? 15.259  12.187  8.024   1.00 47.13  ? 12  G   B "O3'" 1 
ATOM   513  C  "C2'" . G   B 2 11 ? 14.421  11.867  5.778   1.00 46.52  ? 12  G   B "C2'" 1 
ATOM   514  O  "O2'" . G   B 2 11 ? 14.135  10.542  6.161   1.00 47.35  ? 12  G   B "O2'" 1 
ATOM   515  C  "C1'" . G   B 2 11 ? 13.201  12.429  5.062   1.00 43.80  ? 12  G   B "C1'" 1 
ATOM   516  N  N9    . G   B 2 11 ? 13.583  13.418  4.063   1.00 43.50  ? 12  G   B N9    1 
ATOM   517  C  C8    . G   B 2 11 ? 13.456  14.787  4.124   1.00 44.12  ? 12  G   B C8    1 
ATOM   518  N  N7    . G   B 2 11 ? 13.892  15.388  3.044   1.00 42.59  ? 12  G   B N7    1 
ATOM   519  C  C5    . G   B 2 11 ? 14.329  14.351  2.227   1.00 41.51  ? 12  G   B C5    1 
ATOM   520  C  C6    . G   B 2 11 ? 14.894  14.374  0.911   1.00 42.75  ? 12  G   B C6    1 
ATOM   521  O  O6    . G   B 2 11 ? 15.123  15.350  0.176   1.00 43.13  ? 12  G   B O6    1 
ATOM   522  N  N1    . G   B 2 11 ? 15.197  13.090  0.466   1.00 40.70  ? 12  G   B N1    1 
ATOM   523  C  C2    . G   B 2 11 ? 14.988  11.934  1.181   1.00 42.51  ? 12  G   B C2    1 
ATOM   524  N  N2    . G   B 2 11 ? 15.350  10.788  0.579   1.00 41.92  ? 12  G   B N2    1 
ATOM   525  N  N3    . G   B 2 11 ? 14.462  11.900  2.396   1.00 41.38  ? 12  G   B N3    1 
ATOM   526  C  C4    . G   B 2 11 ? 14.155  13.135  2.848   1.00 40.53  ? 12  G   B C4    1 
ATOM   527  P  P     . G   B 2 12 ? 16.845  12.397  8.039   1.00 50.46  ? 13  G   B P     1 
ATOM   528  O  OP1   . G   B 2 12 ? 17.385  11.816  9.293   1.00 52.00  ? 13  G   B OP1   1 
ATOM   529  O  OP2   . G   B 2 12 ? 17.103  13.825  7.712   1.00 47.61  ? 13  G   B OP2   1 
ATOM   530  O  "O5'" . G   B 2 12 ? 17.352  11.517  6.818   1.00 48.61  ? 13  G   B "O5'" 1 
ATOM   531  C  "C5'" . G   B 2 12 ? 17.123  10.124  6.801   1.00 46.86  ? 13  G   B "C5'" 1 
ATOM   532  C  "C4'" . G   B 2 12 ? 17.715  9.526   5.563   1.00 47.71  ? 13  G   B "C4'" 1 
ATOM   533  O  "O4'" . G   B 2 12 ? 17.032  10.074  4.408   1.00 51.59  ? 13  G   B "O4'" 1 
ATOM   534  C  "C3'" . G   B 2 12 ? 19.166  9.897   5.337   1.00 47.13  ? 13  G   B "C3'" 1 
ATOM   535  O  "O3'" . G   B 2 12 ? 20.080  9.152   6.145   1.00 54.72  ? 13  G   B "O3'" 1 
ATOM   536  C  "C2'" . G   B 2 12 ? 19.308  9.712   3.835   1.00 46.39  ? 13  G   B "C2'" 1 
ATOM   537  O  "O2'" . G   B 2 12 ? 19.483  8.357   3.472   1.00 47.69  ? 13  G   B "O2'" 1 
ATOM   538  C  "C1'" . G   B 2 12 ? 17.948  10.216  3.344   1.00 46.84  ? 13  G   B "C1'" 1 
ATOM   539  N  N9    . G   B 2 12 ? 17.969  11.609  2.944   1.00 47.08  ? 13  G   B N9    1 
ATOM   540  C  C8    . G   B 2 12 ? 17.574  12.703  3.678   1.00 46.11  ? 13  G   B C8    1 
ATOM   541  N  N7    . G   B 2 12 ? 17.702  13.827  3.032   1.00 44.50  ? 13  G   B N7    1 
ATOM   542  C  C5    . G   B 2 12 ? 18.215  13.451  1.794   1.00 46.20  ? 13  G   B C5    1 
ATOM   543  C  C6    . G   B 2 12 ? 18.554  14.237  0.653   1.00 45.86  ? 13  G   B C6    1 
ATOM   544  O  O6    . G   B 2 12 ? 18.461  15.462  0.496   1.00 44.20  ? 13  G   B O6    1 
ATOM   545  N  N1    . G   B 2 12 ? 19.042  13.446  -0.383  1.00 45.89  ? 13  G   B N1    1 
ATOM   546  C  C2    . G   B 2 12 ? 19.183  12.083  -0.335  1.00 49.03  ? 13  G   B C2    1 
ATOM   547  N  N2    . G   B 2 12 ? 19.674  11.495  -1.440  1.00 50.02  ? 13  G   B N2    1 
ATOM   548  N  N3    . G   B 2 12 ? 18.868  11.344  0.714   1.00 48.55  ? 13  G   B N3    1 
ATOM   549  C  C4    . G   B 2 12 ? 18.391  12.093  1.734   1.00 46.90  ? 13  G   B C4    1 
ATOM   550  O  "O5'" . G   C 3 1  ? 26.058  3.631   -1.012  1.00 53.57  ? 15  G   C "O5'" 1 
ATOM   551  C  "C5'" . G   C 3 1  ? 26.481  4.655   -1.906  1.00 50.43  ? 15  G   C "C5'" 1 
ATOM   552  C  "C4'" . G   C 3 1  ? 26.813  4.059   -3.244  1.00 52.27  ? 15  G   C "C4'" 1 
ATOM   553  O  "O4'" . G   C 3 1  ? 27.836  3.052   -3.061  1.00 53.87  ? 15  G   C "O4'" 1 
ATOM   554  C  "C3'" . G   C 3 1  ? 25.674  3.311   -3.908  1.00 53.39  ? 15  G   C "C3'" 1 
ATOM   555  O  "O3'" . G   C 3 1  ? 24.894  4.214   -4.665  1.00 51.11  ? 15  G   C "O3'" 1 
ATOM   556  C  "C2'" . G   C 3 1  ? 26.407  2.344   -4.822  1.00 52.21  ? 15  G   C "C2'" 1 
ATOM   557  O  "O2'" . G   C 3 1  ? 26.841  2.973   -6.008  1.00 56.72  ? 15  G   C "O2'" 1 
ATOM   558  C  "C1'" . G   C 3 1  ? 27.617  1.981   -3.961  1.00 52.47  ? 15  G   C "C1'" 1 
ATOM   559  N  N9    . G   C 3 1  ? 27.463  0.755   -3.185  1.00 51.67  ? 15  G   C N9    1 
ATOM   560  C  C8    . G   C 3 1  ? 27.268  0.650   -1.832  1.00 48.06  ? 15  G   C C8    1 
ATOM   561  N  N7    . G   C 3 1  ? 27.197  -0.585  -1.420  1.00 49.66  ? 15  G   C N7    1 
ATOM   562  C  C5    . G   C 3 1  ? 27.343  -1.339  -2.573  1.00 52.04  ? 15  G   C C5    1 
ATOM   563  C  C6    . G   C 3 1  ? 27.353  -2.749  -2.760  1.00 52.65  ? 15  G   C C6    1 
ATOM   564  O  O6    . G   C 3 1  ? 27.226  -3.641  -1.914  1.00 53.58  ? 15  G   C O6    1 
ATOM   565  N  N1    . G   C 3 1  ? 27.533  -3.085  -4.094  1.00 52.93  ? 15  G   C N1    1 
ATOM   566  C  C2    . G   C 3 1  ? 27.682  -2.187  -5.121  1.00 52.68  ? 15  G   C C2    1 
ATOM   567  N  N2    . G   C 3 1  ? 27.840  -2.707  -6.343  1.00 56.29  ? 15  G   C N2    1 
ATOM   568  N  N3    . G   C 3 1  ? 27.676  -0.876  -4.963  1.00 52.06  ? 15  G   C N3    1 
ATOM   569  C  C4    . G   C 3 1  ? 27.503  -0.527  -3.673  1.00 52.06  ? 15  G   C C4    1 
ATOM   570  P  P     . G   C 3 2  ? 23.312  3.978   -4.789  1.00 49.36  ? 16  G   C P     1 
ATOM   571  O  OP1   . G   C 3 2  ? 22.699  5.276   -5.187  1.00 49.30  ? 16  G   C OP1   1 
ATOM   572  O  OP2   . G   C 3 2  ? 22.871  3.300   -3.544  1.00 48.06  ? 16  G   C OP2   1 
ATOM   573  O  "O5'" . G   C 3 2  ? 23.161  2.942   -5.984  1.00 50.11  ? 16  G   C "O5'" 1 
ATOM   574  C  "C5'" . G   C 3 2  ? 23.664  3.247   -7.278  1.00 50.02  ? 16  G   C "C5'" 1 
ATOM   575  C  "C4'" . G   C 3 2  ? 23.662  2.007   -8.113  1.00 51.10  ? 16  G   C "C4'" 1 
ATOM   576  O  "O4'" . G   C 3 2  ? 24.672  1.105   -7.604  1.00 53.62  ? 16  G   C "O4'" 1 
ATOM   577  C  "C3'" . G   C 3 2  ? 22.384  1.206   -7.961  1.00 53.97  ? 16  G   C "C3'" 1 
ATOM   578  O  "O3'" . G   C 3 2  ? 21.342  1.684   -8.788  1.00 53.79  ? 16  G   C "O3'" 1 
ATOM   579  C  "C2'" . G   C 3 2  ? 22.825  -0.191  -8.349  1.00 53.80  ? 16  G   C "C2'" 1 
ATOM   580  O  "O2'" . G   C 3 2  ? 22.909  -0.371  -9.747  1.00 56.65  ? 16  G   C "O2'" 1 
ATOM   581  C  "C1'" . G   C 3 2  ? 24.220  -0.236  -7.736  1.00 56.77  ? 16  G   C "C1'" 1 
ATOM   582  N  N9    . G   C 3 2  ? 24.205  -0.875  -6.424  1.00 60.11  ? 16  G   C N9    1 
ATOM   583  C  C8    . G   C 3 2  ? 24.057  -0.279  -5.195  1.00 60.21  ? 16  G   C C8    1 
ATOM   584  N  N7    . G   C 3 2  ? 24.075  -1.135  -4.207  1.00 60.83  ? 16  G   C N7    1 
ATOM   585  C  C5    . G   C 3 2  ? 24.246  -2.367  -4.821  1.00 62.36  ? 16  G   C C5    1 
ATOM   586  C  C6    . G   C 3 2  ? 24.338  -3.669  -4.262  1.00 64.13  ? 16  G   C C6    1 
ATOM   587  O  O6    . G   C 3 2  ? 24.282  -4.004  -3.071  1.00 64.62  ? 16  G   C O6    1 
ATOM   588  N  N1    . G   C 3 2  ? 24.508  -4.635  -5.248  1.00 66.68  ? 16  G   C N1    1 
ATOM   589  C  C2    . G   C 3 2  ? 24.584  -4.383  -6.600  1.00 66.34  ? 16  G   C C2    1 
ATOM   590  N  N2    . G   C 3 2  ? 24.755  -5.448  -7.400  1.00 67.14  ? 16  G   C N2    1 
ATOM   591  N  N3    . G   C 3 2  ? 24.498  -3.176  -7.130  1.00 63.58  ? 16  G   C N3    1 
ATOM   592  C  C4    . G   C 3 2  ? 24.330  -2.224  -6.190  1.00 61.71  ? 16  G   C C4    1 
ATOM   593  P  P     . C   C 3 3  ? 19.818  1.458   -8.336  1.00 52.39  ? 17  C   C P     1 
ATOM   594  O  OP1   . C   C 3 3  ? 18.957  2.236   -9.257  1.00 49.94  ? 17  C   C OP1   1 
ATOM   595  O  OP2   . C   C 3 3  ? 19.742  1.684   -6.865  1.00 50.96  ? 17  C   C OP2   1 
ATOM   596  O  "O5'" . C   C 3 3  ? 19.553  -0.089  -8.586  1.00 45.88  ? 17  C   C "O5'" 1 
ATOM   597  C  "C5'" . C   C 3 3  ? 19.492  -0.605  -9.905  1.00 51.04  ? 17  C   C "C5'" 1 
ATOM   598  C  "C4'" . C   C 3 3  ? 19.416  -2.107  -9.863  1.00 50.97  ? 17  C   C "C4'" 1 
ATOM   599  O  "O4'" . C   C 3 3  ? 20.622  -2.612  -9.234  1.00 49.01  ? 17  C   C "O4'" 1 
ATOM   600  C  "C3'" . C   C 3 3  ? 18.308  -2.663  -8.991  1.00 51.67  ? 17  C   C "C3'" 1 
ATOM   601  O  "O3'" . C   C 3 3  ? 17.042  -2.692  -9.623  1.00 55.24  ? 17  C   C "O3'" 1 
ATOM   602  C  "C2'" . C   C 3 3  ? 18.828  -4.051  -8.656  1.00 50.71  ? 17  C   C "C2'" 1 
ATOM   603  O  "O2'" . C   C 3 3  ? 18.658  -4.986  -9.706  1.00 53.87  ? 17  C   C "O2'" 1 
ATOM   604  C  "C1'" . C   C 3 3  ? 20.310  -3.755  -8.458  1.00 48.14  ? 17  C   C "C1'" 1 
ATOM   605  N  N1    . C   C 3 3  ? 20.576  -3.444  -7.055  1.00 47.83  ? 17  C   C N1    1 
ATOM   606  C  C2    . C   C 3 3  ? 20.808  -4.497  -6.172  1.00 45.95  ? 17  C   C C2    1 
ATOM   607  O  O2    . C   C 3 3  ? 20.772  -5.650  -6.605  1.00 43.61  ? 17  C   C O2    1 
ATOM   608  N  N3    . C   C 3 3  ? 21.058  -4.235  -4.876  1.00 45.74  ? 17  C   C N3    1 
ATOM   609  C  C4    . C   C 3 3  ? 21.075  -2.977  -4.447  1.00 44.01  ? 17  C   C C4    1 
ATOM   610  N  N4    . C   C 3 3  ? 21.333  -2.764  -3.155  1.00 41.60  ? 17  C   C N4    1 
ATOM   611  C  C5    . C   C 3 3  ? 20.832  -1.877  -5.327  1.00 46.47  ? 17  C   C C5    1 
ATOM   612  C  C6    . C   C 3 3  ? 20.593  -2.156  -6.611  1.00 46.77  ? 17  C   C C6    1 
ATOM   613  P  P     . A   C 3 4  ? 15.719  -2.698  -8.714  1.00 59.93  ? 18  A   C P     1 
ATOM   614  O  OP1   . A   C 3 4  ? 14.531  -2.741  -9.607  1.00 60.25  ? 18  A   C OP1   1 
ATOM   615  O  OP2   . A   C 3 4  ? 15.851  -1.616  -7.702  1.00 53.59  ? 18  A   C OP2   1 
ATOM   616  O  "O5'" . A   C 3 4  ? 15.816  -4.083  -7.949  1.00 52.85  ? 18  A   C "O5'" 1 
ATOM   617  C  "C5'" . A   C 3 4  ? 15.685  -5.287  -8.666  1.00 53.36  ? 18  A   C "C5'" 1 
ATOM   618  C  "C4'" . A   C 3 4  ? 15.662  -6.439  -7.715  1.00 54.49  ? 18  A   C "C4'" 1 
ATOM   619  O  "O4'" . A   C 3 4  ? 16.961  -6.543  -7.083  1.00 52.89  ? 18  A   C "O4'" 1 
ATOM   620  C  "C3'" . A   C 3 4  ? 14.712  -6.245  -6.549  1.00 57.63  ? 18  A   C "C3'" 1 
ATOM   621  O  "O3'" . A   C 3 4  ? 13.377  -6.579  -6.898  1.00 62.23  ? 18  A   C "O3'" 1 
ATOM   622  C  "C2'" . A   C 3 4  ? 15.302  -7.178  -5.503  1.00 57.60  ? 18  A   C "C2'" 1 
ATOM   623  O  "O2'" . A   C 3 4  ? 14.979  -8.533  -5.720  1.00 56.19  ? 18  A   C "O2'" 1 
ATOM   624  C  "C1'" . A   C 3 4  ? 16.796  -6.984  -5.749  1.00 54.88  ? 18  A   C "C1'" 1 
ATOM   625  N  N9    . A   C 3 4  ? 17.351  -5.987  -4.849  1.00 53.72  ? 18  A   C N9    1 
ATOM   626  C  C8    . A   C 3 4  ? 17.695  -4.683  -5.075  1.00 53.52  ? 18  A   C C8    1 
ATOM   627  N  N7    . A   C 3 4  ? 18.179  -4.078  -4.020  1.00 52.79  ? 18  A   C N7    1 
ATOM   628  C  C5    . A   C 3 4  ? 18.147  -5.055  -3.035  1.00 53.84  ? 18  A   C C5    1 
ATOM   629  C  C6    . A   C 3 4  ? 18.532  -5.059  -1.681  1.00 56.57  ? 18  A   C C6    1 
ATOM   630  N  N6    . A   C 3 4  ? 19.057  -4.005  -1.055  1.00 56.19  ? 18  A   C N6    1 
ATOM   631  N  N1    . A   C 3 4  ? 18.362  -6.203  -0.982  1.00 56.58  ? 18  A   C N1    1 
ATOM   632  C  C2    . A   C 3 4  ? 17.847  -7.262  -1.609  1.00 57.08  ? 18  A   C C2    1 
ATOM   633  N  N3    . A   C 3 4  ? 17.452  -7.382  -2.874  1.00 56.21  ? 18  A   C N3    1 
ATOM   634  C  C4    . A   C 3 4  ? 17.634  -6.230  -3.535  1.00 53.71  ? 18  A   C C4    1 
ATOM   635  P  P     . G   C 3 5  ? 12.156  -6.003  -6.020  1.00 63.65  ? 19  G   C P     1 
ATOM   636  O  OP1   . G   C 3 5  ? 10.922  -6.527  -6.651  1.00 67.53  ? 19  G   C OP1   1 
ATOM   637  O  OP2   . G   C 3 5  ? 12.312  -4.539  -5.815  1.00 64.88  ? 19  G   C OP2   1 
ATOM   638  O  "O5'" . G   C 3 5  ? 12.334  -6.720  -4.610  1.00 62.23  ? 19  G   C "O5'" 1 
ATOM   639  C  "C5'" . G   C 3 5  ? 12.139  -8.114  -4.511  1.00 54.61  ? 19  G   C "C5'" 1 
ATOM   640  C  "C4'" . G   C 3 5  ? 12.349  -8.587  -3.101  1.00 60.88  ? 19  G   C "C4'" 1 
ATOM   641  O  "O4'" . G   C 3 5  ? 13.728  -8.347  -2.715  1.00 58.07  ? 19  G   C "O4'" 1 
ATOM   642  C  "C3'" . G   C 3 5  ? 11.560  -7.817  -2.054  1.00 64.18  ? 19  G   C "C3'" 1 
ATOM   643  O  "O3'" . G   C 3 5  ? 10.223  -8.273  -1.943  1.00 67.08  ? 19  G   C "O3'" 1 
ATOM   644  C  "C2'" . G   C 3 5  ? 12.354  -8.084  -0.785  1.00 62.41  ? 19  G   C "C2'" 1 
ATOM   645  O  "O2'" . G   C 3 5  ? 12.077  -9.335  -0.194  1.00 63.26  ? 19  G   C "O2'" 1 
ATOM   646  C  "C1'" . G   C 3 5  ? 13.782  -8.083  -1.322  1.00 62.03  ? 19  G   C "C1'" 1 
ATOM   647  N  N9    . G   C 3 5  ? 14.437  -6.808  -1.080  1.00 59.35  ? 19  G   C N9    1 
ATOM   648  C  C8    . G   C 3 5  ? 14.668  -5.781  -1.963  1.00 59.24  ? 19  G   C C8    1 
ATOM   649  N  N7    . G   C 3 5  ? 15.251  -4.758  -1.403  1.00 58.07  ? 19  G   C N7    1 
ATOM   650  C  C5    . G   C 3 5  ? 15.415  -5.138  -0.076  1.00 58.89  ? 19  G   C C5    1 
ATOM   651  C  C6    . G   C 3 5  ? 15.978  -4.441  1.030   1.00 58.61  ? 19  G   C C6    1 
ATOM   652  O  O6    . G   C 3 5  ? 16.449  -3.298  1.060   1.00 59.87  ? 19  G   C O6    1 
ATOM   653  N  N1    . G   C 3 5  ? 15.953  -5.205  2.191   1.00 57.64  ? 19  G   C N1    1 
ATOM   654  C  C2    . G   C 3 5  ? 15.450  -6.470  2.286   1.00 57.28  ? 19  G   C C2    1 
ATOM   655  N  N2    . G   C 3 5  ? 15.536  -7.046  3.491   1.00 55.73  ? 19  G   C N2    1 
ATOM   656  N  N3    . G   C 3 5  ? 14.908  -7.127  1.272   1.00 58.42  ? 19  G   C N3    1 
ATOM   657  C  C4    . G   C 3 5  ? 14.929  -6.406  0.132   1.00 58.88  ? 19  G   C C4    1 
ATOM   658  P  P     . A   C 3 6  ? 9.086   -7.260  -1.437  1.00 70.56  ? 20  A   C P     1 
ATOM   659  O  OP1   . A   C 3 6  ? 7.783   -7.972  -1.450  1.00 68.49  ? 20  A   C OP1   1 
ATOM   660  O  OP2   . A   C 3 6  ? 9.245   -5.996  -2.203  1.00 66.96  ? 20  A   C OP2   1 
ATOM   661  O  "O5'" . A   C 3 6  ? 9.484   -6.989  0.076   1.00 64.04  ? 20  A   C "O5'" 1 
ATOM   662  C  "C5'" . A   C 3 6  ? 9.418   -8.038  1.016   1.00 60.02  ? 20  A   C "C5'" 1 
ATOM   663  C  "C4'" . A   C 3 6  ? 10.039  -7.605  2.307   1.00 62.21  ? 20  A   C "C4'" 1 
ATOM   664  O  "O4'" . A   C 3 6  ? 11.429  -7.288  2.058   1.00 63.55  ? 20  A   C "O4'" 1 
ATOM   665  C  "C3'" . A   C 3 6  ? 9.480   -6.313  2.869   1.00 62.17  ? 20  A   C "C3'" 1 
ATOM   666  O  "O3'" . A   C 3 6  ? 8.295   -6.519  3.610   1.00 59.41  ? 20  A   C "O3'" 1 
ATOM   667  C  "C2'" . A   C 3 6  ? 10.619  -5.825  3.742   1.00 63.69  ? 20  A   C "C2'" 1 
ATOM   668  O  "O2'" . A   C 3 6  ? 10.671  -6.459  5.001   1.00 68.19  ? 20  A   C "O2'" 1 
ATOM   669  C  "C1'" . A   C 3 6  ? 11.826  -6.210  2.888   1.00 62.92  ? 20  A   C "C1'" 1 
ATOM   670  N  N9    . A   C 3 6  ? 12.217  -5.088  2.042   1.00 61.38  ? 20  A   C N9    1 
ATOM   671  C  C8    . A   C 3 6  ? 12.051  -4.879  0.693   1.00 59.91  ? 20  A   C C8    1 
ATOM   672  N  N7    . A   C 3 6  ? 12.493  -3.714  0.285   1.00 58.91  ? 20  A   C N7    1 
ATOM   673  C  C5    . A   C 3 6  ? 12.991  -3.125  1.444   1.00 57.67  ? 20  A   C C5    1 
ATOM   674  C  C6    . A   C 3 6  ? 13.593  -1.878  1.696   1.00 57.41  ? 20  A   C C6    1 
ATOM   675  N  N6    . A   C 3 6  ? 13.804  -0.954  0.759   1.00 58.44  ? 20  A   C N6    1 
ATOM   676  N  N1    . A   C 3 6  ? 13.973  -1.608  2.964   1.00 59.50  ? 20  A   C N1    1 
ATOM   677  C  C2    . A   C 3 6  ? 13.756  -2.533  3.908   1.00 59.97  ? 20  A   C C2    1 
ATOM   678  N  N3    . A   C 3 6  ? 13.198  -3.729  3.796   1.00 56.98  ? 20  A   C N3    1 
ATOM   679  C  C4    . A   C 3 6  ? 12.835  -3.964  2.525   1.00 58.12  ? 20  A   C C4    1 
ATOM   680  P  P     . G   C 3 7  ? 7.173   -5.375  3.624   1.00 62.66  ? 21  G   C P     1 
ATOM   681  O  OP1   . G   C 3 7  ? 6.059   -5.848  4.484   1.00 61.03  ? 21  G   C OP1   1 
ATOM   682  O  OP2   . G   C 3 7  ? 6.905   -4.976  2.211   1.00 55.27  ? 21  G   C OP2   1 
ATOM   683  O  "O5'" . G   C 3 7  ? 7.890   -4.170  4.371   1.00 61.42  ? 21  G   C "O5'" 1 
ATOM   684  C  "C5'" . G   C 3 7  ? 8.347   -4.326  5.703   1.00 60.37  ? 21  G   C "C5'" 1 
ATOM   685  C  "C4'" . G   C 3 7  ? 9.019   -3.067  6.160   1.00 60.04  ? 21  G   C "C4'" 1 
ATOM   686  O  "O4'" . G   C 3 7  ? 10.199  -2.855  5.349   1.00 61.34  ? 21  G   C "O4'" 1 
ATOM   687  C  "C3'" . G   C 3 7  ? 8.209   -1.804  5.945   1.00 61.67  ? 21  G   C "C3'" 1 
ATOM   688  O  "O3'" . G   C 3 7  ? 7.309   -1.570  7.006   1.00 64.77  ? 21  G   C "O3'" 1 
ATOM   689  C  "C2'" . G   C 3 7  ? 9.289   -0.741  5.904   1.00 60.35  ? 21  G   C "C2'" 1 
ATOM   690  O  "O2'" . G   C 3 7  ? 9.771   -0.449  7.198   1.00 64.96  ? 21  G   C "O2'" 1 
ATOM   691  C  "C1'" . G   C 3 7  ? 10.382  -1.468  5.128   1.00 55.56  ? 21  G   C "C1'" 1 
ATOM   692  N  N9    . G   C 3 7  ? 10.326  -1.212  3.689   1.00 51.84  ? 21  G   C N9    1 
ATOM   693  C  C8    . G   C 3 7  ? 9.656   -1.940  2.731   1.00 50.56  ? 21  G   C C8    1 
ATOM   694  N  N7    . G   C 3 7  ? 9.820   -1.470  1.521   1.00 50.08  ? 21  G   C N7    1 
ATOM   695  C  C5    . G   C 3 7  ? 10.643  -0.357  1.691   1.00 49.15  ? 21  G   C C5    1 
ATOM   696  C  C6    . G   C 3 7  ? 11.180  0.576   0.729   1.00 49.99  ? 21  G   C C6    1 
ATOM   697  O  O6    . G   C 3 7  ? 11.035  0.597   -0.509  1.00 54.12  ? 21  G   C O6    1 
ATOM   698  N  N1    . G   C 3 7  ? 11.957  1.557   1.345   1.00 48.44  ? 21  G   C N1    1 
ATOM   699  C  C2    . G   C 3 7  ? 12.196  1.644   2.699   1.00 50.39  ? 21  G   C C2    1 
ATOM   700  N  N2    . G   C 3 7  ? 12.955  2.688   3.104   1.00 45.35  ? 21  G   C N2    1 
ATOM   701  N  N3    . G   C 3 7  ? 11.720  0.784   3.595   1.00 50.57  ? 21  G   C N3    1 
ATOM   702  C  C4    . G   C 3 7  ? 10.957  -0.182  3.024   1.00 49.47  ? 21  G   C C4    1 
ATOM   703  P  P     . A   C 3 8  ? 5.831   -1.053  6.679   1.00 69.07  ? 22  A   C P     1 
ATOM   704  O  OP1   . A   C 3 8  ? 4.961   -2.250  6.589   1.00 70.27  ? 22  A   C OP1   1 
ATOM   705  O  OP2   . A   C 3 8  ? 5.920   -0.135  5.522   1.00 74.45  ? 22  A   C OP2   1 
ATOM   706  O  "O5'" . A   C 3 8  ? 5.442   -0.208  7.972   1.00 66.81  ? 22  A   C "O5'" 1 
ATOM   707  C  "C5'" . A   C 3 8  ? 5.630   1.206   8.022   1.00 63.34  ? 22  A   C "C5'" 1 
ATOM   708  C  "C4'" . A   C 3 8  ? 6.662   1.561   9.073   1.00 61.53  ? 22  A   C "C4'" 1 
ATOM   709  O  "O4'" . A   C 3 8  ? 7.992   1.317   8.542   1.00 58.62  ? 22  A   C "O4'" 1 
ATOM   710  C  "C3'" . A   C 3 8  ? 6.697   3.027   9.458   1.00 59.30  ? 22  A   C "C3'" 1 
ATOM   711  O  "O3'" . A   C 3 8  ? 5.717   3.303   10.436  1.00 61.82  ? 22  A   C "O3'" 1 
ATOM   712  C  "C2'" . A   C 3 8  ? 8.113   3.196   9.987   1.00 57.75  ? 22  A   C "C2'" 1 
ATOM   713  O  "O2'" . A   C 3 8  ? 8.283   2.727   11.303  1.00 54.00  ? 22  A   C "O2'" 1 
ATOM   714  C  "C1'" . A   C 3 8  ? 8.895   2.304   9.025   1.00 56.90  ? 22  A   C "C1'" 1 
ATOM   715  N  N9    . A   C 3 8  ? 9.411   3.063   7.883   1.00 55.41  ? 22  A   C N9    1 
ATOM   716  C  C8    . A   C 3 8  ? 9.062   2.936   6.561   1.00 55.09  ? 22  A   C C8    1 
ATOM   717  N  N7    . A   C 3 8  ? 9.690   3.770   5.767   1.00 53.52  ? 22  A   C N7    1 
ATOM   718  C  C5    . A   C 3 8  ? 10.510  4.492   6.624   1.00 54.63  ? 22  A   C C5    1 
ATOM   719  C  C6    . A   C 3 8  ? 11.429  5.536   6.401   1.00 53.35  ? 22  A   C C6    1 
ATOM   720  N  N6    . A   C 3 8  ? 11.686  6.055   5.193   1.00 47.60  ? 22  A   C N6    1 
ATOM   721  N  N1    . A   C 3 8  ? 12.084  6.037   7.475   1.00 52.25  ? 22  A   C N1    1 
ATOM   722  C  C2    . A   C 3 8  ? 11.823  5.521   8.679   1.00 53.10  ? 22  A   C C2    1 
ATOM   723  N  N3    . A   C 3 8  ? 10.980  4.544   9.015   1.00 52.82  ? 22  A   C N3    1 
ATOM   724  C  C4    . A   C 3 8  ? 10.348  4.066   7.930   1.00 53.08  ? 22  A   C C4    1 
ATOM   725  P  P     . A   C 3 9  ? 4.873   4.661   10.336  1.00 67.96  ? 23  A   C P     1 
ATOM   726  O  OP1   . A   C 3 9  ? 3.871   4.648   11.421  1.00 67.44  ? 23  A   C OP1   1 
ATOM   727  O  OP2   . A   C 3 9  ? 4.438   4.844   8.924   1.00 64.67  ? 23  A   C OP2   1 
ATOM   728  O  "O5'" . A   C 3 9  ? 5.944   5.775   10.689  1.00 62.12  ? 23  A   C "O5'" 1 
ATOM   729  C  "C5'" . A   C 3 9  ? 6.732   5.644   11.856  1.00 62.47  ? 23  A   C "C5'" 1 
ATOM   730  C  "C4'" . A   C 3 9  ? 7.829   6.663   11.850  1.00 63.31  ? 23  A   C "C4'" 1 
ATOM   731  O  "O4'" . A   C 3 9  ? 8.788   6.321   10.818  1.00 61.78  ? 23  A   C "O4'" 1 
ATOM   732  C  "C3'" . A   C 3 9  ? 7.373   8.059   11.476  1.00 62.73  ? 23  A   C "C3'" 1 
ATOM   733  O  "O3'" . A   C 3 9  ? 6.851   8.754   12.591  1.00 58.65  ? 23  A   C "O3'" 1 
ATOM   734  C  "C2'" . A   C 3 9  ? 8.660   8.687   10.976  1.00 62.34  ? 23  A   C "C2'" 1 
ATOM   735  O  "O2'" . A   C 3 9  ? 9.497   9.090   12.039  1.00 66.87  ? 23  A   C "O2'" 1 
ATOM   736  C  "C1'" . A   C 3 9  ? 9.297   7.509   10.244  1.00 60.63  ? 23  A   C "C1'" 1 
ATOM   737  N  N9    . A   C 3 9  ? 8.950   7.518   8.831   1.00 56.05  ? 23  A   C N9    1 
ATOM   738  C  C8    . A   C 3 9  ? 8.030   6.751   8.176   1.00 54.83  ? 23  A   C C8    1 
ATOM   739  N  N7    . A   C 3 9  ? 7.953   7.005   6.893   1.00 53.45  ? 23  A   C N7    1 
ATOM   740  C  C5    . A   C 3 9  ? 8.889   8.008   6.695   1.00 53.39  ? 23  A   C C5    1 
ATOM   741  C  C6    . A   C 3 9  ? 9.297   8.713   5.547   1.00 50.54  ? 23  A   C C6    1 
ATOM   742  N  N6    . A   C 3 9  ? 8.784   8.512   4.334   1.00 49.09  ? 23  A   C N6    1 
ATOM   743  N  N1    . A   C 3 9  ? 10.261  9.645   5.693   1.00 52.78  ? 23  A   C N1    1 
ATOM   744  C  C2    . A   C 3 9  ? 10.765  9.857   6.916   1.00 54.39  ? 23  A   C C2    1 
ATOM   745  N  N3    . A   C 3 9  ? 10.460  9.264   8.066   1.00 54.13  ? 23  A   C N3    1 
ATOM   746  C  C4    . A   C 3 9  ? 9.506   8.337   7.881   1.00 53.96  ? 23  A   C C4    1 
ATOM   747  P  P     . A   C 3 10 ? 5.713   9.859   12.366  1.00 59.16  ? 24  A   C P     1 
ATOM   748  O  OP1   . A   C 3 10 ? 5.386   10.443  13.692  1.00 64.18  ? 24  A   C OP1   1 
ATOM   749  O  OP2   . A   C 3 10 ? 4.641   9.249   11.542  1.00 59.02  ? 24  A   C OP2   1 
ATOM   750  O  "O5'" . A   C 3 10 ? 6.439   10.965  11.482  1.00 59.62  ? 24  A   C "O5'" 1 
ATOM   751  C  "C5'" . A   C 3 10 ? 7.489   11.756  12.023  1.00 57.31  ? 24  A   C "C5'" 1 
ATOM   752  C  "C4'" . A   C 3 10 ? 8.023   12.685  10.967  1.00 56.08  ? 24  A   C "C4'" 1 
ATOM   753  O  "O4'" . A   C 3 10 ? 8.668   11.900  9.936   1.00 54.75  ? 24  A   C "O4'" 1 
ATOM   754  C  "C3'" . A   C 3 10 ? 6.954   13.443  10.210  1.00 53.61  ? 24  A   C "C3'" 1 
ATOM   755  O  "O3'" . A   C 3 10 ? 6.549   14.603  10.881  1.00 50.77  ? 24  A   C "O3'" 1 
ATOM   756  C  "C2'" . A   C 3 10 ? 7.654   13.782  8.907   1.00 54.87  ? 24  A   C "C2'" 1 
ATOM   757  O  "O2'" . A   C 3 10 ? 8.534   14.880  9.023   1.00 53.67  ? 24  A   C "O2'" 1 
ATOM   758  C  "C1'" . A   C 3 10 ? 8.438   12.498  8.670   1.00 54.67  ? 24  A   C "C1'" 1 
ATOM   759  N  N9    . A   C 3 10 ? 7.633   11.584  7.865   1.00 54.68  ? 24  A   C N9    1 
ATOM   760  C  C8    . A   C 3 10 ? 6.874   10.505  8.258   1.00 55.56  ? 24  A   C C8    1 
ATOM   761  N  N7    . A   C 3 10 ? 6.259   9.906   7.264   1.00 53.48  ? 24  A   C N7    1 
ATOM   762  C  C5    . A   C 3 10 ? 6.644   10.636  6.147   1.00 53.37  ? 24  A   C C5    1 
ATOM   763  C  C6    . A   C 3 10 ? 6.342   10.511  4.779   1.00 53.05  ? 24  A   C C6    1 
ATOM   764  N  N6    . A   C 3 10 ? 5.553   9.554   4.277   1.00 52.88  ? 24  A   C N6    1 
ATOM   765  N  N1    . A   C 3 10 ? 6.890   11.414  3.931   1.00 51.86  ? 24  A   C N1    1 
ATOM   766  C  C2    . A   C 3 10 ? 7.691   12.364  4.431   1.00 53.59  ? 24  A   C C2    1 
ATOM   767  N  N3    . A   C 3 10 ? 8.054   12.580  5.693   1.00 53.08  ? 24  A   C N3    1 
ATOM   768  C  C4    . A   C 3 10 ? 7.489   11.672  6.507   1.00 54.12  ? 24  A   C C4    1 
ATOM   769  P  P     . C   C 3 11 ? 5.140   15.256  10.514  1.00 51.82  ? 25  C   C P     1 
ATOM   770  O  OP1   . C   C 3 11 ? 5.101   16.554  11.230  1.00 47.61  ? 25  C   C OP1   1 
ATOM   771  O  OP2   . C   C 3 11 ? 4.101   14.231  10.772  1.00 51.62  ? 25  C   C OP2   1 
ATOM   772  O  "O5'" . C   C 3 11 ? 5.232   15.547  8.953   1.00 49.34  ? 25  C   C "O5'" 1 
ATOM   773  C  "C5'" . C   C 3 11 ? 6.009   16.637  8.499   1.00 51.03  ? 25  C   C "C5'" 1 
ATOM   774  C  "C4'" . C   C 3 11 ? 5.929   16.758  7.007   1.00 45.82  ? 25  C   C "C4'" 1 
ATOM   775  O  "O4'" . C   C 3 11 ? 6.327   15.497  6.429   1.00 49.66  ? 25  C   C "O4'" 1 
ATOM   776  C  "C3'" . C   C 3 11 ? 4.549   17.002  6.429   1.00 46.51  ? 25  C   C "C3'" 1 
ATOM   777  O  "O3'" . C   C 3 11 ? 4.243   18.381  6.414   1.00 50.63  ? 25  C   C "O3'" 1 
ATOM   778  C  "C2'" . C   C 3 11 ? 4.709   16.488  5.013   1.00 43.33  ? 25  C   C "C2'" 1 
ATOM   779  O  "O2'" . C   C 3 11 ? 5.419   17.405  4.206   1.00 43.75  ? 25  C   C "O2'" 1 
ATOM   780  C  "C1'" . C   C 3 11 ? 5.586   15.266  5.249   1.00 46.92  ? 25  C   C "C1'" 1 
ATOM   781  N  N1    . C   C 3 11 ? 4.782   14.061  5.442   1.00 46.79  ? 25  C   C N1    1 
ATOM   782  C  C2    . C   C 3 11 ? 4.178   13.485  4.325   1.00 46.05  ? 25  C   C C2    1 
ATOM   783  O  O2    . C   C 3 11 ? 4.338   14.022  3.222   1.00 46.48  ? 25  C   C O2    1 
ATOM   784  N  N3    . C   C 3 11 ? 3.432   12.367  4.469   1.00 43.15  ? 25  C   C N3    1 
ATOM   785  C  C4    . C   C 3 11 ? 3.276   11.831  5.681   1.00 43.67  ? 25  C   C C4    1 
ATOM   786  N  N4    . C   C 3 11 ? 2.518   10.736  5.783   1.00 44.38  ? 25  C   C N4    1 
ATOM   787  C  C5    . C   C 3 11 ? 3.883   12.397  6.844   1.00 41.87  ? 25  C   C C5    1 
ATOM   788  C  C6    . C   C 3 11 ? 4.621   13.505  6.680   1.00 43.35  ? 25  C   C C6    1 
ATOM   789  P  P     . A   C 3 12 ? 2.714   18.849  6.361   1.00 52.16  ? 26  A   C P     1 
ATOM   790  O  OP1   . A   C 3 12 ? 2.710   20.331  6.454   1.00 51.68  ? 26  A   C OP1   1 
ATOM   791  O  OP2   . A   C 3 12 ? 1.974   18.036  7.351   1.00 51.36  ? 26  A   C OP2   1 
ATOM   792  O  "O5'" . A   C 3 12 ? 2.210   18.432  4.914   1.00 51.63  ? 26  A   C "O5'" 1 
ATOM   793  C  "C5'" . A   C 3 12 ? 2.692   19.112  3.764   1.00 48.90  ? 26  A   C "C5'" 1 
ATOM   794  C  "C4'" . A   C 3 12 ? 2.126   18.482  2.524   1.00 49.64  ? 26  A   C "C4'" 1 
ATOM   795  O  "O4'" . A   C 3 12 ? 2.500   17.089  2.517   1.00 45.49  ? 26  A   C "O4'" 1 
ATOM   796  C  "C3'" . A   C 3 12 ? 0.616   18.428  2.481   1.00 52.20  ? 26  A   C "C3'" 1 
ATOM   797  O  "O3'" . A   C 3 12 ? 0.059   19.633  2.021   1.00 54.18  ? 26  A   C "O3'" 1 
ATOM   798  C  "C2'" . A   C 3 12 ? 0.355   17.270  1.532   1.00 51.67  ? 26  A   C "C2'" 1 
ATOM   799  O  "O2'" . A   C 3 12 ? 0.553   17.592  0.169   1.00 52.02  ? 26  A   C "O2'" 1 
ATOM   800  C  "C1'" . A   C 3 12 ? 1.452   16.312  1.964   1.00 47.34  ? 26  A   C "C1'" 1 
ATOM   801  N  N9    . A   C 3 12 ? 0.990   15.381  2.983   1.00 43.35  ? 26  A   C N9    1 
ATOM   802  C  C8    . A   C 3 12 ? 1.284   15.368  4.326   1.00 45.06  ? 26  A   C C8    1 
ATOM   803  N  N7    . A   C 3 12 ? 0.773   14.341  4.966   1.00 41.95  ? 26  A   C N7    1 
ATOM   804  C  C5    . A   C 3 12 ? 0.079   13.644  3.983   1.00 41.52  ? 26  A   C C5    1 
ATOM   805  C  C6    . A   C 3 12 ? -0.670  12.453  4.014   1.00 40.63  ? 26  A   C C6    1 
ATOM   806  N  N6    . A   C 3 12 ? -0.842  11.717  5.118   1.00 43.31  ? 26  A   C N6    1 
ATOM   807  N  N1    . A   C 3 12 ? -1.238  12.037  2.857   1.00 40.23  ? 26  A   C N1    1 
ATOM   808  C  C2    . A   C 3 12 ? -1.060  12.777  1.753   1.00 41.75  ? 26  A   C C2    1 
ATOM   809  N  N3    . A   C 3 12 ? -0.371  13.912  1.599   1.00 41.19  ? 26  A   C N3    1 
ATOM   810  C  C4    . A   C 3 12 ? 0.183   14.291  2.762   1.00 40.51  ? 26  A   C C4    1 
ATOM   811  P  P     . C   C 3 13 ? -1.378  20.069  2.558   1.00 55.55  ? 27  C   C P     1 
ATOM   812  O  OP1   . C   C 3 13 ? -1.604  21.436  2.019   1.00 45.12  ? 27  C   C OP1   1 
ATOM   813  O  OP2   . C   C 3 13 ? -1.370  19.831  4.032   1.00 49.87  ? 27  C   C OP2   1 
ATOM   814  O  "O5'" . C   C 3 13 ? -2.382  19.043  1.861   1.00 46.01  ? 27  C   C "O5'" 1 
ATOM   815  C  "C5'" . C   C 3 13 ? -2.529  19.038  0.450   1.00 52.04  ? 27  C   C "C5'" 1 
ATOM   816  C  "C4'" . C   C 3 13 ? -3.318  17.836  0.006   1.00 53.70  ? 27  C   C "C4'" 1 
ATOM   817  O  "O4'" . C   C 3 13 ? -2.631  16.629  0.432   1.00 52.92  ? 27  C   C "O4'" 1 
ATOM   818  C  "C3'" . C   C 3 13 ? -4.682  17.703  0.653   1.00 56.24  ? 27  C   C "C3'" 1 
ATOM   819  O  "O3'" . C   C 3 13 ? -5.647  18.514  0.005   1.00 60.98  ? 27  C   C "O3'" 1 
ATOM   820  C  "C2'" . C   C 3 13 ? -4.965  16.213  0.513   1.00 53.61  ? 27  C   C "C2'" 1 
ATOM   821  O  "O2'" . C   C 3 13 ? -5.413  15.856  -0.784  1.00 54.69  ? 27  C   C "O2'" 1 
ATOM   822  C  "C1'" . C   C 3 13 ? -3.577  15.624  0.757   1.00 48.48  ? 27  C   C "C1'" 1 
ATOM   823  N  N1    . C   C 3 13 ? -3.387  15.231  2.156   1.00 45.08  ? 27  C   C N1    1 
ATOM   824  C  C2    . C   C 3 13 ? -3.888  13.991  2.577   1.00 46.20  ? 27  C   C C2    1 
ATOM   825  O  O2    . C   C 3 13 ? -4.436  13.260  1.744   1.00 48.86  ? 27  C   C O2    1 
ATOM   826  N  N3    . C   C 3 13 ? -3.761  13.622  3.872   1.00 43.31  ? 27  C   C N3    1 
ATOM   827  C  C4    . C   C 3 13 ? -3.163  14.442  4.737   1.00 42.73  ? 27  C   C C4    1 
ATOM   828  N  N4    . C   C 3 13 ? -3.083  14.047  6.016   1.00 42.90  ? 27  C   C N4    1 
ATOM   829  C  C5    . C   C 3 13 ? -2.622  15.706  4.335   1.00 44.28  ? 27  C   C C5    1 
ATOM   830  C  C6    . C   C 3 13 ? -2.755  16.054  3.046   1.00 44.40  ? 27  C   C C6    1 
ATOM   831  P  P     . A   C 3 14 ? -6.936  19.004  0.822   1.00 61.49  ? 28  A   C P     1 
ATOM   832  O  OP1   . A   C 3 14 ? -7.679  19.920  -0.069  1.00 61.36  ? 28  A   C OP1   1 
ATOM   833  O  OP2   . A   C 3 14 ? -6.538  19.451  2.181   1.00 57.46  ? 28  A   C OP2   1 
ATOM   834  O  "O5'" . A   C 3 14 ? -7.776  17.672  1.002   1.00 56.45  ? 28  A   C "O5'" 1 
ATOM   835  C  "C5'" . A   C 3 14 ? -8.360  17.049  -0.124  1.00 56.13  ? 28  A   C "C5'" 1 
ATOM   836  C  "C4'" . A   C 3 14 ? -9.159  15.863  0.315   1.00 57.09  ? 28  A   C "C4'" 1 
ATOM   837  O  "O4'" . A   C 3 14 ? -8.249  14.860  0.821   1.00 55.20  ? 28  A   C "O4'" 1 
ATOM   838  C  "C3'" . A   C 3 14 ? -10.106 16.123  1.472   1.00 56.40  ? 28  A   C "C3'" 1 
ATOM   839  O  "O3'" . A   C 3 14 ? -11.341 16.635  1.016   1.00 55.26  ? 28  A   C "O3'" 1 
ATOM   840  C  "C2'" . A   C 3 14 ? -10.267 14.732  2.054   1.00 54.40  ? 28  A   C "C2'" 1 
ATOM   841  O  "O2'" . A   C 3 14 ? -11.139 13.943  1.274   1.00 56.29  ? 28  A   C "O2'" 1 
ATOM   842  C  "C1'" . A   C 3 14 ? -8.843  14.196  1.915   1.00 53.62  ? 28  A   C "C1'" 1 
ATOM   843  N  N9    . A   C 3 14 ? -8.054  14.512  3.096   1.00 50.94  ? 28  A   C N9    1 
ATOM   844  C  C8    . A   C 3 14 ? -7.299  15.625  3.352   1.00 48.70  ? 28  A   C C8    1 
ATOM   845  N  N7    . A   C 3 14 ? -6.735  15.612  4.535   1.00 49.11  ? 28  A   C N7    1 
ATOM   846  C  C5    . A   C 3 14 ? -7.141  14.404  5.086   1.00 46.69  ? 28  A   C C5    1 
ATOM   847  C  C6    . A   C 3 14 ? -6.894  13.787  6.331   1.00 49.11  ? 28  A   C C6    1 
ATOM   848  N  N6    . A   C 3 14 ? -6.150  14.325  7.299   1.00 44.48  ? 28  A   C N6    1 
ATOM   849  N  N1    . A   C 3 14 ? -7.454  12.579  6.556   1.00 49.43  ? 28  A   C N1    1 
ATOM   850  C  C2    . A   C 3 14 ? -8.212  12.040  5.601   1.00 50.07  ? 28  A   C C2    1 
ATOM   851  N  N3    . A   C 3 14 ? -8.526  12.523  4.398   1.00 50.32  ? 28  A   C N3    1 
ATOM   852  C  C4    . A   C 3 14 ? -7.949  13.719  4.206   1.00 47.39  ? 28  A   C C4    1 
ATOM   853  P  P     . C   C 3 15 ? -12.276 17.454  2.023   1.00 59.09  ? 29  C   C P     1 
ATOM   854  O  OP1   . C   C 3 15 ? -13.478 17.807  1.236   1.00 60.66  ? 29  C   C OP1   1 
ATOM   855  O  OP2   . C   C 3 15 ? -11.479 18.522  2.673   1.00 54.19  ? 29  C   C OP2   1 
ATOM   856  O  "O5'" . C   C 3 15 ? -12.711 16.383  3.115   1.00 52.17  ? 29  C   C "O5'" 1 
ATOM   857  C  "C5'" . C   C 3 15 ? -13.733 15.457  2.802   1.00 45.97  ? 29  C   C "C5'" 1 
ATOM   858  C  "C4'" . C   C 3 15 ? -13.816 14.386  3.852   1.00 49.40  ? 29  C   C "C4'" 1 
ATOM   859  O  "O4'" . C   C 3 15 ? -12.491 13.824  4.036   1.00 52.52  ? 29  C   C "O4'" 1 
ATOM   860  C  "C3'" . C   C 3 15 ? -14.186 14.859  5.243   1.00 52.27  ? 29  C   C "C3'" 1 
ATOM   861  O  "O3'" . C   C 3 15 ? -15.572 15.028  5.419   1.00 53.71  ? 29  C   C "O3'" 1 
ATOM   862  C  "C2'" . C   C 3 15 ? -13.624 13.754  6.119   1.00 51.32  ? 29  C   C "C2'" 1 
ATOM   863  O  "O2'" . C   C 3 15 ? -14.440 12.597  6.152   1.00 48.94  ? 29  C   C "O2'" 1 
ATOM   864  C  "C1'" . C   C 3 15 ? -12.308 13.468  5.397   1.00 46.75  ? 29  C   C "C1'" 1 
ATOM   865  N  N1    . C   C 3 15 ? -11.270 14.330  5.963   1.00 43.95  ? 29  C   C N1    1 
ATOM   866  C  C2    . C   C 3 15 ? -10.624 13.905  7.121   1.00 43.82  ? 29  C   C C2    1 
ATOM   867  O  O2    . C   C 3 15 ? -10.905 12.792  7.581   1.00 45.04  ? 29  C   C O2    1 
ATOM   868  N  N3    . C   C 3 15 ? -9.714  14.710  7.711   1.00 44.45  ? 29  C   C N3    1 
ATOM   869  C  C4    . C   C 3 15 ? -9.437  15.900  7.173   1.00 43.25  ? 29  C   C C4    1 
ATOM   870  N  N4    . C   C 3 15 ? -8.553  16.675  7.806   1.00 42.83  ? 29  C   C N4    1 
ATOM   871  C  C5    . C   C 3 15 ? -10.061 16.349  5.966   1.00 42.73  ? 29  C   C C5    1 
ATOM   872  C  C6    . C   C 3 15 ? -10.961 15.536  5.398   1.00 44.57  ? 29  C   C C6    1 
ATOM   873  P  P     . G   C 3 16 ? -16.084 16.179  6.400   1.00 62.74  ? 30  G   C P     1 
ATOM   874  O  OP1   . G   C 3 16 ? -17.536 16.358  6.176   1.00 63.99  ? 30  G   C OP1   1 
ATOM   875  O  OP2   . G   C 3 16 ? -15.158 17.330  6.217   1.00 59.84  ? 30  G   C OP2   1 
ATOM   876  O  "O5'" . G   C 3 16 ? -15.884 15.535  7.838   1.00 57.99  ? 30  G   C "O5'" 1 
ATOM   877  C  "C5'" . G   C 3 16 ? -16.501 14.295  8.125   1.00 59.57  ? 30  G   C "C5'" 1 
ATOM   878  C  "C4'" . G   C 3 16 ? -15.893 13.666  9.343   1.00 62.20  ? 30  G   C "C4'" 1 
ATOM   879  O  "O4'" . G   C 3 16 ? -14.478 13.465  9.103   1.00 66.32  ? 30  G   C "O4'" 1 
ATOM   880  C  "C3'" . G   C 3 16 ? -15.914 14.524  10.595  1.00 62.63  ? 30  G   C "C3'" 1 
ATOM   881  O  "O3'" . G   C 3 16 ? -17.159 14.508  11.259  1.00 55.68  ? 30  G   C "O3'" 1 
ATOM   882  C  "C2'" . G   C 3 16 ? -14.786 13.919  11.414  1.00 61.83  ? 30  G   C "C2'" 1 
ATOM   883  O  "O2'" . G   C 3 16 ? -15.143 12.699  12.037  1.00 59.16  ? 30  G   C "O2'" 1 
ATOM   884  C  "C1'" . G   C 3 16 ? -13.764 13.647  10.316  1.00 63.37  ? 30  G   C "C1'" 1 
ATOM   885  N  N9    . G   C 3 16 ? -12.873 14.790  10.184  1.00 62.43  ? 30  G   C N9    1 
ATOM   886  C  C8    . G   C 3 16 ? -12.815 15.741  9.188   1.00 63.45  ? 30  G   C C8    1 
ATOM   887  N  N7    . G   C 3 16 ? -11.880 16.630  9.383   1.00 61.77  ? 30  G   C N7    1 
ATOM   888  C  C5    . G   C 3 16 ? -11.288 16.235  10.580  1.00 62.23  ? 30  G   C C5    1 
ATOM   889  C  C6    . G   C 3 16 ? -10.205 16.797  11.302  1.00 62.65  ? 30  G   C C6    1 
ATOM   890  O  O6    . G   C 3 16 ? -9.509  17.778  11.011  1.00 62.32  ? 30  G   C O6    1 
ATOM   891  N  N1    . G   C 3 16 ? -9.955  16.086  12.477  1.00 59.70  ? 30  G   C N1    1 
ATOM   892  C  C2    . G   C 3 16 ? -10.647 14.972  12.891  1.00 58.54  ? 30  G   C C2    1 
ATOM   893  N  N2    . G   C 3 16 ? -10.275 14.425  14.052  1.00 57.23  ? 30  G   C N2    1 
ATOM   894  N  N3    . G   C 3 16 ? -11.639 14.435  12.217  1.00 58.82  ? 30  G   C N3    1 
ATOM   895  C  C4    . G   C 3 16 ? -11.904 15.113  11.082  1.00 60.90  ? 30  G   C C4    1 
ATOM   896  P  P     . A   C 3 17 ? -17.718 15.869  11.894  1.00 58.56  ? 31  A   C P     1 
ATOM   897  O  OP1   . A   C 3 17 ? -19.125 15.568  12.273  1.00 61.01  ? 31  A   C OP1   1 
ATOM   898  O  OP2   . A   C 3 17 ? -17.420 17.001  10.968  1.00 50.21  ? 31  A   C OP2   1 
ATOM   899  O  "O5'" . A   C 3 17 ? -16.833 16.073  13.209  1.00 55.91  ? 31  A   C "O5'" 1 
ATOM   900  C  "C5'" . A   C 3 17 ? -16.900 15.125  14.270  1.00 52.76  ? 31  A   C "C5'" 1 
ATOM   901  C  "C4'" . A   C 3 17 ? -15.778 15.337  15.263  1.00 54.91  ? 31  A   C "C4'" 1 
ATOM   902  O  "O4'" . A   C 3 17 ? -14.510 15.285  14.561  1.00 48.09  ? 31  A   C "O4'" 1 
ATOM   903  C  "C3'" . A   C 3 17 ? -15.745 16.698  15.946  1.00 54.28  ? 31  A   C "C3'" 1 
ATOM   904  O  "O3'" . A   C 3 17 ? -16.634 16.846  17.047  1.00 61.65  ? 31  A   C "O3'" 1 
ATOM   905  C  "C2'" . A   C 3 17 ? -14.293 16.817  16.371  1.00 53.23  ? 31  A   C "C2'" 1 
ATOM   906  O  "O2'" . A   C 3 17 ? -13.994 16.107  17.553  1.00 59.11  ? 31  A   C "O2'" 1 
ATOM   907  C  "C1'" . A   C 3 17 ? -13.591 16.166  15.185  1.00 49.53  ? 31  A   C "C1'" 1 
ATOM   908  N  N9    . A   C 3 17 ? -13.162 17.171  14.225  1.00 48.89  ? 31  A   C N9    1 
ATOM   909  C  C8    . A   C 3 17 ? -13.762 17.600  13.068  1.00 48.93  ? 31  A   C C8    1 
ATOM   910  N  N7    . A   C 3 17 ? -13.081 18.531  12.440  1.00 47.54  ? 31  A   C N7    1 
ATOM   911  C  C5    . A   C 3 17 ? -11.961 18.720  13.240  1.00 47.02  ? 31  A   C C5    1 
ATOM   912  C  C6    . A   C 3 17 ? -10.846 19.560  13.123  1.00 47.15  ? 31  A   C C6    1 
ATOM   913  N  N6    . A   C 3 17 ? -10.645 20.391  12.100  1.00 49.13  ? 31  A   C N6    1 
ATOM   914  N  N1    . A   C 3 17 ? -9.921  19.511  14.104  1.00 49.70  ? 31  A   C N1    1 
ATOM   915  C  C2    . A   C 3 17 ? -10.111 18.666  15.121  1.00 49.77  ? 31  A   C C2    1 
ATOM   916  N  N3    . A   C 3 17 ? -11.109 17.820  15.334  1.00 48.50  ? 31  A   C N3    1 
ATOM   917  C  C4    . A   C 3 17 ? -12.009 17.897  14.345  1.00 47.95  ? 31  A   C C4    1 
ATOM   918  O  "O5'" . U   D 4 1  ? -1.918  22.481  13.991  1.00 58.47  ? 31  U   D "O5'" 1 
ATOM   919  C  "C5'" . U   D 4 1  ? -1.456  22.665  15.330  1.00 55.11  ? 31  U   D "C5'" 1 
ATOM   920  C  "C4'" . U   D 4 1  ? -2.301  21.919  16.335  1.00 53.12  ? 31  U   D "C4'" 1 
ATOM   921  O  "O4'" . U   D 4 1  ? -3.636  22.485  16.348  1.00 52.59  ? 31  U   D "O4'" 1 
ATOM   922  C  "C3'" . U   D 4 1  ? -2.527  20.448  16.040  1.00 48.56  ? 31  U   D "C3'" 1 
ATOM   923  O  "O3'" . U   D 4 1  ? -1.477  19.661  16.558  1.00 48.51  ? 31  U   D "O3'" 1 
ATOM   924  C  "C2'" . U   D 4 1  ? -3.812  20.164  16.797  1.00 51.00  ? 31  U   D "C2'" 1 
ATOM   925  O  "O2'" . U   D 4 1  ? -3.566  20.005  18.183  1.00 44.94  ? 31  U   D "O2'" 1 
ATOM   926  C  "C1'" . U   D 4 1  ? -4.592  21.456  16.551  1.00 53.36  ? 31  U   D "C1'" 1 
ATOM   927  N  N1    . U   D 4 1  ? -5.469  21.401  15.369  1.00 55.71  ? 31  U   D N1    1 
ATOM   928  C  C2    . U   D 4 1  ? -6.645  20.676  15.458  1.00 54.29  ? 31  U   D C2    1 
ATOM   929  O  O2    . U   D 4 1  ? -6.981  20.078  16.463  1.00 53.47  ? 31  U   D O2    1 
ATOM   930  N  N3    . U   D 4 1  ? -7.411  20.675  14.323  1.00 54.08  ? 31  U   D N3    1 
ATOM   931  C  C4    . U   D 4 1  ? -7.134  21.312  13.135  1.00 54.17  ? 31  U   D C4    1 
ATOM   932  O  O4    . U   D 4 1  ? -7.921  21.211  12.195  1.00 55.19  ? 31  U   D O4    1 
ATOM   933  C  C5    . U   D 4 1  ? -5.909  22.037  13.121  1.00 53.58  ? 31  U   D C5    1 
ATOM   934  C  C6    . U   D 4 1  ? -5.136  22.056  14.209  1.00 55.14  ? 31  U   D C6    1 
ATOM   935  P  P     . C   D 4 2  ? -1.097  18.282  15.836  1.00 51.37  ? 32  C   D P     1 
ATOM   936  O  OP1   . C   D 4 2  ? 0.187   17.824  16.424  1.00 55.19  ? 32  C   D OP1   1 
ATOM   937  O  OP2   . C   D 4 2  ? -1.212  18.507  14.366  1.00 48.46  ? 32  C   D OP2   1 
ATOM   938  O  "O5'" . C   D 4 2  ? -2.220  17.257  16.308  1.00 44.06  ? 32  C   D "O5'" 1 
ATOM   939  C  "C5'" . C   D 4 2  ? -2.224  16.767  17.642  1.00 43.47  ? 32  C   D "C5'" 1 
ATOM   940  C  "C4'" . C   D 4 2  ? -3.515  16.042  17.931  1.00 46.54  ? 32  C   D "C4'" 1 
ATOM   941  O  "O4'" . C   D 4 2  ? -4.608  16.961  17.697  1.00 49.47  ? 32  C   D "O4'" 1 
ATOM   942  C  "C3'" . C   D 4 2  ? -3.843  14.843  17.049  1.00 46.81  ? 32  C   D "C3'" 1 
ATOM   943  O  "O3'" . C   D 4 2  ? -3.268  13.638  17.527  1.00 44.43  ? 32  C   D "O3'" 1 
ATOM   944  C  "C2'" . C   D 4 2  ? -5.353  14.778  17.163  1.00 45.67  ? 32  C   D "C2'" 1 
ATOM   945  O  "O2'" . C   D 4 2  ? -5.741  14.230  18.404  1.00 52.98  ? 32  C   D "O2'" 1 
ATOM   946  C  "C1'" . C   D 4 2  ? -5.706  16.260  17.141  1.00 47.05  ? 32  C   D "C1'" 1 
ATOM   947  N  N1    . C   D 4 2  ? -5.923  16.756  15.774  1.00 48.23  ? 32  C   D N1    1 
ATOM   948  C  C2    . C   D 4 2  ? -7.079  16.369  15.110  1.00 50.24  ? 32  C   D C2    1 
ATOM   949  O  O2    . C   D 4 2  ? -7.863  15.601  15.682  1.00 51.77  ? 32  C   D O2    1 
ATOM   950  N  N3    . C   D 4 2  ? -7.319  16.836  13.862  1.00 50.58  ? 32  C   D N3    1 
ATOM   951  C  C4    . C   D 4 2  ? -6.447  17.657  13.284  1.00 52.06  ? 32  C   D C4    1 
ATOM   952  N  N4    . C   D 4 2  ? -6.737  18.113  12.064  1.00 51.58  ? 32  C   D N4    1 
ATOM   953  C  C5    . C   D 4 2  ? -5.243  18.055  13.934  1.00 52.13  ? 32  C   D C5    1 
ATOM   954  C  C6    . C   D 4 2  ? -5.022  17.583  15.168  1.00 48.32  ? 32  C   D C6    1 
ATOM   955  P  P     . G   D 4 3  ? -2.962  12.441  16.496  1.00 47.63  ? 33  G   D P     1 
ATOM   956  O  OP1   . G   D 4 3  ? -2.174  11.420  17.237  1.00 42.32  ? 33  G   D OP1   1 
ATOM   957  O  OP2   . G   D 4 3  ? -2.418  13.054  15.245  1.00 45.14  ? 33  G   D OP2   1 
ATOM   958  O  "O5'" . G   D 4 3  ? -4.388  11.831  16.133  1.00 51.25  ? 33  G   D "O5'" 1 
ATOM   959  C  "C5'" . G   D 4 3  ? -5.157  11.102  17.087  1.00 52.15  ? 33  G   D "C5'" 1 
ATOM   960  C  "C4'" . G   D 4 3  ? -6.435  10.637  16.437  1.00 50.59  ? 33  G   D "C4'" 1 
ATOM   961  O  "O4'" . G   D 4 3  ? -7.156  11.794  15.945  1.00 48.71  ? 33  G   D "O4'" 1 
ATOM   962  C  "C3'" . G   D 4 3  ? -6.217  9.785   15.204  1.00 48.45  ? 33  G   D "C3'" 1 
ATOM   963  O  "O3'" . G   D 4 3  ? -6.075  8.431   15.615  1.00 47.16  ? 33  G   D "O3'" 1 
ATOM   964  C  "C2'" . G   D 4 3  ? -7.499  10.007  14.412  1.00 48.94  ? 33  G   D "C2'" 1 
ATOM   965  O  "O2'" . G   D 4 3  ? -8.571  9.211   14.866  1.00 44.41  ? 33  G   D "O2'" 1 
ATOM   966  C  "C1'" . G   D 4 3  ? -7.796  11.475  14.723  1.00 48.82  ? 33  G   D "C1'" 1 
ATOM   967  N  N9    . G   D 4 3  ? -7.355  12.447  13.733  1.00 48.31  ? 33  G   D N9    1 
ATOM   968  C  C8    . G   D 4 3  ? -6.285  13.304  13.846  1.00 48.97  ? 33  G   D C8    1 
ATOM   969  N  N7    . G   D 4 3  ? -6.163  14.115  12.825  1.00 51.29  ? 33  G   D N7    1 
ATOM   970  C  C5    . G   D 4 3  ? -7.206  13.758  11.975  1.00 48.14  ? 33  G   D C5    1 
ATOM   971  C  C6    . G   D 4 3  ? -7.587  14.287  10.702  1.00 49.05  ? 33  G   D C6    1 
ATOM   972  O  O6    . G   D 4 3  ? -7.055  15.193  10.048  1.00 49.98  ? 33  G   D O6    1 
ATOM   973  N  N1    . G   D 4 3  ? -8.713  13.639  10.199  1.00 48.38  ? 33  G   D N1    1 
ATOM   974  C  C2    . G   D 4 3  ? -9.382  12.612  10.830  1.00 46.12  ? 33  G   D C2    1 
ATOM   975  N  N2    . G   D 4 3  ? -10.453 12.123  10.188  1.00 47.34  ? 33  G   D N2    1 
ATOM   976  N  N3    . G   D 4 3  ? -9.028  12.104  12.004  1.00 45.82  ? 33  G   D N3    1 
ATOM   977  C  C4    . G   D 4 3  ? -7.945  12.722  12.517  1.00 47.58  ? 33  G   D C4    1 
ATOM   978  P  P     . U   D 4 4  ? -5.447  7.352   14.603  1.00 51.71  ? 34  U   D P     1 
ATOM   979  O  OP1   . U   D 4 4  ? -5.519  6.026   15.277  1.00 47.25  ? 34  U   D OP1   1 
ATOM   980  O  OP2   . U   D 4 4  ? -4.136  7.876   14.134  1.00 54.68  ? 34  U   D OP2   1 
ATOM   981  O  "O5'" . U   D 4 4  ? -6.453  7.339   13.364  1.00 48.67  ? 34  U   D "O5'" 1 
ATOM   982  C  "C5'" . U   D 4 4  ? -7.673  6.617   13.448  1.00 53.20  ? 34  U   D "C5'" 1 
ATOM   983  C  "C4'" . U   D 4 4  ? -8.490  6.789   12.193  1.00 56.14  ? 34  U   D "C4'" 1 
ATOM   984  O  "O4'" . U   D 4 4  ? -8.756  8.199   11.990  1.00 59.90  ? 34  U   D "O4'" 1 
ATOM   985  C  "C3'" . U   D 4 4  ? -7.798  6.371   10.911  1.00 58.88  ? 34  U   D "C3'" 1 
ATOM   986  O  "O3'" . U   D 4 4  ? -7.922  4.978   10.699  1.00 60.24  ? 34  U   D "O3'" 1 
ATOM   987  C  "C2'" . U   D 4 4  ? -8.560  7.167   9.864   1.00 57.69  ? 34  U   D "C2'" 1 
ATOM   988  O  "O2'" . U   D 4 4  ? -9.826  6.626   9.567   1.00 57.59  ? 34  U   D "O2'" 1 
ATOM   989  C  "C1'" . U   D 4 4  ? -8.792  8.477   10.603  1.00 57.80  ? 34  U   D "C1'" 1 
ATOM   990  N  N1    . U   D 4 4  ? -7.760  9.461   10.278  1.00 57.16  ? 34  U   D N1    1 
ATOM   991  C  C2    . U   D 4 4  ? -7.891  10.103  9.070   1.00 56.83  ? 34  U   D C2    1 
ATOM   992  O  O2    . U   D 4 4  ? -8.798  9.859   8.292   1.00 60.86  ? 34  U   D O2    1 
ATOM   993  N  N3    . U   D 4 4  ? -6.924  11.033  8.799   1.00 55.11  ? 34  U   D N3    1 
ATOM   994  C  C4    . U   D 4 4  ? -5.855  11.372  9.600   1.00 53.97  ? 34  U   D C4    1 
ATOM   995  O  O4    . U   D 4 4  ? -5.087  12.269  9.236   1.00 56.24  ? 34  U   D O4    1 
ATOM   996  C  C5    . U   D 4 4  ? -5.781  10.643  10.834  1.00 55.06  ? 34  U   D C5    1 
ATOM   997  C  C6    . U   D 4 4  ? -6.719  9.738   11.124  1.00 56.26  ? 34  U   D C6    1 
ATOM   998  P  P     . G   D 4 5  ? -6.897  4.231   9.715   1.00 62.73  ? 35  G   D P     1 
ATOM   999  O  OP1   . G   D 4 5  ? -7.229  2.781   9.778   1.00 62.11  ? 35  G   D OP1   1 
ATOM   1000 O  OP2   . G   D 4 5  ? -5.526  4.685   10.060  1.00 56.74  ? 35  G   D OP2   1 
ATOM   1001 O  "O5'" . G   D 4 5  ? -7.255  4.796   8.262   1.00 56.52  ? 35  G   D "O5'" 1 
ATOM   1002 C  "C5'" . G   D 4 5  ? -8.487  4.451   7.640   1.00 44.60  ? 35  G   D "C5'" 1 
ATOM   1003 C  "C4'" . G   D 4 5  ? -8.638  5.157   6.320   1.00 47.10  ? 35  G   D "C4'" 1 
ATOM   1004 O  "O4'" . G   D 4 5  ? -8.577  6.585   6.536   1.00 46.78  ? 35  G   D "O4'" 1 
ATOM   1005 C  "C3'" . G   D 4 5  ? -7.558  4.875   5.292   1.00 49.43  ? 35  G   D "C3'" 1 
ATOM   1006 O  "O3'" . G   D 4 5  ? -7.908  3.699   4.569   1.00 50.77  ? 35  G   D "O3'" 1 
ATOM   1007 C  "C2'" . G   D 4 5  ? -7.628  6.121   4.409   1.00 49.77  ? 35  G   D "C2'" 1 
ATOM   1008 O  "O2'" . G   D 4 5  ? -8.698  6.075   3.488   1.00 43.71  ? 35  G   D "O2'" 1 
ATOM   1009 C  "C1'" . G   D 4 5  ? -7.936  7.209   5.439   1.00 48.68  ? 35  G   D "C1'" 1 
ATOM   1010 N  N9    . G   D 4 5  ? -6.801  7.964   5.958   1.00 50.56  ? 35  G   D N9    1 
ATOM   1011 C  C8    . G   D 4 5  ? -6.133  7.728   7.136   1.00 49.43  ? 35  G   D C8    1 
ATOM   1012 N  N7    . G   D 4 5  ? -5.209  8.616   7.387   1.00 47.41  ? 35  G   D N7    1 
ATOM   1013 C  C5    . G   D 4 5  ? -5.256  9.481   6.301   1.00 46.83  ? 35  G   D C5    1 
ATOM   1014 C  C6    . G   D 4 5  ? -4.491  10.650  6.017   1.00 50.41  ? 35  G   D C6    1 
ATOM   1015 O  O6    . G   D 4 5  ? -3.604  11.181  6.702   1.00 54.47  ? 35  G   D O6    1 
ATOM   1016 N  N1    . G   D 4 5  ? -4.850  11.213  4.800   1.00 46.99  ? 35  G   D N1    1 
ATOM   1017 C  C2    . G   D 4 5  ? -5.812  10.724  3.962   1.00 47.63  ? 35  G   D C2    1 
ATOM   1018 N  N2    . G   D 4 5  ? -5.983  11.401  2.817   1.00 44.67  ? 35  G   D N2    1 
ATOM   1019 N  N3    . G   D 4 5  ? -6.550  9.649   4.220   1.00 46.62  ? 35  G   D N3    1 
ATOM   1020 C  C4    . G   D 4 5  ? -6.215  9.082   5.400   1.00 47.56  ? 35  G   D C4    1 
ATOM   1021 P  P     . G   D 4 6  ? -6.763  2.694   4.065   1.00 61.23  ? 36  G   D P     1 
ATOM   1022 O  OP1   . G   D 4 6  ? -7.364  1.342   3.998   1.00 60.08  ? 36  G   D OP1   1 
ATOM   1023 O  OP2   . G   D 4 6  ? -5.551  2.917   4.895   1.00 60.70  ? 36  G   D OP2   1 
ATOM   1024 O  "O5'" . G   D 4 6  ? -6.473  3.184   2.578   1.00 57.89  ? 36  G   D "O5'" 1 
ATOM   1025 C  "C5'" . G   D 4 6  ? -7.549  3.494   1.698   1.00 57.77  ? 36  G   D "C5'" 1 
ATOM   1026 C  "C4'" . G   D 4 6  ? -7.084  4.428   0.605   1.00 60.14  ? 36  G   D "C4'" 1 
ATOM   1027 O  "O4'" . G   D 4 6  ? -6.493  5.603   1.197   1.00 61.41  ? 36  G   D "O4'" 1 
ATOM   1028 C  "C3'" . G   D 4 6  ? -5.990  3.789   -0.247  1.00 61.92  ? 36  G   D "C3'" 1 
ATOM   1029 O  "O3'" . G   D 4 6  ? -6.190  4.213   -1.592  1.00 65.49  ? 36  G   D "O3'" 1 
ATOM   1030 C  "C2'" . G   D 4 6  ? -4.678  4.286   0.346   1.00 60.25  ? 36  G   D "C2'" 1 
ATOM   1031 O  "O2'" . G   D 4 6  ? -3.681  4.546   -0.604  1.00 66.23  ? 36  G   D "O2'" 1 
ATOM   1032 C  "C1'" . G   D 4 6  ? -5.122  5.626   0.916   1.00 57.96  ? 36  G   D "C1'" 1 
ATOM   1033 N  N9    . G   D 4 6  ? -4.404  6.241   2.015   1.00 53.94  ? 36  G   D N9    1 
ATOM   1034 C  C8    . G   D 4 6  ? -4.045  5.705   3.221   1.00 54.50  ? 36  G   D C8    1 
ATOM   1035 N  N7    . G   D 4 6  ? -3.402  6.554   3.981   1.00 52.87  ? 36  G   D N7    1 
ATOM   1036 C  C5    . G   D 4 6  ? -3.335  7.710   3.220   1.00 49.85  ? 36  G   D C5    1 
ATOM   1037 C  C6    . G   D 4 6  ? -2.751  8.990   3.504   1.00 49.58  ? 36  G   D C6    1 
ATOM   1038 O  O6    . G   D 4 6  ? -2.143  9.353   4.525   1.00 48.95  ? 36  G   D O6    1 
ATOM   1039 N  N1    . G   D 4 6  ? -2.928  9.880   2.450   1.00 49.74  ? 36  G   D N1    1 
ATOM   1040 C  C2    . G   D 4 6  ? -3.576  9.589   1.272   1.00 52.04  ? 36  G   D C2    1 
ATOM   1041 N  N2    . G   D 4 6  ? -3.652  10.583  0.373   1.00 53.18  ? 36  G   D N2    1 
ATOM   1042 N  N3    . G   D 4 6  ? -4.112  8.410   0.994   1.00 48.67  ? 36  G   D N3    1 
ATOM   1043 C  C4    . G   D 4 6  ? -3.954  7.535   2.003   1.00 50.62  ? 36  G   D C4    1 
ATOM   1044 P  P     . U   D 4 7  ? -6.078  3.181   -2.804  1.00 72.23  ? 37  U   D P     1 
ATOM   1045 O  OP1   . U   D 4 7  ? -6.938  3.760   -3.868  1.00 67.48  ? 37  U   D OP1   1 
ATOM   1046 O  OP2   . U   D 4 7  ? -6.318  1.793   -2.314  1.00 65.04  ? 37  U   D OP2   1 
ATOM   1047 O  "O5'" . U   D 4 7  ? -4.574  3.305   -3.304  1.00 74.30  ? 37  U   D "O5'" 1 
ATOM   1048 C  "C5'" . U   D 4 7  ? -4.217  2.833   -4.596  1.00 79.40  ? 37  U   D "C5'" 1 
ATOM   1049 C  "C4'" . U   D 4 7  ? -3.109  3.668   -5.178  1.00 82.55  ? 37  U   D "C4'" 1 
ATOM   1050 O  "O4'" . U   D 4 7  ? -3.570  5.034   -5.359  1.00 87.41  ? 37  U   D "O4'" 1 
ATOM   1051 C  "C3'" . U   D 4 7  ? -1.989  3.757   -4.145  1.00 82.87  ? 37  U   D "C3'" 1 
ATOM   1052 O  "O3'" . U   D 4 7  ? -0.726  3.480   -4.677  1.00 78.33  ? 37  U   D "O3'" 1 
ATOM   1053 C  "C2'" . U   D 4 7  ? -2.138  5.097   -3.435  1.00 86.06  ? 37  U   D "C2'" 1 
ATOM   1054 O  "O2'" . U   D 4 7  ? -0.961  5.823   -3.115  1.00 86.72  ? 37  U   D "O2'" 1 
ATOM   1055 C  "C1'" . U   D 4 7  ? -2.822  5.890   -4.523  1.00 90.92  ? 37  U   D "C1'" 1 
ATOM   1056 N  N1    . U   D 4 7  ? -3.590  7.041   -4.069  1.00 97.00  ? 37  U   D N1    1 
ATOM   1057 C  C2    . U   D 4 7  ? -3.118  8.268   -4.493  1.00 99.61  ? 37  U   D C2    1 
ATOM   1058 O  O2    . U   D 4 7  ? -2.155  8.387   -5.248  1.00 101.71 ? 37  U   D O2    1 
ATOM   1059 N  N3    . U   D 4 7  ? -3.803  9.344   -4.006  1.00 100.86 ? 37  U   D N3    1 
ATOM   1060 C  C4    . U   D 4 7  ? -4.889  9.314   -3.162  1.00 100.84 ? 37  U   D C4    1 
ATOM   1061 O  O4    . U   D 4 7  ? -5.365  10.377  -2.769  1.00 102.46 ? 37  U   D O4    1 
ATOM   1062 C  C5    . U   D 4 7  ? -5.332  7.995   -2.787  1.00 99.10  ? 37  U   D C5    1 
ATOM   1063 C  C6    . U   D 4 7  ? -4.681  6.928   -3.249  1.00 97.62  ? 37  U   D C6    1 
ATOM   1064 P  P     . A   D 4 8  ? 0.342   2.732   -3.777  1.00 80.73  ? 38  A   D P     1 
ATOM   1065 O  OP1   . A   D 4 8  ? 1.670   3.087   -4.331  1.00 82.36  ? 38  A   D OP1   1 
ATOM   1066 O  OP2   . A   D 4 8  ? -0.099  1.315   -3.725  1.00 79.87  ? 38  A   D OP2   1 
ATOM   1067 O  "O5'" . A   D 4 8  ? 0.177   3.385   -2.333  1.00 76.81  ? 38  A   D "O5'" 1 
ATOM   1068 C  "C5'" . A   D 4 8  ? 1.190   4.226   -1.790  1.00 70.65  ? 38  A   D "C5'" 1 
ATOM   1069 C  "C4'" . A   D 4 8  ? 1.361   3.954   -0.319  1.00 67.27  ? 38  A   D "C4'" 1 
ATOM   1070 O  "O4'" . A   D 4 8  ? 2.474   4.737   0.167   1.00 66.67  ? 38  A   D "O4'" 1 
ATOM   1071 C  "C3'" . A   D 4 8  ? 0.138   4.431   0.454   1.00 70.08  ? 38  A   D "C3'" 1 
ATOM   1072 O  "O3'" . A   D 4 8  ? -0.265  3.556   1.500   1.00 74.01  ? 38  A   D "O3'" 1 
ATOM   1073 C  "C2'" . A   D 4 8  ? 0.497   5.809   0.988   1.00 68.44  ? 38  A   D "C2'" 1 
ATOM   1074 O  "O2'" . A   D 4 8  ? 0.042   5.955   2.315   1.00 77.33  ? 38  A   D "O2'" 1 
ATOM   1075 C  "C1'" . A   D 4 8  ? 2.018   5.720   1.056   1.00 62.99  ? 38  A   D "C1'" 1 
ATOM   1076 N  N9    . A   D 4 8  ? 2.819   6.927   0.913   1.00 61.40  ? 38  A   D N9    1 
ATOM   1077 C  C8    . A   D 4 8  ? 3.598   7.527   1.873   1.00 60.55  ? 38  A   D C8    1 
ATOM   1078 N  N7    . A   D 4 8  ? 4.204   8.610   1.461   1.00 58.13  ? 38  A   D N7    1 
ATOM   1079 C  C5    . A   D 4 8  ? 3.798   8.730   0.141   1.00 60.01  ? 38  A   D C5    1 
ATOM   1080 C  C6    . A   D 4 8  ? 4.087   9.676   -0.857  1.00 61.83  ? 38  A   D C6    1 
ATOM   1081 N  N6    . A   D 4 8  ? 4.881   10.735  -0.664  1.00 63.07  ? 38  A   D N6    1 
ATOM   1082 N  N1    . A   D 4 8  ? 3.521   9.499   -2.078  1.00 62.85  ? 38  A   D N1    1 
ATOM   1083 C  C2    . A   D 4 8  ? 2.721   8.439   -2.265  1.00 62.96  ? 38  A   D C2    1 
ATOM   1084 N  N3    . A   D 4 8  ? 2.368   7.484   -1.401  1.00 61.41  ? 38  A   D N3    1 
ATOM   1085 C  C4    . A   D 4 8  ? 2.948   7.695   -0.209  1.00 60.95  ? 38  A   D C4    1 
HETATM 1086 O  O3P   . PDI D 4 9  ? -1.986  2.329   0.130   1.00 76.66  ? 39  PDI D O3P   1 
HETATM 1087 P  P     . PDI D 4 9  ? -0.926  2.144   1.166   1.00 78.35  ? 39  PDI D P     1 
HETATM 1088 O  O2P   . PDI D 4 9  ? -1.274  1.560   2.483   1.00 75.24  ? 39  PDI D O2P   1 
HETATM 1089 O  OA    . PDI D 4 9  ? 0.270   1.277   0.568   1.00 83.38  ? 39  PDI D OA    1 
HETATM 1090 C  CA    . PDI D 4 9  ? 0.000   0.000   0.000   1.00 82.15  ? 39  PDI D CA    1 
HETATM 1091 C  CB    . PDI D 4 9  ? 1.179   -0.512  -0.809  1.00 79.23  ? 39  PDI D CB    1 
HETATM 1092 C  CG    . PDI D 4 9  ? 1.877   0.458   -1.761  1.00 74.33  ? 39  PDI D CG    1 
HETATM 1093 O  OG    . PDI D 4 9  ? 3.091   -0.113  -2.262  1.00 67.40  ? 39  PDI D OG    1 
ATOM   1094 P  P     . A   D 4 10 ? 4.459   0.039   -1.444  1.00 66.65  ? 40  A   D P     1 
ATOM   1095 O  OP1   . A   D 4 10 ? 5.395   -0.994  -1.962  1.00 61.96  ? 40  A   D OP1   1 
ATOM   1096 O  OP2   . A   D 4 10 ? 4.096   0.063   -0.002  1.00 64.08  ? 40  A   D OP2   1 
ATOM   1097 O  "O5'" . A   D 4 10 ? 5.004   1.471   -1.857  1.00 61.08  ? 40  A   D "O5'" 1 
ATOM   1098 C  "C5'" . A   D 4 10 ? 4.769   1.984   -3.157  1.00 54.12  ? 40  A   D "C5'" 1 
ATOM   1099 C  "C4'" . A   D 4 10 ? 5.185   3.430   -3.222  1.00 52.95  ? 40  A   D "C4'" 1 
ATOM   1100 O  "O4'" . A   D 4 10 ? 4.471   4.160   -2.193  1.00 49.94  ? 40  A   D "O4'" 1 
ATOM   1101 C  "C3'" . A   D 4 10 ? 6.648   3.705   -2.922  1.00 52.18  ? 40  A   D "C3'" 1 
ATOM   1102 O  "O3'" . A   D 4 10 ? 7.446   3.566   -4.083  1.00 48.75  ? 40  A   D "O3'" 1 
ATOM   1103 C  "C2'" . A   D 4 10 ? 6.610   5.149   -2.453  1.00 47.14  ? 40  A   D "C2'" 1 
ATOM   1104 O  "O2'" . A   D 4 10 ? 6.510   6.059   -3.533  1.00 47.27  ? 40  A   D "O2'" 1 
ATOM   1105 C  "C1'" . A   D 4 10 ? 5.311   5.160   -1.651  1.00 45.74  ? 40  A   D "C1'" 1 
ATOM   1106 N  N9    . A   D 4 10 ? 5.529   4.836   -0.247  1.00 47.80  ? 40  A   D N9    1 
ATOM   1107 C  C8    . A   D 4 10 ? 5.118   3.715   0.429   1.00 43.45  ? 40  A   D C8    1 
ATOM   1108 N  N7    . A   D 4 10 ? 5.440   3.717   1.700   1.00 44.81  ? 40  A   D N7    1 
ATOM   1109 C  C5    . A   D 4 10 ? 6.120   4.916   1.870   1.00 43.61  ? 40  A   D C5    1 
ATOM   1110 C  C6    . A   D 4 10 ? 6.719   5.512   2.994   1.00 44.56  ? 40  A   D C6    1 
ATOM   1111 N  N6    . A   D 4 10 ? 6.736   4.955   4.212   1.00 44.91  ? 40  A   D N6    1 
ATOM   1112 N  N1    . A   D 4 10 ? 7.309   6.715   2.824   1.00 47.36  ? 40  A   D N1    1 
ATOM   1113 C  C2    . A   D 4 10 ? 7.300   7.266   1.602   1.00 49.75  ? 40  A   D C2    1 
ATOM   1114 N  N3    . A   D 4 10 ? 6.775   6.802   0.470   1.00 47.14  ? 40  A   D N3    1 
ATOM   1115 C  C4    . A   D 4 10 ? 6.189   5.611   0.678   1.00 45.92  ? 40  A   D C4    1 
ATOM   1116 P  P     . U   D 4 11 ? 8.835   2.773   -3.989  1.00 53.98  ? 41  U   D P     1 
ATOM   1117 O  OP1   . U   D 4 11 ? 9.381   2.687   -5.370  1.00 46.21  ? 41  U   D OP1   1 
ATOM   1118 O  OP2   . U   D 4 11 ? 8.578   1.531   -3.200  1.00 47.73  ? 41  U   D OP2   1 
ATOM   1119 O  "O5'" . U   D 4 11 ? 9.785   3.717   -3.120  1.00 50.97  ? 41  U   D "O5'" 1 
ATOM   1120 C  "C5'" . U   D 4 11 ? 10.000  5.071   -3.501  1.00 45.94  ? 41  U   D "C5'" 1 
ATOM   1121 C  "C4'" . U   D 4 11 ? 10.798  5.818   -2.449  1.00 41.72  ? 41  U   D "C4'" 1 
ATOM   1122 O  "O4'" . U   D 4 11 ? 10.144  5.714   -1.159  1.00 41.36  ? 41  U   D "O4'" 1 
ATOM   1123 C  "C3'" . U   D 4 11 ? 12.192  5.225   -2.246  1.00 44.56  ? 41  U   D "C3'" 1 
ATOM   1124 O  "O3'" . U   D 4 11 ? 13.170  6.274   -2.315  1.00 45.45  ? 41  U   D "O3'" 1 
ATOM   1125 C  "C2'" . U   D 4 11 ? 12.087  4.323   -1.013  1.00 40.09  ? 41  U   D "C2'" 1 
ATOM   1126 O  "O2'" . U   D 4 11 ? 13.190  4.303   -0.138  1.00 39.04  ? 41  U   D "O2'" 1 
ATOM   1127 C  "C1'" . U   D 4 11 ? 10.948  4.992   -0.264  1.00 41.85  ? 41  U   D "C1'" 1 
ATOM   1128 N  N1    . U   D 4 11 ? 10.127  4.199   0.647   1.00 42.04  ? 41  U   D N1    1 
ATOM   1129 C  C2    . U   D 4 11 ? 10.295  4.444   2.009   1.00 42.63  ? 41  U   D C2    1 
ATOM   1130 O  O2    . U   D 4 11 ? 11.082  5.282   2.451   1.00 38.54  ? 41  U   D O2    1 
ATOM   1131 N  N3    . U   D 4 11 ? 9.517   3.674   2.834   1.00 42.25  ? 41  U   D N3    1 
ATOM   1132 C  C4    . U   D 4 11 ? 8.611   2.705   2.452   1.00 42.89  ? 41  U   D C4    1 
ATOM   1133 O  O4    . U   D 4 11 ? 8.038   2.041   3.319   1.00 49.94  ? 41  U   D O4    1 
ATOM   1134 C  C5    . U   D 4 11 ? 8.490   2.520   1.031   1.00 46.94  ? 41  U   D C5    1 
ATOM   1135 C  C6    . U   D 4 11 ? 9.237   3.263   0.197   1.00 47.10  ? 41  U   D C6    1 
ATOM   1136 P  P     . U   D 4 12 ? 14.728  5.979   -2.048  1.00 42.36  ? 42  U   D P     1 
ATOM   1137 O  OP1   . U   D 4 12 ? 15.439  6.456   -3.267  1.00 47.50  ? 42  U   D OP1   1 
ATOM   1138 O  OP2   . U   D 4 12 ? 14.937  4.591   -1.570  1.00 44.99  ? 42  U   D OP2   1 
ATOM   1139 O  "O5'" . U   D 4 12 ? 15.088  6.949   -0.838  1.00 41.92  ? 42  U   D "O5'" 1 
ATOM   1140 C  "C5'" . U   D 4 12 ? 16.439  7.177   -0.446  1.00 40.94  ? 42  U   D "C5'" 1 
ATOM   1141 C  "C4'" . U   D 4 12 ? 16.533  7.181   1.054   1.00 43.27  ? 42  U   D "C4'" 1 
ATOM   1142 O  "O4'" . U   D 4 12 ? 15.626  8.178   1.581   1.00 46.09  ? 42  U   D "O4'" 1 
ATOM   1143 C  "C3'" . U   D 4 12 ? 16.036  5.837   1.584   1.00 46.50  ? 42  U   D "C3'" 1 
ATOM   1144 O  "O3'" . U   D 4 12 ? 16.773  5.521   2.751   1.00 46.54  ? 42  U   D "O3'" 1 
ATOM   1145 C  "C2'" . U   D 4 12 ? 14.572  6.063   1.943   1.00 48.22  ? 42  U   D "C2'" 1 
ATOM   1146 O  "O2'" . U   D 4 12 ? 14.154  5.387   3.107   1.00 52.50  ? 42  U   D "O2'" 1 
ATOM   1147 C  "C1'" . U   D 4 12 ? 14.589  7.543   2.286   1.00 47.68  ? 42  U   D "C1'" 1 
ATOM   1148 N  N1    . U   D 4 12 ? 13.338  8.281   2.152   1.00 46.66  ? 42  U   D N1    1 
ATOM   1149 C  C2    . U   D 4 12 ? 12.868  8.884   3.292   1.00 45.63  ? 42  U   D C2    1 
ATOM   1150 O  O2    . U   D 4 12 ? 13.470  8.845   4.347   1.00 46.06  ? 42  U   D O2    1 
ATOM   1151 N  N3    . U   D 4 12 ? 11.678  9.535   3.155   1.00 45.34  ? 42  U   D N3    1 
ATOM   1152 C  C4    . U   D 4 12 ? 10.933  9.646   2.003   1.00 46.61  ? 42  U   D C4    1 
ATOM   1153 O  O4    . U   D 4 12 ? 9.849   10.222  2.039   1.00 48.79  ? 42  U   D O4    1 
ATOM   1154 C  C5    . U   D 4 12 ? 11.503  9.007   0.857   1.00 47.31  ? 42  U   D C5    1 
ATOM   1155 C  C6    . U   D 4 12 ? 12.659  8.361   0.970   1.00 48.18  ? 42  U   D C6    1 
ATOM   1156 P  P     . A   D 4 13 ? 17.655  4.200   2.839   1.00 45.19  ? 43  A   D P     1 
ATOM   1157 O  OP1   . A   D 4 13 ? 18.799  4.402   1.926   1.00 39.84  ? 43  A   D OP1   1 
ATOM   1158 O  OP2   . A   D 4 13 ? 16.784  3.006   2.686   1.00 43.09  ? 43  A   D OP2   1 
ATOM   1159 O  "O5'" . A   D 4 13 ? 18.190  4.283   4.339   1.00 45.95  ? 43  A   D "O5'" 1 
ATOM   1160 C  "C5'" . A   D 4 13 ? 18.841  5.466   4.808   1.00 47.11  ? 43  A   D "C5'" 1 
ATOM   1161 C  "C4'" . A   D 4 13 ? 18.395  5.789   6.213   1.00 50.40  ? 43  A   D "C4'" 1 
ATOM   1162 O  "O4'" . A   D 4 13 ? 16.988  6.112   6.203   1.00 53.04  ? 43  A   D "O4'" 1 
ATOM   1163 C  "C3'" . A   D 4 13 ? 18.525  4.667   7.226   1.00 52.11  ? 43  A   D "C3'" 1 
ATOM   1164 O  "O3'" . A   D 4 13 ? 19.815  4.711   7.806   1.00 53.11  ? 43  A   D "O3'" 1 
ATOM   1165 C  "C2'" . A   D 4 13 ? 17.479  5.045   8.261   1.00 50.95  ? 43  A   D "C2'" 1 
ATOM   1166 O  "O2'" . A   D 4 13 ? 17.941  6.056   9.135   1.00 50.81  ? 43  A   D "O2'" 1 
ATOM   1167 C  "C1'" . A   D 4 13 ? 16.374  5.608   7.373   1.00 48.35  ? 43  A   D "C1'" 1 
ATOM   1168 N  N9    . A   D 4 13 ? 15.411  4.601   6.946   1.00 50.32  ? 43  A   D N9    1 
ATOM   1169 C  C8    . A   D 4 13 ? 15.027  4.336   5.658   1.00 51.43  ? 43  A   D C8    1 
ATOM   1170 N  N7    . A   D 4 13 ? 14.118  3.398   5.558   1.00 49.82  ? 43  A   D N7    1 
ATOM   1171 C  C5    . A   D 4 13 ? 13.894  3.011   6.871   1.00 51.40  ? 43  A   D C5    1 
ATOM   1172 C  C6    . A   D 4 13 ? 13.037  2.052   7.440   1.00 50.65  ? 43  A   D C6    1 
ATOM   1173 N  N6    . A   D 4 13 ? 12.213  1.279   6.729   1.00 48.37  ? 43  A   D N6    1 
ATOM   1174 N  N1    . A   D 4 13 ? 13.058  1.914   8.781   1.00 50.59  ? 43  A   D N1    1 
ATOM   1175 C  C2    . A   D 4 13 ? 13.889  2.693   9.493   1.00 51.04  ? 43  A   D C2    1 
ATOM   1176 N  N3    . A   D 4 13 ? 14.742  3.629   9.072   1.00 51.28  ? 43  A   D N3    1 
ATOM   1177 C  C4    . A   D 4 13 ? 14.693  3.740   7.736   1.00 52.20  ? 43  A   D C4    1 
ATOM   1178 P  P     . C   D 4 14 ? 20.767  3.437   7.704   1.00 59.40  ? 44  C   D P     1 
ATOM   1179 O  OP1   . C   D 4 14 ? 21.995  3.755   8.465   1.00 59.17  ? 44  C   D OP1   1 
ATOM   1180 O  OP2   . C   D 4 14 ? 20.857  3.035   6.279   1.00 55.00  ? 44  C   D OP2   1 
ATOM   1181 O  "O5'" . C   D 4 14 ? 19.963  2.300   8.466   1.00 61.71  ? 44  C   D "O5'" 1 
ATOM   1182 C  "C5'" . C   D 4 14 ? 19.826  2.318   9.877   1.00 59.42  ? 44  C   D "C5'" 1 
ATOM   1183 C  "C4'" . C   D 4 14 ? 18.891  1.223   10.295  1.00 58.09  ? 44  C   D "C4'" 1 
ATOM   1184 O  "O4'" . C   D 4 14 ? 17.562  1.543   9.820   1.00 61.03  ? 44  C   D "O4'" 1 
ATOM   1185 C  "C3'" . C   D 4 14 ? 19.192  -0.107  9.638   1.00 61.92  ? 44  C   D "C3'" 1 
ATOM   1186 O  "O3'" . C   D 4 14 ? 20.195  -0.805  10.335  1.00 64.09  ? 44  C   D "O3'" 1 
ATOM   1187 C  "C2'" . C   D 4 14 ? 17.850  -0.812  9.686   1.00 62.71  ? 44  C   D "C2'" 1 
ATOM   1188 O  "O2'" . C   D 4 14 ? 17.575  -1.405  10.935  1.00 71.32  ? 44  C   D "O2'" 1 
ATOM   1189 C  "C1'" . C   D 4 14 ? 16.900  0.354   9.422   1.00 60.90  ? 44  C   D "C1'" 1 
ATOM   1190 N  N1    . C   D 4 14 ? 16.591  0.470   7.997   1.00 60.72  ? 44  C   D N1    1 
ATOM   1191 C  C2    . C   D 4 14 ? 15.738  -0.466  7.427   1.00 62.28  ? 44  C   D C2    1 
ATOM   1192 O  O2    . C   D 4 14 ? 15.259  -1.352  8.151   1.00 64.88  ? 44  C   D O2    1 
ATOM   1193 N  N3    . C   D 4 14 ? 15.460  -0.388  6.110   1.00 60.90  ? 44  C   D N3    1 
ATOM   1194 C  C4    . C   D 4 14 ? 16.006  0.579   5.371   1.00 57.71  ? 44  C   D C4    1 
ATOM   1195 N  N4    . C   D 4 14 ? 15.714  0.608   4.071   1.00 55.76  ? 44  C   D N4    1 
ATOM   1196 C  C5    . C   D 4 14 ? 16.875  1.557   5.930   1.00 57.50  ? 44  C   D C5    1 
ATOM   1197 C  C6    . C   D 4 14 ? 17.136  1.467   7.236   1.00 59.66  ? 44  C   D C6    1 
ATOM   1198 P  P     . C   D 4 15 ? 21.188  -1.756  9.521   1.00 67.99  ? 45  C   D P     1 
ATOM   1199 O  OP1   . C   D 4 15 ? 22.290  -2.134  10.437  1.00 67.45  ? 45  C   D OP1   1 
ATOM   1200 O  OP2   . C   D 4 15 ? 21.497  -1.098  8.233   1.00 68.51  ? 45  C   D OP2   1 
ATOM   1201 O  "O5'" . C   D 4 15 ? 20.302  -3.033  9.205   1.00 60.96  ? 45  C   D "O5'" 1 
ATOM   1202 C  "C5'" . C   D 4 15 ? 19.825  -3.849  10.259  1.00 59.26  ? 45  C   D "C5'" 1 
ATOM   1203 C  "C4'" . C   D 4 15 ? 19.033  -4.987  9.697   1.00 59.46  ? 45  C   D "C4'" 1 
ATOM   1204 O  "O4'" . C   D 4 15 ? 17.825  -4.460  9.105   1.00 62.95  ? 45  C   D "O4'" 1 
ATOM   1205 C  "C3'" . C   D 4 15 ? 19.719  -5.694  8.549   1.00 60.51  ? 45  C   D "C3'" 1 
ATOM   1206 O  "O3'" . C   D 4 15 ? 20.635  -6.662  9.013   1.00 64.69  ? 45  C   D "O3'" 1 
ATOM   1207 C  "C2'" . C   D 4 15 ? 18.548  -6.310  7.806   1.00 60.02  ? 45  C   D "C2'" 1 
ATOM   1208 O  "O2'" . C   D 4 15 ? 18.080  -7.506  8.387   1.00 59.82  ? 45  C   D "O2'" 1 
ATOM   1209 C  "C1'" . C   D 4 15 ? 17.503  -5.208  7.948   1.00 59.44  ? 45  C   D "C1'" 1 
ATOM   1210 N  N1    . C   D 4 15 ? 17.551  -4.306  6.801   1.00 57.90  ? 45  C   D N1    1 
ATOM   1211 C  C2    . C   D 4 15 ? 16.918  -4.698  5.618   1.00 58.94  ? 45  C   D C2    1 
ATOM   1212 O  O2    . C   D 4 15 ? 16.318  -5.787  5.593   1.00 59.50  ? 45  C   D O2    1 
ATOM   1213 N  N3    . C   D 4 15 ? 16.971  -3.889  4.538   1.00 56.45  ? 45  C   D N3    1 
ATOM   1214 C  C4    . C   D 4 15 ? 17.623  -2.729  4.615   1.00 56.79  ? 45  C   D C4    1 
ATOM   1215 N  N4    . C   D 4 15 ? 17.657  -1.964  3.522   1.00 56.53  ? 45  C   D N4    1 
ATOM   1216 C  C5    . C   D 4 15 ? 18.273  -2.299  5.813   1.00 57.07  ? 45  C   D C5    1 
ATOM   1217 C  C6    . C   D 4 15 ? 18.210  -3.112  6.873   1.00 56.61  ? 45  C   D C6    1 
ATOM   1218 P  P     . U   D 4 16 ? 21.851  -7.102  8.068   1.00 69.04  ? 46  U   D P     1 
ATOM   1219 O  OP1   . U   D 4 16 ? 22.722  -7.995  8.869   1.00 71.70  ? 46  U   D OP1   1 
ATOM   1220 O  OP2   . U   D 4 16 ? 22.417  -5.876  7.456   1.00 67.72  ? 46  U   D OP2   1 
ATOM   1221 O  "O5'" . U   D 4 16 ? 21.135  -7.961  6.939   1.00 64.32  ? 46  U   D "O5'" 1 
ATOM   1222 C  "C5'" . U   D 4 16 ? 20.386  -9.106  7.306   1.00 63.53  ? 46  U   D "C5'" 1 
ATOM   1223 C  "C4'" . U   D 4 16 ? 19.822  -9.793  6.092   1.00 63.48  ? 46  U   D "C4'" 1 
ATOM   1224 O  "O4'" . U   D 4 16 ? 18.731  -9.003  5.555   1.00 67.62  ? 46  U   D "O4'" 1 
ATOM   1225 C  "C3'" . U   D 4 16 ? 20.767  -9.966  4.915   1.00 64.36  ? 46  U   D "C3'" 1 
ATOM   1226 O  "O3'" . U   D 4 16 ? 21.614  -11.092 5.054   1.00 67.78  ? 46  U   D "O3'" 1 
ATOM   1227 C  "C2'" . U   D 4 16 ? 19.793  -10.130 3.762   1.00 65.46  ? 46  U   D "C2'" 1 
ATOM   1228 O  "O2'" . U   D 4 16 ? 19.217  -11.421 3.736   1.00 60.22  ? 46  U   D "O2'" 1 
ATOM   1229 C  "C1'" . U   D 4 16 ? 18.718  -9.116  4.141   1.00 65.45  ? 46  U   D "C1'" 1 
ATOM   1230 N  N1    . U   D 4 16 ? 19.021  -7.800  3.564   1.00 64.92  ? 46  U   D N1    1 
ATOM   1231 C  C2    . U   D 4 16 ? 18.716  -7.603  2.229   1.00 64.08  ? 46  U   D C2    1 
ATOM   1232 O  O2    . U   D 4 16 ? 18.200  -8.459  1.535   1.00 62.89  ? 46  U   D O2    1 
ATOM   1233 N  N3    . U   D 4 16 ? 19.041  -6.365  1.737   1.00 63.40  ? 46  U   D N3    1 
ATOM   1234 C  C4    . U   D 4 16 ? 19.634  -5.324  2.426   1.00 61.83  ? 46  U   D C4    1 
ATOM   1235 O  O4    . U   D 4 16 ? 19.933  -4.288  1.821   1.00 59.54  ? 46  U   D O4    1 
ATOM   1236 C  C5    . U   D 4 16 ? 19.909  -5.604  3.807   1.00 62.97  ? 46  U   D C5    1 
ATOM   1237 C  C6    . U   D 4 16 ? 19.600  -6.805  4.314   1.00 63.54  ? 46  U   D C6    1 
ATOM   1238 P  P     . G   D 4 17 ? 22.935  -11.201 4.151   1.00 69.46  ? 47  G   D P     1 
ATOM   1239 O  OP1   . G   D 4 17 ? 23.652  -12.428 4.578   1.00 74.45  ? 47  G   D OP1   1 
ATOM   1240 O  OP2   . G   D 4 17 ? 23.630  -9.893  4.204   1.00 68.48  ? 47  G   D OP2   1 
ATOM   1241 O  "O5'" . G   D 4 17 ? 22.373  -11.439 2.680   1.00 65.94  ? 47  G   D "O5'" 1 
ATOM   1242 C  "C5'" . G   D 4 17 ? 21.714  -12.655 2.346   1.00 61.47  ? 47  G   D "C5'" 1 
ATOM   1243 C  "C4'" . G   D 4 17 ? 21.369  -12.677 0.878   1.00 62.97  ? 47  G   D "C4'" 1 
ATOM   1244 O  "O4'" . G   D 4 17 ? 20.397  -11.636 0.607   1.00 62.63  ? 47  G   D "O4'" 1 
ATOM   1245 C  "C3'" . G   D 4 17 ? 22.514  -12.367 -0.069  1.00 63.76  ? 47  G   D "C3'" 1 
ATOM   1246 O  "O3'" . G   D 4 17 ? 23.293  -13.510 -0.358  1.00 64.52  ? 47  G   D "O3'" 1 
ATOM   1247 C  "C2'" . G   D 4 17 ? 21.791  -11.859 -1.308  1.00 62.93  ? 47  G   D "C2'" 1 
ATOM   1248 O  "O2'" . G   D 4 17 ? 21.305  -12.883 -2.149  1.00 64.72  ? 47  G   D "O2'" 1 
ATOM   1249 C  "C1'" . G   D 4 17 ? 20.642  -11.072 -0.674  1.00 64.38  ? 47  G   D "C1'" 1 
ATOM   1250 N  N9    . G   D 4 17 ? 21.022  -9.675  -0.490  1.00 63.35  ? 47  G   D N9    1 
ATOM   1251 C  C8    . G   D 4 17 ? 21.469  -9.078  0.669   1.00 62.15  ? 47  G   D C8    1 
ATOM   1252 N  N7    . G   D 4 17 ? 21.776  -7.819  0.508   1.00 61.27  ? 47  G   D N7    1 
ATOM   1253 C  C5    . G   D 4 17 ? 21.507  -7.569  -0.834  1.00 59.83  ? 47  G   D C5    1 
ATOM   1254 C  C6    . G   D 4 17 ? 21.652  -6.378  -1.603  1.00 59.26  ? 47  G   D C6    1 
ATOM   1255 O  O6    . G   D 4 17 ? 22.068  -5.265  -1.239  1.00 57.73  ? 47  G   D O6    1 
ATOM   1256 N  N1    . G   D 4 17 ? 21.259  -6.572  -2.924  1.00 56.54  ? 47  G   D N1    1 
ATOM   1257 C  C2    . G   D 4 17 ? 20.795  -7.751  -3.442  1.00 57.13  ? 47  G   D C2    1 
ATOM   1258 N  N2    . G   D 4 17 ? 20.464  -7.735  -4.737  1.00 58.99  ? 47  G   D N2    1 
ATOM   1259 N  N3    . G   D 4 17 ? 20.661  -8.866  -2.744  1.00 59.16  ? 47  G   D N3    1 
ATOM   1260 C  C4    . G   D 4 17 ? 21.031  -8.704  -1.458  1.00 60.79  ? 47  G   D C4    1 
ATOM   1261 P  P     . C   D 4 18 ? 24.745  -13.323 -1.011  1.00 72.47  ? 48  C   D P     1 
ATOM   1262 O  OP1   . C   D 4 18 ? 25.274  -14.683 -1.257  1.00 77.47  ? 48  C   D OP1   1 
ATOM   1263 O  OP2   . C   D 4 18 ? 25.532  -12.366 -0.189  1.00 65.57  ? 48  C   D OP2   1 
ATOM   1264 O  "O5'" . C   D 4 18 ? 24.447  -12.667 -2.428  1.00 69.68  ? 48  C   D "O5'" 1 
ATOM   1265 C  "C5'" . C   D 4 18 ? 23.903  -13.451 -3.479  1.00 62.89  ? 48  C   D "C5'" 1 
ATOM   1266 C  "C4'" . C   D 4 18 ? 23.955  -12.686 -4.767  1.00 62.93  ? 48  C   D "C4'" 1 
ATOM   1267 O  "O4'" . C   D 4 18 ? 23.085  -11.535 -4.655  1.00 64.83  ? 48  C   D "O4'" 1 
ATOM   1268 C  "C3'" . C   D 4 18 ? 25.308  -12.091 -5.101  1.00 64.07  ? 48  C   D "C3'" 1 
ATOM   1269 O  "O3'" . C   D 4 18 ? 26.147  -13.032 -5.734  1.00 62.00  ? 48  C   D "O3'" 1 
ATOM   1270 C  "C2'" . C   D 4 18 ? 24.929  -10.942 -6.022  1.00 63.29  ? 48  C   D "C2'" 1 
ATOM   1271 O  "O2'" . C   D 4 18 ? 24.629  -11.365 -7.335  1.00 65.19  ? 48  C   D "O2'" 1 
ATOM   1272 C  "C1'" . C   D 4 18 ? 23.656  -10.435 -5.346  1.00 63.54  ? 48  C   D "C1'" 1 
ATOM   1273 N  N1    . C   D 4 18 ? 23.974  -9.398  -4.362  1.00 61.97  ? 48  C   D N1    1 
ATOM   1274 C  C2    . C   D 4 18 ? 24.162  -8.101  -4.810  1.00 62.05  ? 48  C   D C2    1 
ATOM   1275 O  O2    . C   D 4 18 ? 24.016  -7.864  -6.017  1.00 62.34  ? 48  C   D O2    1 
ATOM   1276 N  N3    . C   D 4 18 ? 24.497  -7.136  -3.923  1.00 61.13  ? 48  C   D N3    1 
ATOM   1277 C  C4    . C   D 4 18 ? 24.636  -7.438  -2.631  1.00 61.12  ? 48  C   D C4    1 
ATOM   1278 N  N4    . C   D 4 18 ? 24.979  -6.458  -1.794  1.00 58.45  ? 48  C   D N4    1 
ATOM   1279 C  C5    . C   D 4 18 ? 24.432  -8.760  -2.144  1.00 62.21  ? 48  C   D C5    1 
ATOM   1280 C  C6    . C   D 4 18 ? 24.102  -9.700  -3.036  1.00 62.69  ? 48  C   D C6    1 
ATOM   1281 P  P     . C   D 4 19 ? 27.734  -12.892 -5.587  1.00 66.88  ? 49  C   D P     1 
ATOM   1282 O  OP1   . C   D 4 19 ? 28.332  -14.108 -6.174  1.00 72.23  ? 49  C   D OP1   1 
ATOM   1283 O  OP2   . C   D 4 19 ? 28.049  -12.519 -4.184  1.00 66.21  ? 49  C   D OP2   1 
ATOM   1284 O  "O5'" . C   D 4 19 ? 28.103  -11.670 -6.533  1.00 67.05  ? 49  C   D "O5'" 1 
ATOM   1285 C  "C5'" . C   D 4 19 ? 27.753  -11.696 -7.910  1.00 61.68  ? 49  C   D "C5'" 1 
ATOM   1286 C  "C4'" . C   D 4 19 ? 27.908  -10.324 -8.511  1.00 63.18  ? 49  C   D "C4'" 1 
ATOM   1287 O  "O4'" . C   D 4 19 ? 26.999  -9.408  -7.846  1.00 64.25  ? 49  C   D "O4'" 1 
ATOM   1288 C  "C3'" . C   D 4 19 ? 29.272  -9.689  -8.308  1.00 63.55  ? 49  C   D "C3'" 1 
ATOM   1289 O  "O3'" . C   D 4 19 ? 30.269  -10.183 -9.204  1.00 67.83  ? 49  C   D "O3'" 1 
ATOM   1290 C  "C2'" . C   D 4 19 ? 28.958  -8.208  -8.444  1.00 63.78  ? 49  C   D "C2'" 1 
ATOM   1291 O  "O2'" . C   D 4 19 ? 28.777  -7.809  -9.784  1.00 62.13  ? 49  C   D "O2'" 1 
ATOM   1292 C  "C1'" . C   D 4 19 ? 27.601  -8.129  -7.752  1.00 62.86  ? 49  C   D "C1'" 1 
ATOM   1293 N  N1    . C   D 4 19 ? 27.698  -7.755  -6.338  1.00 63.84  ? 49  C   D N1    1 
ATOM   1294 C  C2    . C   D 4 19 ? 27.958  -6.427  -6.023  1.00 64.63  ? 49  C   D C2    1 
ATOM   1295 O  O2    . C   D 4 19 ? 28.110  -5.614  -6.946  1.00 66.78  ? 49  C   D O2    1 
ATOM   1296 N  N3    . C   D 4 19 ? 28.038  -6.057  -4.729  1.00 64.35  ? 49  C   D N3    1 
ATOM   1297 C  C4    . C   D 4 19 ? 27.875  -6.961  -3.769  1.00 63.61  ? 49  C   D C4    1 
ATOM   1298 N  N4    . C   D 4 19 ? 27.963  -6.549  -2.507  1.00 61.16  ? 49  C   D N4    1 
ATOM   1299 C  C5    . C   D 4 19 ? 27.615  -8.331  -4.062  1.00 63.97  ? 49  C   D C5    1 
ATOM   1300 C  C6    . C   D 4 19 ? 27.536  -8.681  -5.350  1.00 63.95  ? 49  C   D C6    1 
HETATM 1301 S  S     . SO4 E 5 .  ? 17.730  20.262  -2.627  1.00 78.94  ? 201 SO4 A S     1 
HETATM 1302 O  O1    . SO4 E 5 .  ? 16.612  20.250  -1.652  1.00 76.79  ? 201 SO4 A O1    1 
HETATM 1303 O  O2    . SO4 E 5 .  ? 19.018  20.403  -1.902  1.00 80.98  ? 201 SO4 A O2    1 
HETATM 1304 O  O3    . SO4 E 5 .  ? 17.724  19.009  -3.409  1.00 79.49  ? 201 SO4 A O3    1 
HETATM 1305 O  O4    . SO4 E 5 .  ? 17.571  21.398  -3.562  1.00 82.08  ? 201 SO4 A O4    1 
HETATM 1306 CO CO    . NCO F 6 .  ? 16.283  18.683  2.038   1.00 31.48  ? 102 NCO B CO    1 
HETATM 1307 N  N1    . NCO F 6 .  ? 14.700  18.368  3.251   1.00 39.86  ? 102 NCO B N1    1 
HETATM 1308 N  N2    . NCO F 6 .  ? 16.903  16.848  2.534   1.00 37.45  ? 102 NCO B N2    1 
HETATM 1309 N  N3    . NCO F 6 .  ? 15.292  18.171  0.407   1.00 35.87  ? 102 NCO B N3    1 
HETATM 1310 N  N4    . NCO F 6 .  ? 17.389  19.229  3.548   1.00 35.22  ? 102 NCO B N4    1 
HETATM 1311 N  N5    . NCO F 6 .  ? 17.848  19.014  0.933   1.00 42.74  ? 102 NCO B N5    1 
HETATM 1312 N  N6    . NCO F 6 .  ? 15.650  20.537  1.647   1.00 36.90  ? 102 NCO B N6    1 
HETATM 1313 CO CO    . NCO G 6 .  ? 8.496   -2.190  -2.360  1.00 27.40  ? 101 NCO D CO    1 
HETATM 1314 N  N1    . NCO G 6 .  ? 6.791   -2.572  -3.329  1.00 37.01  ? 101 NCO D N1    1 
HETATM 1315 N  N2    . NCO G 6 .  ? 7.807   -3.285  -0.841  1.00 40.11  ? 101 NCO D N2    1 
HETATM 1316 N  N3    . NCO G 6 .  ? 9.508   -3.635  -3.225  1.00 40.18  ? 101 NCO D N3    1 
HETATM 1317 N  N4    . NCO G 6 .  ? 7.686   -0.690  -1.447  1.00 42.63  ? 101 NCO D N4    1 
HETATM 1318 N  N5    . NCO G 6 .  ? 10.110  -1.758  -1.396  1.00 39.47  ? 101 NCO D N5    1 
HETATM 1319 N  N6    . NCO G 6 .  ? 9.077   -1.062  -3.890  1.00 41.36  ? 101 NCO D N6    1 
HETATM 1320 CO CO    . NCO H 6 .  ? -1.098  6.517   7.075   1.00 95.06  ? 103 NCO D CO    1 
HETATM 1321 N  N1    . NCO H 6 .  ? -1.466  6.856   9.042   1.00 96.72  ? 103 NCO D N1    1 
HETATM 1322 N  N2    . NCO H 6 .  ? 0.579   5.583   7.668   1.00 95.19  ? 103 NCO D N2    1 
HETATM 1323 N  N3    . NCO H 6 .  ? -2.237  4.881   6.997   1.00 96.49  ? 103 NCO D N3    1 
HETATM 1324 N  N4    . NCO H 6 .  ? 0.020   8.123   6.971   1.00 96.54  ? 103 NCO D N4    1 
HETATM 1325 N  N5    . NCO H 6 .  ? -0.678  6.237   5.183   1.00 94.81  ? 103 NCO D N5    1 
HETATM 1326 N  N6    . NCO H 6 .  ? -2.766  7.542   6.568   1.00 95.74  ? 103 NCO D N6    1 
HETATM 1327 O  O     . HOH I 7 .  ? 12.060  14.797  -11.411 1.00 66.68  ? 103 HOH B O     1 
HETATM 1328 O  O     . HOH I 7 .  ? 19.880  8.614   0.549   1.00 51.50  ? 104 HOH B O     1 
HETATM 1329 O  O     . HOH J 7 .  ? 19.586  6.175   -3.508  1.00 60.48  ? 3   HOH C O     1 
HETATM 1330 O  O     . HOH J 7 .  ? -13.811 19.853  10.266  1.00 42.73  ? 4   HOH C O     1 
HETATM 1331 O  O     . HOH J 7 .  ? -12.192 19.712  5.289   1.00 63.57  ? 5   HOH C O     1 
HETATM 1332 O  O     . HOH K 7 .  ? -4.190  19.857  10.479  1.00 49.54  ? 6   HOH D O     1 
HETATM 1333 O  O     . HOH K 7 .  ? -2.113  9.335   8.598   1.00 53.88  ? 7   HOH D O     1 
HETATM 1334 O  O     . HOH K 7 .  ? 23.851  7.014   6.838   1.00 66.07  ? 8   HOH D O     1 
# 
loop_
_pdbx_poly_seq_scheme.asym_id 
_pdbx_poly_seq_scheme.entity_id 
_pdbx_poly_seq_scheme.seq_id 
_pdbx_poly_seq_scheme.mon_id 
_pdbx_poly_seq_scheme.ndb_seq_num 
_pdbx_poly_seq_scheme.pdb_seq_num 
_pdbx_poly_seq_scheme.auth_seq_num 
_pdbx_poly_seq_scheme.pdb_mon_id 
_pdbx_poly_seq_scheme.auth_mon_id 
_pdbx_poly_seq_scheme.pdb_strand_id 
_pdbx_poly_seq_scheme.pdb_ins_code 
_pdbx_poly_seq_scheme.hetero 
A 1 1  U   1  1  1  U   U   A . n 
A 1 2  C   2  2  2  C   C   A . n 
A 1 3  C   3  3  3  C   C   A . n 
A 1 4  C   4  4  4  C   C   A . n 
A 1 5  A2M 5  5  5  A2M A2M A . n 
A 1 6  G   6  6  6  G   G   A . n 
A 1 7  U   7  7  7  U   U   A . n 
A 1 8  C   8  8  8  C   C   A . n 
A 1 9  C   9  9  9  C   C   A . n 
A 1 10 A   10 10 10 A   A   A . n 
A 1 11 C   11 11 11 C   C   A . n 
A 1 12 C   12 12 12 C   C   A . n 
A 1 13 G   13 13 13 G   G   A . n 
B 2 1  C   1  2  2  C   C   B . n 
B 2 2  G   2  3  3  G   G   B . n 
B 2 3  G   3  4  4  G   G   B . n 
B 2 4  U   4  5  5  U   U   B . n 
B 2 5  G   5  6  6  G   G   B . n 
B 2 6  A   6  7  7  A   A   B . n 
B 2 7  G   7  8  8  G   G   B . n 
B 2 8  A   8  9  9  A   A   B . n 
B 2 9  A   9  10 10 A   A   B . n 
B 2 10 G   10 11 11 G   G   B . n 
B 2 11 G   11 12 12 G   G   B . n 
B 2 12 G   12 13 13 G   G   B . n 
C 3 1  G   1  15 15 G   G   C . n 
C 3 2  G   2  16 16 G   G   C . n 
C 3 3  C   3  17 17 C   C   C . n 
C 3 4  A   4  18 18 A   A   C . n 
C 3 5  G   5  19 19 G   G   C . n 
C 3 6  A   6  20 20 A   A   C . n 
C 3 7  G   7  21 21 G   G   C . n 
C 3 8  A   8  22 22 A   A   C . n 
C 3 9  A   9  23 23 A   A   C . n 
C 3 10 A   10 24 24 A   A   C . n 
C 3 11 C   11 25 25 C   C   C . n 
C 3 12 A   12 26 26 A   A   C . n 
C 3 13 C   13 27 27 C   C   C . n 
C 3 14 A   14 28 28 A   A   C . n 
C 3 15 C   15 29 29 C   C   C . n 
C 3 16 G   16 30 30 G   G   C . n 
C 3 17 A   17 31 31 A   A   C . n 
D 4 1  U   1  31 31 U   U   D . n 
D 4 2  C   2  32 32 C   C   D . n 
D 4 3  G   3  33 33 G   G   D . n 
D 4 4  U   4  34 34 U   U   D . n 
D 4 5  G   5  35 35 G   G   D . n 
D 4 6  G   6  36 36 G   G   D . n 
D 4 7  U   7  37 37 U   U   D . n 
D 4 8  A   8  38 38 A   A   D . n 
D 4 9  PDI 9  39 39 PDI C3P D . n 
D 4 10 A   10 40 40 A   A   D . n 
D 4 11 U   11 41 41 U   U   D . n 
D 4 12 U   12 42 42 U   U   D . n 
D 4 13 A   13 43 43 A   A   D . n 
D 4 14 C   14 44 44 C   C   D . n 
D 4 15 C   15 45 45 C   C   D . n 
D 4 16 U   16 46 46 U   U   D . n 
D 4 17 G   17 47 47 G   G   D . n 
D 4 18 C   18 48 48 C   C   D . n 
D 4 19 C   19 49 49 C   C   D . n 
# 
loop_
_pdbx_nonpoly_scheme.asym_id 
_pdbx_nonpoly_scheme.entity_id 
_pdbx_nonpoly_scheme.mon_id 
_pdbx_nonpoly_scheme.ndb_seq_num 
_pdbx_nonpoly_scheme.pdb_seq_num 
_pdbx_nonpoly_scheme.auth_seq_num 
_pdbx_nonpoly_scheme.pdb_mon_id 
_pdbx_nonpoly_scheme.auth_mon_id 
_pdbx_nonpoly_scheme.pdb_strand_id 
_pdbx_nonpoly_scheme.pdb_ins_code 
E 5 SO4 1 201 1 SO4 SO4 A . 
F 6 NCO 1 102 2 NCO NCO B . 
G 6 NCO 1 101 1 NCO NCO D . 
H 6 NCO 1 103 3 NCO NCO D . 
I 7 HOH 1 103 1 HOH HOH B . 
I 7 HOH 2 104 2 HOH HOH B . 
J 7 HOH 1 3   3 HOH HOH C . 
J 7 HOH 2 4   4 HOH HOH C . 
J 7 HOH 3 5   5 HOH HOH C . 
K 7 HOH 1 6   6 HOH HOH D . 
K 7 HOH 2 7   7 HOH HOH D . 
K 7 HOH 3 8   8 HOH HOH D . 
# 
_pdbx_struct_mod_residue.id               1 
_pdbx_struct_mod_residue.label_asym_id    A 
_pdbx_struct_mod_residue.label_comp_id    A2M 
_pdbx_struct_mod_residue.label_seq_id     5 
_pdbx_struct_mod_residue.auth_asym_id     A 
_pdbx_struct_mod_residue.auth_comp_id     A2M 
_pdbx_struct_mod_residue.auth_seq_id      5 
_pdbx_struct_mod_residue.PDB_ins_code     ? 
_pdbx_struct_mod_residue.parent_comp_id   A 
_pdbx_struct_mod_residue.details          "2'-O-METHYL-ADENOSINE-5'-MONOPHOSPHATE" 
# 
_pdbx_struct_assembly.id                   1 
_pdbx_struct_assembly.details              author_defined_assembly 
_pdbx_struct_assembly.method_details       ? 
_pdbx_struct_assembly.oligomeric_details   tetrameric 
_pdbx_struct_assembly.oligomeric_count     4 
# 
_pdbx_struct_assembly_gen.assembly_id       1 
_pdbx_struct_assembly_gen.oper_expression   1 
_pdbx_struct_assembly_gen.asym_id_list      A,B,C,D,E,F,G,H,I,J,K 
# 
_pdbx_struct_oper_list.id                   1 
_pdbx_struct_oper_list.type                 'identity operation' 
_pdbx_struct_oper_list.name                 1_555 
_pdbx_struct_oper_list.symmetry_operation   x,y,z 
_pdbx_struct_oper_list.matrix[1][1]         1.0000000000 
_pdbx_struct_oper_list.matrix[1][2]         0.0000000000 
_pdbx_struct_oper_list.matrix[1][3]         0.0000000000 
_pdbx_struct_oper_list.vector[1]            0.0000000000 
_pdbx_struct_oper_list.matrix[2][1]         0.0000000000 
_pdbx_struct_oper_list.matrix[2][2]         1.0000000000 
_pdbx_struct_oper_list.matrix[2][3]         0.0000000000 
_pdbx_struct_oper_list.vector[2]            0.0000000000 
_pdbx_struct_oper_list.matrix[3][1]         0.0000000000 
_pdbx_struct_oper_list.matrix[3][2]         0.0000000000 
_pdbx_struct_oper_list.matrix[3][3]         1.0000000000 
_pdbx_struct_oper_list.vector[3]            0.0000000000 
# 
loop_
_pdbx_audit_revision_history.ordinal 
_pdbx_audit_revision_history.data_content_type 
_pdbx_audit_revision_history.major_revision 
_pdbx_audit_revision_history.minor_revision 
_pdbx_audit_revision_history.revision_date 
1 'Structure model' 1 0 2005-11-01 
2 'Structure model' 1 1 2008-04-30 
3 'Structure model' 1 2 2011-07-13 
4 'Structure model' 2 0 2022-04-13 
5 'Structure model' 2 1 2023-10-25 
# 
_pdbx_audit_revision_details.ordinal             1 
_pdbx_audit_revision_details.revision_ordinal    1 
_pdbx_audit_revision_details.data_content_type   'Structure model' 
_pdbx_audit_revision_details.provider            repository 
_pdbx_audit_revision_details.type                'Initial release' 
_pdbx_audit_revision_details.description         ? 
_pdbx_audit_revision_details.details             ? 
# 
loop_
_pdbx_audit_revision_group.ordinal 
_pdbx_audit_revision_group.revision_ordinal 
_pdbx_audit_revision_group.data_content_type 
_pdbx_audit_revision_group.group 
1  2 'Structure model' 'Version format compliance' 
2  3 'Structure model' 'Non-polymer description'   
3  3 'Structure model' 'Version format compliance' 
4  4 'Structure model' 'Atomic model'              
5  4 'Structure model' 'Database references'       
6  4 'Structure model' 'Derived calculations'      
7  4 'Structure model' 'Non-polymer description'   
8  4 'Structure model' 'Polymer sequence'          
9  4 'Structure model' 'Structure summary'         
10 5 'Structure model' 'Data collection'           
11 5 'Structure model' 'Refinement description'    
# 
loop_
_pdbx_audit_revision_category.ordinal 
_pdbx_audit_revision_category.revision_ordinal 
_pdbx_audit_revision_category.data_content_type 
_pdbx_audit_revision_category.category 
1  4 'Structure model' atom_site                     
2  4 'Structure model' chem_comp                     
3  4 'Structure model' database_2                    
4  4 'Structure model' entity                        
5  4 'Structure model' entity_poly                   
6  4 'Structure model' entity_poly_seq               
7  4 'Structure model' pdbx_poly_seq_scheme          
8  4 'Structure model' struct_conn                   
9  4 'Structure model' struct_site                   
10 5 'Structure model' chem_comp_atom                
11 5 'Structure model' chem_comp_bond                
12 5 'Structure model' pdbx_initial_refinement_model 
# 
loop_
_pdbx_audit_revision_item.ordinal 
_pdbx_audit_revision_item.revision_ordinal 
_pdbx_audit_revision_item.data_content_type 
_pdbx_audit_revision_item.item 
1  4 'Structure model' '_atom_site.B_iso_or_equiv'                 
2  4 'Structure model' '_atom_site.Cartn_x'                        
3  4 'Structure model' '_atom_site.Cartn_y'                        
4  4 'Structure model' '_atom_site.Cartn_z'                        
5  4 'Structure model' '_atom_site.auth_atom_id'                   
6  4 'Structure model' '_atom_site.auth_comp_id'                   
7  4 'Structure model' '_atom_site.label_atom_id'                  
8  4 'Structure model' '_atom_site.label_comp_id'                  
9  4 'Structure model' '_atom_site.type_symbol'                    
10 4 'Structure model' '_chem_comp.formula'                        
11 4 'Structure model' '_chem_comp.formula_weight'                 
12 4 'Structure model' '_chem_comp.id'                             
13 4 'Structure model' '_chem_comp.name'                           
14 4 'Structure model' '_chem_comp.pdbx_synonyms'                  
15 4 'Structure model' '_chem_comp.type'                           
16 4 'Structure model' '_database_2.pdbx_DOI'                      
17 4 'Structure model' '_database_2.pdbx_database_accession'       
18 4 'Structure model' '_entity.formula_weight'                    
19 4 'Structure model' '_entity_poly.pdbx_seq_one_letter_code'     
20 4 'Structure model' '_entity_poly.pdbx_seq_one_letter_code_can' 
21 4 'Structure model' '_entity_poly_seq.mon_id'                   
22 4 'Structure model' '_pdbx_poly_seq_scheme.mon_id'              
23 4 'Structure model' '_pdbx_poly_seq_scheme.pdb_mon_id'          
24 4 'Structure model' '_struct_conn.pdbx_leaving_atom_flag'       
25 4 'Structure model' '_struct_conn.ptnr1_auth_comp_id'           
26 4 'Structure model' '_struct_conn.ptnr1_label_atom_id'          
27 4 'Structure model' '_struct_conn.ptnr1_label_comp_id'          
28 4 'Structure model' '_struct_conn.ptnr2_auth_comp_id'           
29 4 'Structure model' '_struct_conn.ptnr2_label_comp_id'          
30 4 'Structure model' '_struct_site.pdbx_auth_asym_id'            
31 4 'Structure model' '_struct_site.pdbx_auth_comp_id'            
32 4 'Structure model' '_struct_site.pdbx_auth_seq_id'             
# 
loop_
_software.name 
_software.classification 
_software.version 
_software.citation_id 
_software.pdbx_ordinal 
CNS          refinement       1.1            ? 1 
CrystalClear 'data reduction' '(MSC/RIGAKU)' ? 2 
CrystalClear 'data scaling'   '(MSC/RIGAKU)' ? 3 
CNS          phasing          1.1            ? 4 
# 
_pdbx_validate_rmsd_angle.id                         1 
_pdbx_validate_rmsd_angle.PDB_model_num              1 
_pdbx_validate_rmsd_angle.auth_atom_id_1             "C4'" 
_pdbx_validate_rmsd_angle.auth_asym_id_1             A 
_pdbx_validate_rmsd_angle.auth_comp_id_1             C 
_pdbx_validate_rmsd_angle.auth_seq_id_1              2 
_pdbx_validate_rmsd_angle.PDB_ins_code_1             ? 
_pdbx_validate_rmsd_angle.label_alt_id_1             ? 
_pdbx_validate_rmsd_angle.auth_atom_id_2             "C3'" 
_pdbx_validate_rmsd_angle.auth_asym_id_2             A 
_pdbx_validate_rmsd_angle.auth_comp_id_2             C 
_pdbx_validate_rmsd_angle.auth_seq_id_2              2 
_pdbx_validate_rmsd_angle.PDB_ins_code_2             ? 
_pdbx_validate_rmsd_angle.label_alt_id_2             ? 
_pdbx_validate_rmsd_angle.auth_atom_id_3             "C2'" 
_pdbx_validate_rmsd_angle.auth_asym_id_3             A 
_pdbx_validate_rmsd_angle.auth_comp_id_3             C 
_pdbx_validate_rmsd_angle.auth_seq_id_3              2 
_pdbx_validate_rmsd_angle.PDB_ins_code_3             ? 
_pdbx_validate_rmsd_angle.label_alt_id_3             ? 
_pdbx_validate_rmsd_angle.angle_value                108.73 
_pdbx_validate_rmsd_angle.angle_target_value         102.60 
_pdbx_validate_rmsd_angle.angle_deviation            6.13 
_pdbx_validate_rmsd_angle.angle_standard_deviation   1.00 
_pdbx_validate_rmsd_angle.linker_flag                N 
# 
loop_
_chem_comp_atom.comp_id 
_chem_comp_atom.atom_id 
_chem_comp_atom.type_symbol 
_chem_comp_atom.pdbx_aromatic_flag 
_chem_comp_atom.pdbx_stereo_config 
_chem_comp_atom.pdbx_ordinal 
A   OP3    O  N N 1   
A   P      P  N N 2   
A   OP1    O  N N 3   
A   OP2    O  N N 4   
A   "O5'"  O  N N 5   
A   "C5'"  C  N N 6   
A   "C4'"  C  N R 7   
A   "O4'"  O  N N 8   
A   "C3'"  C  N S 9   
A   "O3'"  O  N N 10  
A   "C2'"  C  N R 11  
A   "O2'"  O  N N 12  
A   "C1'"  C  N R 13  
A   N9     N  Y N 14  
A   C8     C  Y N 15  
A   N7     N  Y N 16  
A   C5     C  Y N 17  
A   C6     C  Y N 18  
A   N6     N  N N 19  
A   N1     N  Y N 20  
A   C2     C  Y N 21  
A   N3     N  Y N 22  
A   C4     C  Y N 23  
A   HOP3   H  N N 24  
A   HOP2   H  N N 25  
A   "H5'"  H  N N 26  
A   "H5''" H  N N 27  
A   "H4'"  H  N N 28  
A   "H3'"  H  N N 29  
A   "HO3'" H  N N 30  
A   "H2'"  H  N N 31  
A   "HO2'" H  N N 32  
A   "H1'"  H  N N 33  
A   H8     H  N N 34  
A   H61    H  N N 35  
A   H62    H  N N 36  
A   H2     H  N N 37  
A2M P      P  N N 38  
A2M OP1    O  N N 39  
A2M OP3    O  N N 40  
A2M "O5'"  O  N N 41  
A2M "C5'"  C  N N 42  
A2M "C4'"  C  N R 43  
A2M "O4'"  O  N N 44  
A2M "C3'"  C  N R 45  
A2M "O3'"  O  N N 46  
A2M "C2'"  C  N R 47  
A2M "O2'"  O  N N 48  
A2M "C1'"  C  N R 49  
A2M "CM'"  C  N N 50  
A2M N9     N  Y N 51  
A2M C8     C  Y N 52  
A2M N7     N  Y N 53  
A2M C5     C  Y N 54  
A2M C6     C  Y N 55  
A2M N6     N  N N 56  
A2M N1     N  Y N 57  
A2M C2     C  Y N 58  
A2M N3     N  Y N 59  
A2M C4     C  Y N 60  
A2M HOP3   H  N N 61  
A2M "H5'"  H  N N 62  
A2M "H5''" H  N N 63  
A2M "H4'"  H  N N 64  
A2M "H3'"  H  N N 65  
A2M "HO3'" H  N N 66  
A2M "H2'"  H  N N 67  
A2M "H1'"  H  N N 68  
A2M "HM'1" H  N N 69  
A2M "HM'2" H  N N 70  
A2M "HM'3" H  N N 71  
A2M H8     H  N N 72  
A2M H61    H  N N 73  
A2M H62    H  N N 74  
A2M H2     H  N N 75  
A2M OP2    O  N N 76  
A2M HOP2   H  N N 77  
C   OP3    O  N N 78  
C   P      P  N N 79  
C   OP1    O  N N 80  
C   OP2    O  N N 81  
C   "O5'"  O  N N 82  
C   "C5'"  C  N N 83  
C   "C4'"  C  N R 84  
C   "O4'"  O  N N 85  
C   "C3'"  C  N S 86  
C   "O3'"  O  N N 87  
C   "C2'"  C  N R 88  
C   "O2'"  O  N N 89  
C   "C1'"  C  N R 90  
C   N1     N  N N 91  
C   C2     C  N N 92  
C   O2     O  N N 93  
C   N3     N  N N 94  
C   C4     C  N N 95  
C   N4     N  N N 96  
C   C5     C  N N 97  
C   C6     C  N N 98  
C   HOP3   H  N N 99  
C   HOP2   H  N N 100 
C   "H5'"  H  N N 101 
C   "H5''" H  N N 102 
C   "H4'"  H  N N 103 
C   "H3'"  H  N N 104 
C   "HO3'" H  N N 105 
C   "H2'"  H  N N 106 
C   "HO2'" H  N N 107 
C   "H1'"  H  N N 108 
C   H41    H  N N 109 
C   H42    H  N N 110 
C   H5     H  N N 111 
C   H6     H  N N 112 
G   OP3    O  N N 113 
G   P      P  N N 114 
G   OP1    O  N N 115 
G   OP2    O  N N 116 
G   "O5'"  O  N N 117 
G   "C5'"  C  N N 118 
G   "C4'"  C  N R 119 
G   "O4'"  O  N N 120 
G   "C3'"  C  N S 121 
G   "O3'"  O  N N 122 
G   "C2'"  C  N R 123 
G   "O2'"  O  N N 124 
G   "C1'"  C  N R 125 
G   N9     N  Y N 126 
G   C8     C  Y N 127 
G   N7     N  Y N 128 
G   C5     C  Y N 129 
G   C6     C  N N 130 
G   O6     O  N N 131 
G   N1     N  N N 132 
G   C2     C  N N 133 
G   N2     N  N N 134 
G   N3     N  N N 135 
G   C4     C  Y N 136 
G   HOP3   H  N N 137 
G   HOP2   H  N N 138 
G   "H5'"  H  N N 139 
G   "H5''" H  N N 140 
G   "H4'"  H  N N 141 
G   "H3'"  H  N N 142 
G   "HO3'" H  N N 143 
G   "H2'"  H  N N 144 
G   "HO2'" H  N N 145 
G   "H1'"  H  N N 146 
G   H8     H  N N 147 
G   H1     H  N N 148 
G   H21    H  N N 149 
G   H22    H  N N 150 
HOH O      O  N N 151 
HOH H1     H  N N 152 
HOH H2     H  N N 153 
NCO CO     CO N N 154 
NCO N1     N  N N 155 
NCO N2     N  N N 156 
NCO N3     N  N N 157 
NCO N4     N  N N 158 
NCO N5     N  N N 159 
NCO N6     N  N N 160 
NCO HN11   H  N N 161 
NCO HN12   H  N N 162 
NCO HN13   H  N N 163 
NCO HN21   H  N N 164 
NCO HN22   H  N N 165 
NCO HN23   H  N N 166 
NCO HN31   H  N N 167 
NCO HN32   H  N N 168 
NCO HN33   H  N N 169 
NCO HN41   H  N N 170 
NCO HN42   H  N N 171 
NCO HN43   H  N N 172 
NCO HN51   H  N N 173 
NCO HN52   H  N N 174 
NCO HN53   H  N N 175 
NCO HN61   H  N N 176 
NCO HN62   H  N N 177 
NCO HN63   H  N N 178 
PDI O3P    O  N N 179 
PDI P      P  N N 180 
PDI O1P    O  N N 181 
PDI O2P    O  N N 182 
PDI OA     O  N N 183 
PDI CA     C  N N 184 
PDI CB     C  N N 185 
PDI CG     C  N N 186 
PDI OG     O  N N 187 
PDI HOP3   H  N N 188 
PDI HOP2   H  N N 189 
PDI HA1    H  N N 190 
PDI HA2    H  N N 191 
PDI HB1    H  N N 192 
PDI HB2    H  N N 193 
PDI HG1    H  N N 194 
PDI HG2    H  N N 195 
PDI HGT    H  N N 196 
SO4 S      S  N N 197 
SO4 O1     O  N N 198 
SO4 O2     O  N N 199 
SO4 O3     O  N N 200 
SO4 O4     O  N N 201 
U   OP3    O  N N 202 
U   P      P  N N 203 
U   OP1    O  N N 204 
U   OP2    O  N N 205 
U   "O5'"  O  N N 206 
U   "C5'"  C  N N 207 
U   "C4'"  C  N R 208 
U   "O4'"  O  N N 209 
U   "C3'"  C  N S 210 
U   "O3'"  O  N N 211 
U   "C2'"  C  N R 212 
U   "O2'"  O  N N 213 
U   "C1'"  C  N R 214 
U   N1     N  N N 215 
U   C2     C  N N 216 
U   O2     O  N N 217 
U   N3     N  N N 218 
U   C4     C  N N 219 
U   O4     O  N N 220 
U   C5     C  N N 221 
U   C6     C  N N 222 
U   HOP3   H  N N 223 
U   HOP2   H  N N 224 
U   "H5'"  H  N N 225 
U   "H5''" H  N N 226 
U   "H4'"  H  N N 227 
U   "H3'"  H  N N 228 
U   "HO3'" H  N N 229 
U   "H2'"  H  N N 230 
U   "HO2'" H  N N 231 
U   "H1'"  H  N N 232 
U   H3     H  N N 233 
U   H5     H  N N 234 
U   H6     H  N N 235 
# 
loop_
_chem_comp_bond.comp_id 
_chem_comp_bond.atom_id_1 
_chem_comp_bond.atom_id_2 
_chem_comp_bond.value_order 
_chem_comp_bond.pdbx_aromatic_flag 
_chem_comp_bond.pdbx_stereo_config 
_chem_comp_bond.pdbx_ordinal 
A   OP3   P      sing N N 1   
A   OP3   HOP3   sing N N 2   
A   P     OP1    doub N N 3   
A   P     OP2    sing N N 4   
A   P     "O5'"  sing N N 5   
A   OP2   HOP2   sing N N 6   
A   "O5'" "C5'"  sing N N 7   
A   "C5'" "C4'"  sing N N 8   
A   "C5'" "H5'"  sing N N 9   
A   "C5'" "H5''" sing N N 10  
A   "C4'" "O4'"  sing N N 11  
A   "C4'" "C3'"  sing N N 12  
A   "C4'" "H4'"  sing N N 13  
A   "O4'" "C1'"  sing N N 14  
A   "C3'" "O3'"  sing N N 15  
A   "C3'" "C2'"  sing N N 16  
A   "C3'" "H3'"  sing N N 17  
A   "O3'" "HO3'" sing N N 18  
A   "C2'" "O2'"  sing N N 19  
A   "C2'" "C1'"  sing N N 20  
A   "C2'" "H2'"  sing N N 21  
A   "O2'" "HO2'" sing N N 22  
A   "C1'" N9     sing N N 23  
A   "C1'" "H1'"  sing N N 24  
A   N9    C8     sing Y N 25  
A   N9    C4     sing Y N 26  
A   C8    N7     doub Y N 27  
A   C8    H8     sing N N 28  
A   N7    C5     sing Y N 29  
A   C5    C6     sing Y N 30  
A   C5    C4     doub Y N 31  
A   C6    N6     sing N N 32  
A   C6    N1     doub Y N 33  
A   N6    H61    sing N N 34  
A   N6    H62    sing N N 35  
A   N1    C2     sing Y N 36  
A   C2    N3     doub Y N 37  
A   C2    H2     sing N N 38  
A   N3    C4     sing Y N 39  
A2M P     OP1    doub N N 40  
A2M P     OP3    sing N N 41  
A2M P     "O5'"  sing N N 42  
A2M OP3   HOP3   sing N N 43  
A2M "O5'" "C5'"  sing N N 44  
A2M "C5'" "C4'"  sing N N 45  
A2M "C5'" "H5'"  sing N N 46  
A2M "C5'" "H5''" sing N N 47  
A2M "C4'" "O4'"  sing N N 48  
A2M "C4'" "C3'"  sing N N 49  
A2M "C4'" "H4'"  sing N N 50  
A2M "O4'" "C1'"  sing N N 51  
A2M "C3'" "O3'"  sing N N 52  
A2M "C3'" "C2'"  sing N N 53  
A2M "C3'" "H3'"  sing N N 54  
A2M "O3'" "HO3'" sing N N 55  
A2M "C2'" "O2'"  sing N N 56  
A2M "C2'" "C1'"  sing N N 57  
A2M "C2'" "H2'"  sing N N 58  
A2M "O2'" "CM'"  sing N N 59  
A2M "C1'" N9     sing N N 60  
A2M "C1'" "H1'"  sing N N 61  
A2M "CM'" "HM'1" sing N N 62  
A2M "CM'" "HM'2" sing N N 63  
A2M "CM'" "HM'3" sing N N 64  
A2M N9    C8     sing Y N 65  
A2M N9    C4     sing Y N 66  
A2M C8    N7     doub Y N 67  
A2M C8    H8     sing N N 68  
A2M N7    C5     sing Y N 69  
A2M C5    C6     sing Y N 70  
A2M C5    C4     doub Y N 71  
A2M C6    N6     sing N N 72  
A2M C6    N1     doub Y N 73  
A2M N6    H61    sing N N 74  
A2M N6    H62    sing N N 75  
A2M N1    C2     sing Y N 76  
A2M C2    N3     doub Y N 77  
A2M C2    H2     sing N N 78  
A2M N3    C4     sing Y N 79  
A2M P     OP2    sing N N 80  
A2M OP2   HOP2   sing N N 81  
C   OP3   P      sing N N 82  
C   OP3   HOP3   sing N N 83  
C   P     OP1    doub N N 84  
C   P     OP2    sing N N 85  
C   P     "O5'"  sing N N 86  
C   OP2   HOP2   sing N N 87  
C   "O5'" "C5'"  sing N N 88  
C   "C5'" "C4'"  sing N N 89  
C   "C5'" "H5'"  sing N N 90  
C   "C5'" "H5''" sing N N 91  
C   "C4'" "O4'"  sing N N 92  
C   "C4'" "C3'"  sing N N 93  
C   "C4'" "H4'"  sing N N 94  
C   "O4'" "C1'"  sing N N 95  
C   "C3'" "O3'"  sing N N 96  
C   "C3'" "C2'"  sing N N 97  
C   "C3'" "H3'"  sing N N 98  
C   "O3'" "HO3'" sing N N 99  
C   "C2'" "O2'"  sing N N 100 
C   "C2'" "C1'"  sing N N 101 
C   "C2'" "H2'"  sing N N 102 
C   "O2'" "HO2'" sing N N 103 
C   "C1'" N1     sing N N 104 
C   "C1'" "H1'"  sing N N 105 
C   N1    C2     sing N N 106 
C   N1    C6     sing N N 107 
C   C2    O2     doub N N 108 
C   C2    N3     sing N N 109 
C   N3    C4     doub N N 110 
C   C4    N4     sing N N 111 
C   C4    C5     sing N N 112 
C   N4    H41    sing N N 113 
C   N4    H42    sing N N 114 
C   C5    C6     doub N N 115 
C   C5    H5     sing N N 116 
C   C6    H6     sing N N 117 
G   OP3   P      sing N N 118 
G   OP3   HOP3   sing N N 119 
G   P     OP1    doub N N 120 
G   P     OP2    sing N N 121 
G   P     "O5'"  sing N N 122 
G   OP2   HOP2   sing N N 123 
G   "O5'" "C5'"  sing N N 124 
G   "C5'" "C4'"  sing N N 125 
G   "C5'" "H5'"  sing N N 126 
G   "C5'" "H5''" sing N N 127 
G   "C4'" "O4'"  sing N N 128 
G   "C4'" "C3'"  sing N N 129 
G   "C4'" "H4'"  sing N N 130 
G   "O4'" "C1'"  sing N N 131 
G   "C3'" "O3'"  sing N N 132 
G   "C3'" "C2'"  sing N N 133 
G   "C3'" "H3'"  sing N N 134 
G   "O3'" "HO3'" sing N N 135 
G   "C2'" "O2'"  sing N N 136 
G   "C2'" "C1'"  sing N N 137 
G   "C2'" "H2'"  sing N N 138 
G   "O2'" "HO2'" sing N N 139 
G   "C1'" N9     sing N N 140 
G   "C1'" "H1'"  sing N N 141 
G   N9    C8     sing Y N 142 
G   N9    C4     sing Y N 143 
G   C8    N7     doub Y N 144 
G   C8    H8     sing N N 145 
G   N7    C5     sing Y N 146 
G   C5    C6     sing N N 147 
G   C5    C4     doub Y N 148 
G   C6    O6     doub N N 149 
G   C6    N1     sing N N 150 
G   N1    C2     sing N N 151 
G   N1    H1     sing N N 152 
G   C2    N2     sing N N 153 
G   C2    N3     doub N N 154 
G   N2    H21    sing N N 155 
G   N2    H22    sing N N 156 
G   N3    C4     sing N N 157 
HOH O     H1     sing N N 158 
HOH O     H2     sing N N 159 
NCO CO    N1     sing N N 160 
NCO CO    N2     sing N N 161 
NCO CO    N3     sing N N 162 
NCO CO    N4     sing N N 163 
NCO CO    N5     sing N N 164 
NCO CO    N6     sing N N 165 
NCO N1    HN11   sing N N 166 
NCO N1    HN12   sing N N 167 
NCO N1    HN13   sing N N 168 
NCO N2    HN21   sing N N 169 
NCO N2    HN22   sing N N 170 
NCO N2    HN23   sing N N 171 
NCO N3    HN31   sing N N 172 
NCO N3    HN32   sing N N 173 
NCO N3    HN33   sing N N 174 
NCO N4    HN41   sing N N 175 
NCO N4    HN42   sing N N 176 
NCO N4    HN43   sing N N 177 
NCO N5    HN51   sing N N 178 
NCO N5    HN52   sing N N 179 
NCO N5    HN53   sing N N 180 
NCO N6    HN61   sing N N 181 
NCO N6    HN62   sing N N 182 
NCO N6    HN63   sing N N 183 
PDI O3P   P      sing N N 184 
PDI O3P   HOP3   sing N N 185 
PDI P     O1P    doub N N 186 
PDI P     O2P    sing N N 187 
PDI P     OA     sing N N 188 
PDI O2P   HOP2   sing N N 189 
PDI OA    CA     sing N N 190 
PDI CA    CB     sing N N 191 
PDI CA    HA1    sing N N 192 
PDI CA    HA2    sing N N 193 
PDI CB    CG     sing N N 194 
PDI CB    HB1    sing N N 195 
PDI CB    HB2    sing N N 196 
PDI CG    OG     sing N N 197 
PDI CG    HG1    sing N N 198 
PDI CG    HG2    sing N N 199 
PDI OG    HGT    sing N N 200 
SO4 S     O1     doub N N 201 
SO4 S     O2     doub N N 202 
SO4 S     O3     sing N N 203 
SO4 S     O4     sing N N 204 
U   OP3   P      sing N N 205 
U   OP3   HOP3   sing N N 206 
U   P     OP1    doub N N 207 
U   P     OP2    sing N N 208 
U   P     "O5'"  sing N N 209 
U   OP2   HOP2   sing N N 210 
U   "O5'" "C5'"  sing N N 211 
U   "C5'" "C4'"  sing N N 212 
U   "C5'" "H5'"  sing N N 213 
U   "C5'" "H5''" sing N N 214 
U   "C4'" "O4'"  sing N N 215 
U   "C4'" "C3'"  sing N N 216 
U   "C4'" "H4'"  sing N N 217 
U   "O4'" "C1'"  sing N N 218 
U   "C3'" "O3'"  sing N N 219 
U   "C3'" "C2'"  sing N N 220 
U   "C3'" "H3'"  sing N N 221 
U   "O3'" "HO3'" sing N N 222 
U   "C2'" "O2'"  sing N N 223 
U   "C2'" "C1'"  sing N N 224 
U   "C2'" "H2'"  sing N N 225 
U   "O2'" "HO2'" sing N N 226 
U   "C1'" N1     sing N N 227 
U   "C1'" "H1'"  sing N N 228 
U   N1    C2     sing N N 229 
U   N1    C6     sing N N 230 
U   C2    O2     doub N N 231 
U   C2    N3     sing N N 232 
U   N3    C4     sing N N 233 
U   N3    H3     sing N N 234 
U   C4    O4     doub N N 235 
U   C4    C5     sing N N 236 
U   C5    C6     doub N N 237 
U   C5    H5     sing N N 238 
U   C6    H6     sing N N 239 
# 
loop_
_ndb_struct_conf_na.entry_id 
_ndb_struct_conf_na.feature 
2D2L 'double helix'         
2D2L 'a-form double helix'  
2D2L 'bulge loop'           
2D2L 'mismatched base pair' 
2D2L 'internal loop'        
# 
loop_
_ndb_struct_na_base_pair.model_number 
_ndb_struct_na_base_pair.i_label_asym_id 
_ndb_struct_na_base_pair.i_label_comp_id 
_ndb_struct_na_base_pair.i_label_seq_id 
_ndb_struct_na_base_pair.i_symmetry 
_ndb_struct_na_base_pair.j_label_asym_id 
_ndb_struct_na_base_pair.j_label_comp_id 
_ndb_struct_na_base_pair.j_label_seq_id 
_ndb_struct_na_base_pair.j_symmetry 
_ndb_struct_na_base_pair.shear 
_ndb_struct_na_base_pair.stretch 
_ndb_struct_na_base_pair.stagger 
_ndb_struct_na_base_pair.buckle 
_ndb_struct_na_base_pair.propeller 
_ndb_struct_na_base_pair.opening 
_ndb_struct_na_base_pair.pair_number 
_ndb_struct_na_base_pair.pair_name 
_ndb_struct_na_base_pair.i_auth_asym_id 
_ndb_struct_na_base_pair.i_auth_seq_id 
_ndb_struct_na_base_pair.i_PDB_ins_code 
_ndb_struct_na_base_pair.j_auth_asym_id 
_ndb_struct_na_base_pair.j_auth_seq_id 
_ndb_struct_na_base_pair.j_PDB_ins_code 
_ndb_struct_na_base_pair.hbond_type_28 
_ndb_struct_na_base_pair.hbond_type_12 
1 A C   2  1_555 B G 12 1_555 0.496  -0.081 -0.288 -0.163  -8.074  2.682    1  A_C2:G13_B  A 2  ? B 13 ? 19 1  
1 A C   3  1_555 B G 11 1_555 0.205  -0.152 -0.052 0.674   2.760   0.807    2  A_C3:G12_B  A 3  ? B 12 ? 19 1  
1 A C   4  1_555 B G 10 1_555 0.264  0.071  -0.045 2.933   3.049   6.442    3  A_C4:G11_B  A 4  ? B 11 ? 19 1  
1 A A2M 5  1_555 B A 8  1_555 6.884  -4.106 -0.284 19.590  11.791  -22.386  4  A_A2M5:A9_B A 5  ? B 9  ? ?  ?  
1 A U   7  1_555 B G 7  1_555 -7.676 -2.521 -0.468 15.205  4.128   4.166    5  A_U7:G8_B   A 7  ? B 8  ? ?  ?  
1 A C   8  1_555 B A 6  1_555 -2.067 0.655  -0.441 12.609  -13.413 8.111    6  A_C8:A7_B   A 8  ? B 7  ? ?  ?  
1 A C   9  1_555 B G 5  1_555 0.072  0.093  0.006  7.783   -8.342  6.649    7  A_C9:G6_B   A 9  ? B 6  ? 19 1  
1 A A   10 1_555 B U 4  1_555 0.538  -0.206 0.499  8.800   -14.437 -2.766   8  A_A10:U5_B  A 10 ? B 5  ? 20 1  
1 A C   11 1_555 B G 3  1_555 0.132  0.156  0.076  0.940   -8.035  7.505    9  A_C11:G4_B  A 11 ? B 4  ? 19 1  
1 A C   12 1_555 B G 2  1_555 0.368  -0.014 0.212  0.417   -7.592  6.281    10 A_C12:G3_B  A 12 ? B 3  ? 19 1  
1 A G   13 1_555 B C 1  1_555 -0.040 -0.215 0.046  -0.002  -14.301 1.682    11 A_G13:C2_B  A 13 ? B 2  ? 19 1  
1 C G   1  1_555 D C 19 1_555 -0.087 -0.039 0.981  12.308  -4.116  -1.884   12 C_G15:C49_D C 15 ? D 49 ? 19 1  
1 C G   2  1_555 D C 18 1_555 -0.532 -0.300 0.421  15.068  -15.354 -1.961   13 C_G16:C48_D C 16 ? D 48 ? 19 1  
1 C C   3  1_555 D G 17 1_555 0.124  0.098  0.009  10.520  -15.143 3.952    14 C_C17:G47_D C 17 ? D 47 ? 19 1  
1 C A   4  1_555 D U 16 1_555 -0.202 -0.132 0.018  0.701   -2.823  3.927    15 C_A18:U46_D C 18 ? D 46 ? 20 1  
1 C G   5  1_555 D C 15 1_555 -0.413 -0.141 -0.331 -5.756  -3.067  4.785    16 C_G19:C45_D C 19 ? D 45 ? 19 1  
1 C A   6  1_555 D C 14 1_555 2.089  0.354  -0.080 -11.516 -4.870  12.528   17 C_A20:C44_D C 20 ? D 44 ? ?  ?  
1 C G   7  1_555 D A 13 1_555 6.873  -4.383 -0.134 -7.975  2.872   -7.557   18 C_G21:A43_D C 21 ? D 43 ? 11 10 
1 C A   8  1_555 D U 11 1_555 -4.098 -1.738 -0.156 -7.449  -5.609  -97.584  19 C_A22:U41_D C 22 ? D 41 ? 24 4  
1 C A   9  1_555 D A 10 1_555 -4.074 1.282  -0.039 2.350   -16.179 -96.871  20 C_A23:A40_D C 23 ? D 40 ? ?  ?  
1 C A   10 1_555 D A 8  1_555 5.069  3.469  -0.384 0.268   -9.951  -151.152 21 C_A24:A38_D C 24 ? D 38 ? ?  ?  
1 C C   11 1_555 A G 6  1_555 0.131  -0.168 0.264  11.364  -12.610 -0.011   22 C_C25:G6_A  C 25 ? A 6  ? 19 1  
1 C A   12 1_555 D G 6  1_555 0.331  1.377  -0.277 -12.060 -12.200 -16.612  23 C_A26:G36_D C 26 ? D 36 ? 8  ?  
1 C C   13 1_555 D G 5  1_555 -0.016 -0.158 0.191  4.467   -19.958 2.533    24 C_C27:G35_D C 27 ? D 35 ? 19 1  
1 C A   14 1_555 D U 4  1_555 0.034  -0.190 0.588  5.557   -20.343 0.137    25 C_A28:U34_D C 28 ? D 34 ? 20 1  
1 C C   15 1_555 D G 3  1_555 0.398  -0.126 0.126  3.400   -16.206 3.242    26 C_C29:G33_D C 29 ? D 33 ? 19 1  
1 C G   16 1_555 D C 2  1_555 -0.154 -0.022 0.402  -5.756  -15.801 -4.523   27 C_G30:C32_D C 30 ? D 32 ? 19 1  
1 C A   17 1_555 D U 1  1_555 0.505  -0.186 0.289  -2.815  -11.775 -1.700   28 C_A31:U31_D C 31 ? D 31 ? 20 1  
# 
loop_
_ndb_struct_na_base_pair_step.model_number 
_ndb_struct_na_base_pair_step.i_label_asym_id_1 
_ndb_struct_na_base_pair_step.i_label_comp_id_1 
_ndb_struct_na_base_pair_step.i_label_seq_id_1 
_ndb_struct_na_base_pair_step.i_symmetry_1 
_ndb_struct_na_base_pair_step.j_label_asym_id_1 
_ndb_struct_na_base_pair_step.j_label_comp_id_1 
_ndb_struct_na_base_pair_step.j_label_seq_id_1 
_ndb_struct_na_base_pair_step.j_symmetry_1 
_ndb_struct_na_base_pair_step.i_label_asym_id_2 
_ndb_struct_na_base_pair_step.i_label_comp_id_2 
_ndb_struct_na_base_pair_step.i_label_seq_id_2 
_ndb_struct_na_base_pair_step.i_symmetry_2 
_ndb_struct_na_base_pair_step.j_label_asym_id_2 
_ndb_struct_na_base_pair_step.j_label_comp_id_2 
_ndb_struct_na_base_pair_step.j_label_seq_id_2 
_ndb_struct_na_base_pair_step.j_symmetry_2 
_ndb_struct_na_base_pair_step.shift 
_ndb_struct_na_base_pair_step.slide 
_ndb_struct_na_base_pair_step.rise 
_ndb_struct_na_base_pair_step.tilt 
_ndb_struct_na_base_pair_step.roll 
_ndb_struct_na_base_pair_step.twist 
_ndb_struct_na_base_pair_step.x_displacement 
_ndb_struct_na_base_pair_step.y_displacement 
_ndb_struct_na_base_pair_step.helical_rise 
_ndb_struct_na_base_pair_step.inclination 
_ndb_struct_na_base_pair_step.tip 
_ndb_struct_na_base_pair_step.helical_twist 
_ndb_struct_na_base_pair_step.step_number 
_ndb_struct_na_base_pair_step.step_name 
_ndb_struct_na_base_pair_step.i_auth_asym_id_1 
_ndb_struct_na_base_pair_step.i_auth_seq_id_1 
_ndb_struct_na_base_pair_step.i_PDB_ins_code_1 
_ndb_struct_na_base_pair_step.j_auth_asym_id_1 
_ndb_struct_na_base_pair_step.j_auth_seq_id_1 
_ndb_struct_na_base_pair_step.j_PDB_ins_code_1 
_ndb_struct_na_base_pair_step.i_auth_asym_id_2 
_ndb_struct_na_base_pair_step.i_auth_seq_id_2 
_ndb_struct_na_base_pair_step.i_PDB_ins_code_2 
_ndb_struct_na_base_pair_step.j_auth_asym_id_2 
_ndb_struct_na_base_pair_step.j_auth_seq_id_2 
_ndb_struct_na_base_pair_step.j_PDB_ins_code_2 
1 A C   2  1_555 B G 12 1_555 A C   3  1_555 B G 11 1_555 -0.385 -1.821 3.289 -1.671  6.862  32.071  -4.344 0.408  2.864 12.235 
2.979   32.819  1  AA_C2C3:G12G13_BB   A 2  ? B 13 ? A 3  ? B 12 ? 
1 A C   3  1_555 B G 11 1_555 A C   4  1_555 B G 10 1_555 0.698  -1.923 3.319 1.149   7.697  25.277  -6.120 -1.242 2.655 17.080 
-2.550  26.430  2  AA_C3C4:G11G12_BB   A 3  ? B 12 ? A 4  ? B 11 ? 
1 A C   4  1_555 B G 10 1_555 A A2M 5  1_555 B A 8  1_555 0.468  -0.472 5.139 -0.447  30.776 72.681  -1.736 -0.391 4.672 24.912 
0.362   78.094  3  AA_C4A2M5:A9G11_BB  A 4  ? B 11 ? A 5  ? B 9  ? 
1 A A2M 5  1_555 B A 8  1_555 A U   7  1_555 B G 7  1_555 -1.166 0.164  3.492 1.269   3.724  8.341   -7.612 10.193 3.066 23.930 
-8.152  9.221   4  AA_A2M5U7:G8A9_BB   A 5  ? B 9  ? A 7  ? B 8  ? 
1 A U   7  1_555 B G 7  1_555 A C   8  1_555 B A 6  1_555 -0.047 -0.924 3.508 -6.085  5.404  50.956  -1.452 -0.384 3.385 6.236  
7.021   51.559  5  AA_U7C8:A7G8_BB     A 7  ? B 8  ? A 8  ? B 7  ? 
1 A C   8  1_555 B A 6  1_555 A C   9  1_555 B G 5  1_555 -0.326 -1.411 3.368 -5.966  7.841  41.217  -2.755 -0.158 3.078 10.950 
8.332   42.329  6  AA_C8C9:G6A7_BB     A 8  ? B 7  ? A 9  ? B 6  ? 
1 A C   9  1_555 B G 5  1_555 A A   10 1_555 B U 4  1_555 -0.575 -1.562 3.177 -3.571  5.463  35.609  -3.242 0.450  2.955 8.842  
5.779   36.183  7  AA_C9A10:U5G6_BB    A 9  ? B 6  ? A 10 ? B 5  ? 
1 A A   10 1_555 B U 4  1_555 A C   11 1_555 B G 3  1_555 0.269  -1.731 3.395 4.156   7.231  26.333  -5.348 0.424  2.837 15.388 
-8.845  27.600  8  AA_A10C11:G4U5_BB   A 10 ? B 5  ? A 11 ? B 4  ? 
1 A C   11 1_555 B G 3  1_555 A C   12 1_555 B G 2  1_555 -0.156 -1.877 3.134 -1.459  9.359  32.202  -4.609 0.059  2.510 16.435 
2.561   33.530  9  AA_C11C12:G3G4_BB   A 11 ? B 4  ? A 12 ? B 3  ? 
1 A C   12 1_555 B G 2  1_555 A G   13 1_555 B C 1  1_555 -0.262 -1.694 3.166 3.517   11.530 28.798  -5.061 1.069  2.289 22.005 
-6.712  31.170  10 AA_C12G13:C2G3_BB   A 12 ? B 3  ? A 13 ? B 2  ? 
1 C G   1  1_555 D C 19 1_555 C G   2  1_555 D C 18 1_555 -0.449 -1.285 3.136 2.326   6.080  31.114  -3.370 1.212  2.801 11.182 
-4.278  31.771  11 CC_G15G16:C48C49_DD C 15 ? D 49 ? C 16 ? D 48 ? 
1 C G   2  1_555 D C 18 1_555 C C   3  1_555 D G 17 1_555 0.380  -1.163 3.308 2.166   10.842 37.722  -2.984 -0.315 2.894 16.344 
-3.266  39.253  12 CC_G16C17:G47C48_DD C 16 ? D 48 ? C 17 ? D 47 ? 
1 C C   3  1_555 D G 17 1_555 C A   4  1_555 D U 16 1_555 0.214  -1.848 3.240 -3.538  12.272 30.145  -5.158 -0.921 2.294 22.376 
6.452   32.681  13 CC_C17A18:U46G47_DD C 17 ? D 47 ? C 18 ? D 46 ? 
1 C A   4  1_555 D U 16 1_555 C G   5  1_555 D C 15 1_555 0.147  -2.040 3.448 1.004   6.166  28.723  -5.335 -0.077 2.958 12.247 
-1.994  29.381  14 CC_A18G19:C45U46_DD C 18 ? D 46 ? C 19 ? D 45 ? 
1 C G   5  1_555 D C 15 1_555 C A   6  1_555 D C 14 1_555 0.921  -1.353 3.389 0.141   6.318  39.942  -2.672 -1.317 3.151 9.179  
-0.205  40.419  15 CC_G19A20:C44C45_DD C 19 ? D 45 ? C 20 ? D 44 ? 
1 C A   6  1_555 D C 14 1_555 C G   7  1_555 D A 13 1_555 -0.522 -1.172 3.313 9.209   5.046  58.350  -1.440 0.992  3.104 5.130  
-9.362  59.206  16 CC_A20G21:A43C44_DD C 20 ? D 44 ? C 21 ? D 43 ? 
1 C G   7  1_555 D A 13 1_555 C A   8  1_555 D U 11 1_555 -2.100 -0.541 3.435 4.638   -0.123 13.431  -2.081 12.548 2.571 -0.507 
-19.099 14.206  17 CC_G21A22:U41A43_DD C 21 ? D 43 ? C 22 ? D 41 ? 
1 C A   8  1_555 D U 11 1_555 C A   9  1_555 D A 10 1_555 -0.103 -2.425 3.340 -10.570 3.261  45.661  -3.317 -0.747 3.118 4.130  
13.390  46.912  18 CC_A22A23:A40U41_DD C 22 ? D 41 ? C 23 ? D 40 ? 
1 C A   9  1_555 D A 10 1_555 C A   10 1_555 D A 8  1_555 -2.613 -3.609 3.488 -0.240  0.444  74.258  -3.004 2.156  3.477 0.367  
0.199   74.259  19 CC_A23A24:A38A40_DD C 23 ? D 40 ? C 24 ? D 38 ? 
1 C A   10 1_555 D A 8  1_555 C C   11 1_555 A G 6  1_555 2.162  -0.262 3.083 -0.916  5.357  -31.008 -0.477 3.823  3.144 -9.924 
-1.697  -31.469 20 CC_A24C25:G6A38_AD  C 24 ? D 38 ? C 25 ? A 6  ? 
1 C C   11 1_555 A G 6  1_555 C A   12 1_555 D G 6  1_555 0.113  -2.376 3.613 6.168   3.973  44.742  -3.465 0.444  3.387 5.178  
-8.039  45.309  21 CC_C25A26:G36G6_DA  C 25 ? A 6  ? C 26 ? D 36 ? 
1 C A   12 1_555 D G 6  1_555 C C   13 1_555 D G 5  1_555 0.919  -0.573 2.899 -5.510  3.351  28.138  -1.785 -2.887 2.592 6.781  
11.148  28.853  22 CC_A26C27:G35G36_DD C 26 ? D 36 ? C 27 ? D 35 ? 
1 C C   13 1_555 D G 5  1_555 C A   14 1_555 D U 4  1_555 -0.065 -1.190 3.097 -1.453  8.441  36.370  -2.871 -0.072 2.763 13.297 
2.289   37.332  23 CC_C27A28:U34G35_DD C 27 ? D 35 ? C 28 ? D 34 ? 
1 C A   14 1_555 D U 4  1_555 C C   15 1_555 D G 3  1_555 0.546  -1.032 3.297 5.290   -0.036 34.297  -1.724 -0.088 3.342 -0.061 
-8.905  34.690  24 CC_A28C29:G33U34_DD C 28 ? D 34 ? C 29 ? D 33 ? 
1 C C   15 1_555 D G 3  1_555 C G   16 1_555 D C 2  1_555 0.263  -1.775 3.195 1.235   10.293 31.142  -4.730 -0.275 2.506 18.539 
-2.225  32.781  25 CC_C29G30:C32G33_DD C 29 ? D 33 ? C 30 ? D 32 ? 
1 C G   16 1_555 D C 2  1_555 C A   17 1_555 D U 1  1_555 0.618  -1.401 3.113 4.870   4.344  36.410  -2.759 -0.358 2.987 6.885  
-7.718  36.971  26 CC_G30A31:U31C32_DD C 30 ? D 32 ? C 31 ? D 31 ? 
# 
loop_
_pdbx_entity_nonpoly.entity_id 
_pdbx_entity_nonpoly.name 
_pdbx_entity_nonpoly.comp_id 
5 'SULFATE ION'           SO4 
6 'COBALT HEXAMMINE(III)' NCO 
7 water                   HOH 
# 
_pdbx_initial_refinement_model.id               1 
_pdbx_initial_refinement_model.entity_id_list   ? 
_pdbx_initial_refinement_model.type             'experimental model' 
_pdbx_initial_refinement_model.source_name      PDB 
_pdbx_initial_refinement_model.accession_code   1X9C 
_pdbx_initial_refinement_model.details          ? 
# 
